data_1XYR
# 
_entry.id   1XYR 
# 
_audit_conform.dict_name       mmcif_pdbx.dic 
_audit_conform.dict_version    5.386 
_audit_conform.dict_location   http://mmcif.pdb.org/dictionaries/ascii/mmcif_pdbx.dic 
# 
loop_
_database_2.database_id 
_database_2.database_code 
_database_2.pdbx_database_accession 
_database_2.pdbx_DOI 
PDB   1XYR         pdb_00001xyr 10.2210/pdb1xyr/pdb 
RCSB  RCSB030913   ?            ?                   
WWPDB D_1000030913 ?            ?                   
# 
loop_
_pdbx_audit_revision_history.ordinal 
_pdbx_audit_revision_history.data_content_type 
_pdbx_audit_revision_history.major_revision 
_pdbx_audit_revision_history.minor_revision 
_pdbx_audit_revision_history.revision_date 
1 'Structure model' 1 0 2005-08-02 
2 'Structure model' 1 1 2008-04-30 
3 'Structure model' 1 2 2011-07-13 
4 'Structure model' 1 3 2018-07-18 
5 'Structure model' 1 4 2024-02-14 
# 
_pdbx_audit_revision_details.ordinal             1 
_pdbx_audit_revision_details.revision_ordinal    1 
_pdbx_audit_revision_details.data_content_type   'Structure model' 
_pdbx_audit_revision_details.provider            repository 
_pdbx_audit_revision_details.type                'Initial release' 
_pdbx_audit_revision_details.description         ? 
_pdbx_audit_revision_details.details             ? 
# 
loop_
_pdbx_audit_revision_group.ordinal 
_pdbx_audit_revision_group.revision_ordinal 
_pdbx_audit_revision_group.data_content_type 
_pdbx_audit_revision_group.group 
1 2 'Structure model' 'Version format compliance' 
2 3 'Structure model' 'Version format compliance' 
3 4 'Structure model' 'Data collection'           
4 5 'Structure model' 'Data collection'           
5 5 'Structure model' 'Database references'       
6 5 'Structure model' 'Derived calculations'      
7 5 'Structure model' 'Refinement description'    
# 
loop_
_pdbx_audit_revision_category.ordinal 
_pdbx_audit_revision_category.revision_ordinal 
_pdbx_audit_revision_category.data_content_type 
_pdbx_audit_revision_category.category 
1 4 'Structure model' em_image_scans                
2 4 'Structure model' em_software                   
3 5 'Structure model' chem_comp_atom                
4 5 'Structure model' chem_comp_bond                
5 5 'Structure model' database_2                    
6 5 'Structure model' em_3d_fitting_list            
7 5 'Structure model' pdbx_initial_refinement_model 
8 5 'Structure model' pdbx_struct_oper_list         
# 
loop_
_pdbx_audit_revision_item.ordinal 
_pdbx_audit_revision_item.revision_ordinal 
_pdbx_audit_revision_item.data_content_type 
_pdbx_audit_revision_item.item 
1  4 'Structure model' '_em_software.image_processing_id'                
2  5 'Structure model' '_database_2.pdbx_DOI'                            
3  5 'Structure model' '_database_2.pdbx_database_accession'             
4  5 'Structure model' '_em_3d_fitting_list.accession_code'              
5  5 'Structure model' '_em_3d_fitting_list.initial_refinement_model_id' 
6  5 'Structure model' '_em_3d_fitting_list.source_name'                 
7  5 'Structure model' '_em_3d_fitting_list.type'                        
8  5 'Structure model' '_pdbx_struct_oper_list.name'                     
9  5 'Structure model' '_pdbx_struct_oper_list.symmetry_operation'       
10 5 'Structure model' '_pdbx_struct_oper_list.type'                     
# 
_pdbx_database_status.status_code                     REL 
_pdbx_database_status.entry_id                        1XYR 
_pdbx_database_status.recvd_initial_deposition_date   2004-11-10 
_pdbx_database_status.deposit_site                    RCSB 
_pdbx_database_status.process_site                    RCSB 
_pdbx_database_status.status_code_sf                  ? 
_pdbx_database_status.status_code_mr                  ? 
_pdbx_database_status.SG_entry                        ? 
_pdbx_database_status.pdb_format_compatible           Y 
_pdbx_database_status.status_code_cs                  ? 
_pdbx_database_status.methods_development_category    ? 
_pdbx_database_status.status_code_nmr_data            ? 
# 
loop_
_pdbx_database_related.db_name 
_pdbx_database_related.db_id 
_pdbx_database_related.details 
_pdbx_database_related.content_type 
EMDB EMD-1133 . 'other EM volume'      
EMDB EMD-1136 . 'other EM volume'      
EMDB EMD-1137 . 'other EM volume'      
EMDB EMD-1144 . 'associated EM volume' 
EMDB EMD-1145 . 'other EM volume'      
# 
loop_
_audit_author.name 
_audit_author.pdbx_ordinal 
'Bubeck, D.'   1 
'Filman, D.J.' 2 
'Cheng, N.'    3 
'Steven, A.C.' 4 
'Hogle, J.M.'  5 
'Belnap, D.M.' 6 
# 
_citation.id                        primary 
_citation.title                     
;The structure of the poliovirus 135S cell entry intermediate at 10-angstrom resolution reveals the location of an externalized polypeptide that binds to membranes.
;
_citation.journal_abbrev            J.Virol. 
_citation.journal_volume            79 
_citation.page_first                7745 
_citation.page_last                 7755 
_citation.year                      2005 
_citation.journal_id_ASTM           JOVIAM 
_citation.country                   US 
_citation.journal_id_ISSN           0022-538X 
_citation.journal_id_CSD            0825 
_citation.book_publisher            ? 
_citation.pdbx_database_id_PubMed   15919927 
_citation.pdbx_database_id_DOI      10.1128/JVI.79.12.7745-7755.2005 
# 
loop_
_citation_author.citation_id 
_citation_author.name 
_citation_author.ordinal 
_citation_author.identifier_ORCID 
primary 'Bubeck, D.'   1 ? 
primary 'Filman, D.J.' 2 ? 
primary 'Cheng, N.'    3 ? 
primary 'Steven, A.C.' 4 ? 
primary 'Hogle, J.M.'  5 ? 
primary 'Belnap, D.M.' 6 ? 
# 
loop_
_entity.id 
_entity.type 
_entity.src_method 
_entity.pdbx_description 
_entity.formula_weight 
_entity.pdbx_number_of_molecules 
_entity.pdbx_ec 
_entity.pdbx_mutation 
_entity.pdbx_fragment 
_entity.details 
1 polymer nat 'Genome polyprotein, Coat protein VP1' 26135.506 1 ? ? 'residues 649-880' ? 
2 polymer nat 'Genome polyprotein, Coat protein VP2' 26244.518 1 ? ? 'residues 96-332'  ? 
3 polymer nat 'Genome polyprotein, Coat protein VP3' 20488.623 1 ? ? 'residues 390-571' ? 
4 polymer nat 'Genome polyprotein, Coat protein VP3' 1214.349  1 ? ? 'residues 341-352' ? 
5 polymer nat 'Genome polyprotein, Coat protein VP3' 3947.482  1 ? ? 'residues 354-389' ? 
6 polymer nat 'Genome polyprotein, Coat protein VP2' 1488.682  1 ? ? 'residues 81-94'   ? 
7 polymer nat 'Genome polyprotein, Coat protein VP1' 1030.129  1 ? ? 'residues 620-630' ? 
# 
loop_
_entity_poly.entity_id 
_entity_poly.type 
_entity_poly.nstd_linkage 
_entity_poly.nstd_monomer 
_entity_poly.pdbx_seq_one_letter_code 
_entity_poly.pdbx_seq_one_letter_code_can 
_entity_poly.pdbx_strand_id 
_entity_poly.pdbx_target_identifier 
1 'polypeptide(L)' no no 
;SRSESSIESFFARGACVTIMTVDNPASTTNKDKLFAVWKITYKDTVQLRRKLEFFTYSRFDMELTFVVTANFTETNNGHA
LNQVYQIMYVPPGAPVPEKWDDYTWQTSSNPSIFYTYGTAPARISVPYVGISNAYSHFYDGFSKVPLKDQSAALGDSLYG
AASLNDFGILAVRVVNDHNPTKVTSKIRVYLKPKHIRVWCPRPPRAVAYYGPGVDYKDGTLTPLSTKDLTTY
;
;SRSESSIESFFARGACVTIMTVDNPASTTNKDKLFAVWKITYKDTVQLRRKLEFFTYSRFDMELTFVVTANFTETNNGHA
LNQVYQIMYVPPGAPVPEKWDDYTWQTSSNPSIFYTYGTAPARISVPYVGISNAYSHFYDGFSKVPLKDQSAALGDSLYG
AASLNDFGILAVRVVNDHNPTKVTSKIRVYLKPKHIRVWCPRPPRAVAYYGPGVDYKDGTLTPLSTKDLTTY
;
1 ? 
2 'polypeptide(L)' no no 
;AANSVVAYGRWPEYLRDSEANPVDQPTEPDVAACRFYTLDTVSWTKESRGWWWKLPDALRDMGLFGQNMYYHYLGRSGYT
VHVQCNASKFHQGALGVFAVPEMCLAGDSNTTTMHTSYQNANPGEKGGTFTGTFTPDNNQTSPARRFCPVDYLLGNGTLL
GNAFVFPHQIINLRTNNCATLVLPYVNSLSIDSMVKHNNWGIAILPLAPLNFASESSPEIPITLTIAPMCCEFNGLR
;
;AANSVVAYGRWPEYLRDSEANPVDQPTEPDVAACRFYTLDTVSWTKESRGWWWKLPDALRDMGLFGQNMYYHYLGRSGYT
VHVQCNASKFHQGALGVFAVPEMCLAGDSNTTTMHTSYQNANPGEKGGTFTGTFTPDNNQTSPARRFCPVDYLLGNGTLL
GNAFVFPHQIINLRTNNCATLVLPYVNSLSIDSMVKHNNWGIAILPLAPLNFASESSPEIPITLTIAPMCCEFNGLR
;
2 ? 
3 'polypeptide(L)' no no 
;DTMIPFDLSATKKNTMEMYRVRLSDKPHTDDPILCLSLSPASDPRLSHTMLGEILNYYTHWAGSLKFTFLFCGSMMATGK
LLVSYAPPGADPPKKRKEAMLGTHVIWDIGLQSSCTMVVPWISNTTYRQTIDDSFTEGGYISVFYQTRIVVPLSTPREMD
ILGFVSACNDFSVRLLRDTTHI
;
;DTMIPFDLSATKKNTMEMYRVRLSDKPHTDDPILCLSLSPASDPRLSHTMLGEILNYYTHWAGSLKFTFLFCGSMMATGK
LLVSYAPPGADPPKKRKEAMLGTHVIWDIGLQSSCTMVVPWISNTTYRQTIDDSFTEGGYISVFYQTRIVVPLSTPREMD
ILGFVSACNDFSVRLLRDTTHI
;
3 ? 
4 'polypeptide(L)' no no GLPVMNTPGSNQ GLPVMNTPGSNQ 5 ? 
5 'polypeptide(L)' no no LTADNFQSPCALPEFDVTPPIDIPGEVKNMMELAEI LTADNFQSPCALPEFDVTPPIDIPGEVKNMMELAEI 6 ? 
6 'polypeptide(L)' no no VLQLTLGNSTITTQ VLQLTLGNSTITTQ 7 ? 
7 'polypeptide(L)' no no PALTAVETGAT PALTAVETGAT 8 ? 
# 
loop_
_entity_poly_seq.entity_id 
_entity_poly_seq.num 
_entity_poly_seq.mon_id 
_entity_poly_seq.hetero 
1 1   SER n 
1 2   ARG n 
1 3   SER n 
1 4   GLU n 
1 5   SER n 
1 6   SER n 
1 7   ILE n 
1 8   GLU n 
1 9   SER n 
1 10  PHE n 
1 11  PHE n 
1 12  ALA n 
1 13  ARG n 
1 14  GLY n 
1 15  ALA n 
1 16  CYS n 
1 17  VAL n 
1 18  THR n 
1 19  ILE n 
1 20  MET n 
1 21  THR n 
1 22  VAL n 
1 23  ASP n 
1 24  ASN n 
1 25  PRO n 
1 26  ALA n 
1 27  SER n 
1 28  THR n 
1 29  THR n 
1 30  ASN n 
1 31  LYS n 
1 32  ASP n 
1 33  LYS n 
1 34  LEU n 
1 35  PHE n 
1 36  ALA n 
1 37  VAL n 
1 38  TRP n 
1 39  LYS n 
1 40  ILE n 
1 41  THR n 
1 42  TYR n 
1 43  LYS n 
1 44  ASP n 
1 45  THR n 
1 46  VAL n 
1 47  GLN n 
1 48  LEU n 
1 49  ARG n 
1 50  ARG n 
1 51  LYS n 
1 52  LEU n 
1 53  GLU n 
1 54  PHE n 
1 55  PHE n 
1 56  THR n 
1 57  TYR n 
1 58  SER n 
1 59  ARG n 
1 60  PHE n 
1 61  ASP n 
1 62  MET n 
1 63  GLU n 
1 64  LEU n 
1 65  THR n 
1 66  PHE n 
1 67  VAL n 
1 68  VAL n 
1 69  THR n 
1 70  ALA n 
1 71  ASN n 
1 72  PHE n 
1 73  THR n 
1 74  GLU n 
1 75  THR n 
1 76  ASN n 
1 77  ASN n 
1 78  GLY n 
1 79  HIS n 
1 80  ALA n 
1 81  LEU n 
1 82  ASN n 
1 83  GLN n 
1 84  VAL n 
1 85  TYR n 
1 86  GLN n 
1 87  ILE n 
1 88  MET n 
1 89  TYR n 
1 90  VAL n 
1 91  PRO n 
1 92  PRO n 
1 93  GLY n 
1 94  ALA n 
1 95  PRO n 
1 96  VAL n 
1 97  PRO n 
1 98  GLU n 
1 99  LYS n 
1 100 TRP n 
1 101 ASP n 
1 102 ASP n 
1 103 TYR n 
1 104 THR n 
1 105 TRP n 
1 106 GLN n 
1 107 THR n 
1 108 SER n 
1 109 SER n 
1 110 ASN n 
1 111 PRO n 
1 112 SER n 
1 113 ILE n 
1 114 PHE n 
1 115 TYR n 
1 116 THR n 
1 117 TYR n 
1 118 GLY n 
1 119 THR n 
1 120 ALA n 
1 121 PRO n 
1 122 ALA n 
1 123 ARG n 
1 124 ILE n 
1 125 SER n 
1 126 VAL n 
1 127 PRO n 
1 128 TYR n 
1 129 VAL n 
1 130 GLY n 
1 131 ILE n 
1 132 SER n 
1 133 ASN n 
1 134 ALA n 
1 135 TYR n 
1 136 SER n 
1 137 HIS n 
1 138 PHE n 
1 139 TYR n 
1 140 ASP n 
1 141 GLY n 
1 142 PHE n 
1 143 SER n 
1 144 LYS n 
1 145 VAL n 
1 146 PRO n 
1 147 LEU n 
1 148 LYS n 
1 149 ASP n 
1 150 GLN n 
1 151 SER n 
1 152 ALA n 
1 153 ALA n 
1 154 LEU n 
1 155 GLY n 
1 156 ASP n 
1 157 SER n 
1 158 LEU n 
1 159 TYR n 
1 160 GLY n 
1 161 ALA n 
1 162 ALA n 
1 163 SER n 
1 164 LEU n 
1 165 ASN n 
1 166 ASP n 
1 167 PHE n 
1 168 GLY n 
1 169 ILE n 
1 170 LEU n 
1 171 ALA n 
1 172 VAL n 
1 173 ARG n 
1 174 VAL n 
1 175 VAL n 
1 176 ASN n 
1 177 ASP n 
1 178 HIS n 
1 179 ASN n 
1 180 PRO n 
1 181 THR n 
1 182 LYS n 
1 183 VAL n 
1 184 THR n 
1 185 SER n 
1 186 LYS n 
1 187 ILE n 
1 188 ARG n 
1 189 VAL n 
1 190 TYR n 
1 191 LEU n 
1 192 LYS n 
1 193 PRO n 
1 194 LYS n 
1 195 HIS n 
1 196 ILE n 
1 197 ARG n 
1 198 VAL n 
1 199 TRP n 
1 200 CYS n 
1 201 PRO n 
1 202 ARG n 
1 203 PRO n 
1 204 PRO n 
1 205 ARG n 
1 206 ALA n 
1 207 VAL n 
1 208 ALA n 
1 209 TYR n 
1 210 TYR n 
1 211 GLY n 
1 212 PRO n 
1 213 GLY n 
1 214 VAL n 
1 215 ASP n 
1 216 TYR n 
1 217 LYS n 
1 218 ASP n 
1 219 GLY n 
1 220 THR n 
1 221 LEU n 
1 222 THR n 
1 223 PRO n 
1 224 LEU n 
1 225 SER n 
1 226 THR n 
1 227 LYS n 
1 228 ASP n 
1 229 LEU n 
1 230 THR n 
1 231 THR n 
1 232 TYR n 
2 1   ALA n 
2 2   ALA n 
2 3   ASN n 
2 4   SER n 
2 5   VAL n 
2 6   VAL n 
2 7   ALA n 
2 8   TYR n 
2 9   GLY n 
2 10  ARG n 
2 11  TRP n 
2 12  PRO n 
2 13  GLU n 
2 14  TYR n 
2 15  LEU n 
2 16  ARG n 
2 17  ASP n 
2 18  SER n 
2 19  GLU n 
2 20  ALA n 
2 21  ASN n 
2 22  PRO n 
2 23  VAL n 
2 24  ASP n 
2 25  GLN n 
2 26  PRO n 
2 27  THR n 
2 28  GLU n 
2 29  PRO n 
2 30  ASP n 
2 31  VAL n 
2 32  ALA n 
2 33  ALA n 
2 34  CYS n 
2 35  ARG n 
2 36  PHE n 
2 37  TYR n 
2 38  THR n 
2 39  LEU n 
2 40  ASP n 
2 41  THR n 
2 42  VAL n 
2 43  SER n 
2 44  TRP n 
2 45  THR n 
2 46  LYS n 
2 47  GLU n 
2 48  SER n 
2 49  ARG n 
2 50  GLY n 
2 51  TRP n 
2 52  TRP n 
2 53  TRP n 
2 54  LYS n 
2 55  LEU n 
2 56  PRO n 
2 57  ASP n 
2 58  ALA n 
2 59  LEU n 
2 60  ARG n 
2 61  ASP n 
2 62  MET n 
2 63  GLY n 
2 64  LEU n 
2 65  PHE n 
2 66  GLY n 
2 67  GLN n 
2 68  ASN n 
2 69  MET n 
2 70  TYR n 
2 71  TYR n 
2 72  HIS n 
2 73  TYR n 
2 74  LEU n 
2 75  GLY n 
2 76  ARG n 
2 77  SER n 
2 78  GLY n 
2 79  TYR n 
2 80  THR n 
2 81  VAL n 
2 82  HIS n 
2 83  VAL n 
2 84  GLN n 
2 85  CYS n 
2 86  ASN n 
2 87  ALA n 
2 88  SER n 
2 89  LYS n 
2 90  PHE n 
2 91  HIS n 
2 92  GLN n 
2 93  GLY n 
2 94  ALA n 
2 95  LEU n 
2 96  GLY n 
2 97  VAL n 
2 98  PHE n 
2 99  ALA n 
2 100 VAL n 
2 101 PRO n 
2 102 GLU n 
2 103 MET n 
2 104 CYS n 
2 105 LEU n 
2 106 ALA n 
2 107 GLY n 
2 108 ASP n 
2 109 SER n 
2 110 ASN n 
2 111 THR n 
2 112 THR n 
2 113 THR n 
2 114 MET n 
2 115 HIS n 
2 116 THR n 
2 117 SER n 
2 118 TYR n 
2 119 GLN n 
2 120 ASN n 
2 121 ALA n 
2 122 ASN n 
2 123 PRO n 
2 124 GLY n 
2 125 GLU n 
2 126 LYS n 
2 127 GLY n 
2 128 GLY n 
2 129 THR n 
2 130 PHE n 
2 131 THR n 
2 132 GLY n 
2 133 THR n 
2 134 PHE n 
2 135 THR n 
2 136 PRO n 
2 137 ASP n 
2 138 ASN n 
2 139 ASN n 
2 140 GLN n 
2 141 THR n 
2 142 SER n 
2 143 PRO n 
2 144 ALA n 
2 145 ARG n 
2 146 ARG n 
2 147 PHE n 
2 148 CYS n 
2 149 PRO n 
2 150 VAL n 
2 151 ASP n 
2 152 TYR n 
2 153 LEU n 
2 154 LEU n 
2 155 GLY n 
2 156 ASN n 
2 157 GLY n 
2 158 THR n 
2 159 LEU n 
2 160 LEU n 
2 161 GLY n 
2 162 ASN n 
2 163 ALA n 
2 164 PHE n 
2 165 VAL n 
2 166 PHE n 
2 167 PRO n 
2 168 HIS n 
2 169 GLN n 
2 170 ILE n 
2 171 ILE n 
2 172 ASN n 
2 173 LEU n 
2 174 ARG n 
2 175 THR n 
2 176 ASN n 
2 177 ASN n 
2 178 CYS n 
2 179 ALA n 
2 180 THR n 
2 181 LEU n 
2 182 VAL n 
2 183 LEU n 
2 184 PRO n 
2 185 TYR n 
2 186 VAL n 
2 187 ASN n 
2 188 SER n 
2 189 LEU n 
2 190 SER n 
2 191 ILE n 
2 192 ASP n 
2 193 SER n 
2 194 MET n 
2 195 VAL n 
2 196 LYS n 
2 197 HIS n 
2 198 ASN n 
2 199 ASN n 
2 200 TRP n 
2 201 GLY n 
2 202 ILE n 
2 203 ALA n 
2 204 ILE n 
2 205 LEU n 
2 206 PRO n 
2 207 LEU n 
2 208 ALA n 
2 209 PRO n 
2 210 LEU n 
2 211 ASN n 
2 212 PHE n 
2 213 ALA n 
2 214 SER n 
2 215 GLU n 
2 216 SER n 
2 217 SER n 
2 218 PRO n 
2 219 GLU n 
2 220 ILE n 
2 221 PRO n 
2 222 ILE n 
2 223 THR n 
2 224 LEU n 
2 225 THR n 
2 226 ILE n 
2 227 ALA n 
2 228 PRO n 
2 229 MET n 
2 230 CYS n 
2 231 CYS n 
2 232 GLU n 
2 233 PHE n 
2 234 ASN n 
2 235 GLY n 
2 236 LEU n 
2 237 ARG n 
3 1   ASP n 
3 2   THR n 
3 3   MET n 
3 4   ILE n 
3 5   PRO n 
3 6   PHE n 
3 7   ASP n 
3 8   LEU n 
3 9   SER n 
3 10  ALA n 
3 11  THR n 
3 12  LYS n 
3 13  LYS n 
3 14  ASN n 
3 15  THR n 
3 16  MET n 
3 17  GLU n 
3 18  MET n 
3 19  TYR n 
3 20  ARG n 
3 21  VAL n 
3 22  ARG n 
3 23  LEU n 
3 24  SER n 
3 25  ASP n 
3 26  LYS n 
3 27  PRO n 
3 28  HIS n 
3 29  THR n 
3 30  ASP n 
3 31  ASP n 
3 32  PRO n 
3 33  ILE n 
3 34  LEU n 
3 35  CYS n 
3 36  LEU n 
3 37  SER n 
3 38  LEU n 
3 39  SER n 
3 40  PRO n 
3 41  ALA n 
3 42  SER n 
3 43  ASP n 
3 44  PRO n 
3 45  ARG n 
3 46  LEU n 
3 47  SER n 
3 48  HIS n 
3 49  THR n 
3 50  MET n 
3 51  LEU n 
3 52  GLY n 
3 53  GLU n 
3 54  ILE n 
3 55  LEU n 
3 56  ASN n 
3 57  TYR n 
3 58  TYR n 
3 59  THR n 
3 60  HIS n 
3 61  TRP n 
3 62  ALA n 
3 63  GLY n 
3 64  SER n 
3 65  LEU n 
3 66  LYS n 
3 67  PHE n 
3 68  THR n 
3 69  PHE n 
3 70  LEU n 
3 71  PHE n 
3 72  CYS n 
3 73  GLY n 
3 74  SER n 
3 75  MET n 
3 76  MET n 
3 77  ALA n 
3 78  THR n 
3 79  GLY n 
3 80  LYS n 
3 81  LEU n 
3 82  LEU n 
3 83  VAL n 
3 84  SER n 
3 85  TYR n 
3 86  ALA n 
3 87  PRO n 
3 88  PRO n 
3 89  GLY n 
3 90  ALA n 
3 91  ASP n 
3 92  PRO n 
3 93  PRO n 
3 94  LYS n 
3 95  LYS n 
3 96  ARG n 
3 97  LYS n 
3 98  GLU n 
3 99  ALA n 
3 100 MET n 
3 101 LEU n 
3 102 GLY n 
3 103 THR n 
3 104 HIS n 
3 105 VAL n 
3 106 ILE n 
3 107 TRP n 
3 108 ASP n 
3 109 ILE n 
3 110 GLY n 
3 111 LEU n 
3 112 GLN n 
3 113 SER n 
3 114 SER n 
3 115 CYS n 
3 116 THR n 
3 117 MET n 
3 118 VAL n 
3 119 VAL n 
3 120 PRO n 
3 121 TRP n 
3 122 ILE n 
3 123 SER n 
3 124 ASN n 
3 125 THR n 
3 126 THR n 
3 127 TYR n 
3 128 ARG n 
3 129 GLN n 
3 130 THR n 
3 131 ILE n 
3 132 ASP n 
3 133 ASP n 
3 134 SER n 
3 135 PHE n 
3 136 THR n 
3 137 GLU n 
3 138 GLY n 
3 139 GLY n 
3 140 TYR n 
3 141 ILE n 
3 142 SER n 
3 143 VAL n 
3 144 PHE n 
3 145 TYR n 
3 146 GLN n 
3 147 THR n 
3 148 ARG n 
3 149 ILE n 
3 150 VAL n 
3 151 VAL n 
3 152 PRO n 
3 153 LEU n 
3 154 SER n 
3 155 THR n 
3 156 PRO n 
3 157 ARG n 
3 158 GLU n 
3 159 MET n 
3 160 ASP n 
3 161 ILE n 
3 162 LEU n 
3 163 GLY n 
3 164 PHE n 
3 165 VAL n 
3 166 SER n 
3 167 ALA n 
3 168 CYS n 
3 169 ASN n 
3 170 ASP n 
3 171 PHE n 
3 172 SER n 
3 173 VAL n 
3 174 ARG n 
3 175 LEU n 
3 176 LEU n 
3 177 ARG n 
3 178 ASP n 
3 179 THR n 
3 180 THR n 
3 181 HIS n 
3 182 ILE n 
4 1   GLY n 
4 2   LEU n 
4 3   PRO n 
4 4   VAL n 
4 5   MET n 
4 6   ASN n 
4 7   THR n 
4 8   PRO n 
4 9   GLY n 
4 10  SER n 
4 11  ASN n 
4 12  GLN n 
5 1   LEU n 
5 2   THR n 
5 3   ALA n 
5 4   ASP n 
5 5   ASN n 
5 6   PHE n 
5 7   GLN n 
5 8   SER n 
5 9   PRO n 
5 10  CYS n 
5 11  ALA n 
5 12  LEU n 
5 13  PRO n 
5 14  GLU n 
5 15  PHE n 
5 16  ASP n 
5 17  VAL n 
5 18  THR n 
5 19  PRO n 
5 20  PRO n 
5 21  ILE n 
5 22  ASP n 
5 23  ILE n 
5 24  PRO n 
5 25  GLY n 
5 26  GLU n 
5 27  VAL n 
5 28  LYS n 
5 29  ASN n 
5 30  MET n 
5 31  MET n 
5 32  GLU n 
5 33  LEU n 
5 34  ALA n 
5 35  GLU n 
5 36  ILE n 
6 1   VAL n 
6 2   LEU n 
6 3   GLN n 
6 4   LEU n 
6 5   THR n 
6 6   LEU n 
6 7   GLY n 
6 8   ASN n 
6 9   SER n 
6 10  THR n 
6 11  ILE n 
6 12  THR n 
6 13  THR n 
6 14  GLN n 
7 1   PRO n 
7 2   ALA n 
7 3   LEU n 
7 4   THR n 
7 5   ALA n 
7 6   VAL n 
7 7   GLU n 
7 8   THR n 
7 9   GLY n 
7 10  ALA n 
7 11  THR n 
# 
loop_
_entity_src_nat.entity_id 
_entity_src_nat.pdbx_src_id 
_entity_src_nat.pdbx_alt_source_flag 
_entity_src_nat.pdbx_beg_seq_num 
_entity_src_nat.pdbx_end_seq_num 
_entity_src_nat.common_name 
_entity_src_nat.pdbx_organism_scientific 
_entity_src_nat.pdbx_ncbi_taxonomy_id 
_entity_src_nat.genus 
_entity_src_nat.species 
_entity_src_nat.strain 
_entity_src_nat.tissue 
_entity_src_nat.tissue_fraction 
_entity_src_nat.pdbx_secretion 
_entity_src_nat.pdbx_fragment 
_entity_src_nat.pdbx_variant 
_entity_src_nat.pdbx_cell_line 
_entity_src_nat.pdbx_atcc 
_entity_src_nat.pdbx_cellular_location 
_entity_src_nat.pdbx_organ 
_entity_src_nat.pdbx_organelle 
_entity_src_nat.pdbx_cell 
_entity_src_nat.pdbx_plasmid_name 
_entity_src_nat.pdbx_plasmid_details 
_entity_src_nat.details 
1 1 sample ? ? ? 'Human poliovirus 1' 12080 Enterovirus Poliovirus 'Type 1 Mahoney' ? ? ? ? ? ? ? ? ? ? ? ? ? 
'Virus was propogated in HELA cell suspension' 
2 1 sample ? ? ? 'Human poliovirus 1' 12080 Enterovirus Poliovirus 'Type 1 Mahoney' ? ? ? ? ? ? ? ? ? ? ? ? ? 
'Virus was propogated in HELA cell suspension' 
3 1 sample ? ? ? 'Human poliovirus 1' 12080 Enterovirus Poliovirus 'Type 1 Mahoney' ? ? ? ? ? ? ? ? ? ? ? ? ? 
'Virus was propogated in HELA cell suspension' 
4 1 sample ? ? ? 'Human poliovirus 1' 12080 Enterovirus Poliovirus 'Type 1 Mahoney' ? ? ? ? ? ? ? ? ? ? ? ? ? 
'Virus was propogated in HELA cell suspension' 
5 1 sample ? ? ? 'Human poliovirus 1' 12080 Enterovirus Poliovirus 'Type 1 Mahoney' ? ? ? ? ? ? ? ? ? ? ? ? ? 
'Virus was propogated in HELA cell suspension' 
6 1 sample ? ? ? 'Human poliovirus 1' 12080 Enterovirus Poliovirus 'Type 1 Mahoney' ? ? ? ? ? ? ? ? ? ? ? ? ? 
'Virus was propogated in HELA cell suspension' 
7 1 sample ? ? ? 'Human poliovirus 1' 12080 Enterovirus Poliovirus 'Type 1 Mahoney' ? ? ? ? ? ? ? ? ? ? ? ? ? 
'Virus was propogated in HELA cell suspension' 
# 
loop_
_chem_comp.id 
_chem_comp.type 
_chem_comp.mon_nstd_flag 
_chem_comp.name 
_chem_comp.pdbx_synonyms 
_chem_comp.formula 
_chem_comp.formula_weight 
ALA 'L-peptide linking' y ALANINE         ? 'C3 H7 N O2'     89.093  
ARG 'L-peptide linking' y ARGININE        ? 'C6 H15 N4 O2 1' 175.209 
ASN 'L-peptide linking' y ASPARAGINE      ? 'C4 H8 N2 O3'    132.118 
ASP 'L-peptide linking' y 'ASPARTIC ACID' ? 'C4 H7 N O4'     133.103 
CYS 'L-peptide linking' y CYSTEINE        ? 'C3 H7 N O2 S'   121.158 
GLN 'L-peptide linking' y GLUTAMINE       ? 'C5 H10 N2 O3'   146.144 
GLU 'L-peptide linking' y 'GLUTAMIC ACID' ? 'C5 H9 N O4'     147.129 
GLY 'peptide linking'   y GLYCINE         ? 'C2 H5 N O2'     75.067  
HIS 'L-peptide linking' y HISTIDINE       ? 'C6 H10 N3 O2 1' 156.162 
ILE 'L-peptide linking' y ISOLEUCINE      ? 'C6 H13 N O2'    131.173 
LEU 'L-peptide linking' y LEUCINE         ? 'C6 H13 N O2'    131.173 
LYS 'L-peptide linking' y LYSINE          ? 'C6 H15 N2 O2 1' 147.195 
MET 'L-peptide linking' y METHIONINE      ? 'C5 H11 N O2 S'  149.211 
PHE 'L-peptide linking' y PHENYLALANINE   ? 'C9 H11 N O2'    165.189 
PRO 'L-peptide linking' y PROLINE         ? 'C5 H9 N O2'     115.130 
SER 'L-peptide linking' y SERINE          ? 'C3 H7 N O3'     105.093 
THR 'L-peptide linking' y THREONINE       ? 'C4 H9 N O3'     119.119 
TRP 'L-peptide linking' y TRYPTOPHAN      ? 'C11 H12 N2 O2'  204.225 
TYR 'L-peptide linking' y TYROSINE        ? 'C9 H11 N O3'    181.189 
VAL 'L-peptide linking' y VALINE          ? 'C5 H11 N O2'    117.146 
# 
loop_
_pdbx_poly_seq_scheme.asym_id 
_pdbx_poly_seq_scheme.entity_id 
_pdbx_poly_seq_scheme.seq_id 
_pdbx_poly_seq_scheme.mon_id 
_pdbx_poly_seq_scheme.ndb_seq_num 
_pdbx_poly_seq_scheme.pdb_seq_num 
_pdbx_poly_seq_scheme.auth_seq_num 
_pdbx_poly_seq_scheme.pdb_mon_id 
_pdbx_poly_seq_scheme.auth_mon_id 
_pdbx_poly_seq_scheme.pdb_strand_id 
_pdbx_poly_seq_scheme.pdb_ins_code 
_pdbx_poly_seq_scheme.hetero 
A 1 1   SER 1   71  71  SER SER 1 . n 
A 1 2   ARG 2   72  72  ARG ARG 1 . n 
A 1 3   SER 3   73  73  SER SER 1 . n 
A 1 4   GLU 4   74  74  GLU GLU 1 . n 
A 1 5   SER 5   75  75  SER SER 1 . n 
A 1 6   SER 6   76  76  SER SER 1 . n 
A 1 7   ILE 7   77  77  ILE ILE 1 . n 
A 1 8   GLU 8   78  78  GLU GLU 1 . n 
A 1 9   SER 9   79  79  SER SER 1 . n 
A 1 10  PHE 10  80  80  PHE PHE 1 . n 
A 1 11  PHE 11  81  81  PHE PHE 1 . n 
A 1 12  ALA 12  82  82  ALA ALA 1 . n 
A 1 13  ARG 13  83  83  ARG ARG 1 . n 
A 1 14  GLY 14  84  84  GLY GLY 1 . n 
A 1 15  ALA 15  85  85  ALA ALA 1 . n 
A 1 16  CYS 16  86  86  CYS CYS 1 . n 
A 1 17  VAL 17  87  87  VAL VAL 1 . n 
A 1 18  THR 18  88  88  THR THR 1 . n 
A 1 19  ILE 19  89  89  ILE ILE 1 . n 
A 1 20  MET 20  90  90  MET MET 1 . n 
A 1 21  THR 21  91  91  THR THR 1 . n 
A 1 22  VAL 22  92  92  VAL VAL 1 . n 
A 1 23  ASP 23  93  93  ASP ASP 1 . n 
A 1 24  ASN 24  94  94  ASN ASN 1 . n 
A 1 25  PRO 25  95  95  PRO PRO 1 . n 
A 1 26  ALA 26  96  96  ALA ALA 1 . n 
A 1 27  SER 27  97  97  SER SER 1 . n 
A 1 28  THR 28  98  98  THR THR 1 . n 
A 1 29  THR 29  99  99  THR THR 1 . n 
A 1 30  ASN 30  100 100 ASN ASN 1 . n 
A 1 31  LYS 31  101 101 LYS LYS 1 . n 
A 1 32  ASP 32  102 102 ASP ASP 1 . n 
A 1 33  LYS 33  103 103 LYS LYS 1 . n 
A 1 34  LEU 34  104 104 LEU LEU 1 . n 
A 1 35  PHE 35  105 105 PHE PHE 1 . n 
A 1 36  ALA 36  106 106 ALA ALA 1 . n 
A 1 37  VAL 37  107 107 VAL VAL 1 . n 
A 1 38  TRP 38  108 108 TRP TRP 1 . n 
A 1 39  LYS 39  109 109 LYS LYS 1 . n 
A 1 40  ILE 40  110 110 ILE ILE 1 . n 
A 1 41  THR 41  111 111 THR THR 1 . n 
A 1 42  TYR 42  112 112 TYR TYR 1 . n 
A 1 43  LYS 43  113 113 LYS LYS 1 . n 
A 1 44  ASP 44  114 114 ASP ASP 1 . n 
A 1 45  THR 45  115 115 THR THR 1 . n 
A 1 46  VAL 46  116 116 VAL VAL 1 . n 
A 1 47  GLN 47  117 117 GLN GLN 1 . n 
A 1 48  LEU 48  118 118 LEU LEU 1 . n 
A 1 49  ARG 49  119 119 ARG ARG 1 . n 
A 1 50  ARG 50  120 120 ARG ARG 1 . n 
A 1 51  LYS 51  121 121 LYS LYS 1 . n 
A 1 52  LEU 52  122 122 LEU LEU 1 . n 
A 1 53  GLU 53  123 123 GLU GLU 1 . n 
A 1 54  PHE 54  124 124 PHE PHE 1 . n 
A 1 55  PHE 55  125 125 PHE PHE 1 . n 
A 1 56  THR 56  126 126 THR THR 1 . n 
A 1 57  TYR 57  127 127 TYR TYR 1 . n 
A 1 58  SER 58  128 128 SER SER 1 . n 
A 1 59  ARG 59  129 129 ARG ARG 1 . n 
A 1 60  PHE 60  130 130 PHE PHE 1 . n 
A 1 61  ASP 61  131 131 ASP ASP 1 . n 
A 1 62  MET 62  132 132 MET MET 1 . n 
A 1 63  GLU 63  133 133 GLU GLU 1 . n 
A 1 64  LEU 64  134 134 LEU LEU 1 . n 
A 1 65  THR 65  135 135 THR THR 1 . n 
A 1 66  PHE 66  136 136 PHE PHE 1 . n 
A 1 67  VAL 67  137 137 VAL VAL 1 . n 
A 1 68  VAL 68  138 138 VAL VAL 1 . n 
A 1 69  THR 69  139 139 THR THR 1 . n 
A 1 70  ALA 70  140 140 ALA ALA 1 . n 
A 1 71  ASN 71  141 141 ASN ASN 1 . n 
A 1 72  PHE 72  142 142 PHE PHE 1 . n 
A 1 73  THR 73  143 143 THR THR 1 . n 
A 1 74  GLU 74  144 144 GLU GLU 1 . n 
A 1 75  THR 75  145 145 THR THR 1 . n 
A 1 76  ASN 76  146 146 ASN ASN 1 . n 
A 1 77  ASN 77  147 147 ASN ASN 1 . n 
A 1 78  GLY 78  148 148 GLY GLY 1 . n 
A 1 79  HIS 79  149 149 HIS HIS 1 . n 
A 1 80  ALA 80  150 150 ALA ALA 1 . n 
A 1 81  LEU 81  151 151 LEU LEU 1 . n 
A 1 82  ASN 82  152 152 ASN ASN 1 . n 
A 1 83  GLN 83  153 153 GLN GLN 1 . n 
A 1 84  VAL 84  154 154 VAL VAL 1 . n 
A 1 85  TYR 85  155 155 TYR TYR 1 . n 
A 1 86  GLN 86  156 156 GLN GLN 1 . n 
A 1 87  ILE 87  157 157 ILE ILE 1 . n 
A 1 88  MET 88  158 158 MET MET 1 . n 
A 1 89  TYR 89  159 159 TYR TYR 1 . n 
A 1 90  VAL 90  160 160 VAL VAL 1 . n 
A 1 91  PRO 91  161 161 PRO PRO 1 . n 
A 1 92  PRO 92  162 162 PRO PRO 1 . n 
A 1 93  GLY 93  163 163 GLY GLY 1 . n 
A 1 94  ALA 94  164 164 ALA ALA 1 . n 
A 1 95  PRO 95  165 165 PRO PRO 1 . n 
A 1 96  VAL 96  166 166 VAL VAL 1 . n 
A 1 97  PRO 97  167 167 PRO PRO 1 . n 
A 1 98  GLU 98  168 168 GLU GLU 1 . n 
A 1 99  LYS 99  169 169 LYS LYS 1 . n 
A 1 100 TRP 100 170 170 TRP TRP 1 . n 
A 1 101 ASP 101 171 171 ASP ASP 1 . n 
A 1 102 ASP 102 172 172 ASP ASP 1 . n 
A 1 103 TYR 103 173 173 TYR TYR 1 . n 
A 1 104 THR 104 174 174 THR THR 1 . n 
A 1 105 TRP 105 175 175 TRP TRP 1 . n 
A 1 106 GLN 106 176 176 GLN GLN 1 . n 
A 1 107 THR 107 177 177 THR THR 1 . n 
A 1 108 SER 108 178 178 SER SER 1 . n 
A 1 109 SER 109 179 179 SER SER 1 . n 
A 1 110 ASN 110 180 180 ASN ASN 1 . n 
A 1 111 PRO 111 181 181 PRO PRO 1 . n 
A 1 112 SER 112 182 182 SER SER 1 . n 
A 1 113 ILE 113 183 183 ILE ILE 1 . n 
A 1 114 PHE 114 184 184 PHE PHE 1 . n 
A 1 115 TYR 115 185 185 TYR TYR 1 . n 
A 1 116 THR 116 186 186 THR THR 1 . n 
A 1 117 TYR 117 187 187 TYR TYR 1 . n 
A 1 118 GLY 118 188 188 GLY GLY 1 . n 
A 1 119 THR 119 189 189 THR THR 1 . n 
A 1 120 ALA 120 190 190 ALA ALA 1 . n 
A 1 121 PRO 121 191 191 PRO PRO 1 . n 
A 1 122 ALA 122 192 192 ALA ALA 1 . n 
A 1 123 ARG 123 193 193 ARG ARG 1 . n 
A 1 124 ILE 124 194 194 ILE ILE 1 . n 
A 1 125 SER 125 195 195 SER SER 1 . n 
A 1 126 VAL 126 196 196 VAL VAL 1 . n 
A 1 127 PRO 127 197 197 PRO PRO 1 . n 
A 1 128 TYR 128 198 198 TYR TYR 1 . n 
A 1 129 VAL 129 199 199 VAL VAL 1 . n 
A 1 130 GLY 130 200 200 GLY GLY 1 . n 
A 1 131 ILE 131 201 201 ILE ILE 1 . n 
A 1 132 SER 132 202 202 SER SER 1 . n 
A 1 133 ASN 133 203 203 ASN ASN 1 . n 
A 1 134 ALA 134 204 204 ALA ALA 1 . n 
A 1 135 TYR 135 205 205 TYR TYR 1 . n 
A 1 136 SER 136 206 206 SER SER 1 . n 
A 1 137 HIS 137 207 207 HIS HIS 1 . n 
A 1 138 PHE 138 208 208 PHE PHE 1 . n 
A 1 139 TYR 139 209 209 TYR TYR 1 . n 
A 1 140 ASP 140 210 210 ASP ASP 1 . n 
A 1 141 GLY 141 211 211 GLY GLY 1 . n 
A 1 142 PHE 142 212 212 PHE PHE 1 . n 
A 1 143 SER 143 213 213 SER SER 1 . n 
A 1 144 LYS 144 214 214 LYS LYS 1 . n 
A 1 145 VAL 145 215 215 VAL VAL 1 . n 
A 1 146 PRO 146 216 216 PRO PRO 1 . n 
A 1 147 LEU 147 217 217 LEU LEU 1 . n 
A 1 148 LYS 148 218 218 LYS LYS 1 . n 
A 1 149 ASP 149 219 219 ASP ASP 1 . n 
A 1 150 GLN 150 220 220 GLN GLN 1 . n 
A 1 151 SER 151 221 221 SER SER 1 . n 
A 1 152 ALA 152 222 222 ALA ALA 1 . n 
A 1 153 ALA 153 223 223 ALA ALA 1 . n 
A 1 154 LEU 154 224 224 LEU LEU 1 . n 
A 1 155 GLY 155 225 225 GLY GLY 1 . n 
A 1 156 ASP 156 226 226 ASP ASP 1 . n 
A 1 157 SER 157 227 227 SER SER 1 . n 
A 1 158 LEU 158 228 228 LEU LEU 1 . n 
A 1 159 TYR 159 229 229 TYR TYR 1 . n 
A 1 160 GLY 160 230 230 GLY GLY 1 . n 
A 1 161 ALA 161 231 231 ALA ALA 1 . n 
A 1 162 ALA 162 232 232 ALA ALA 1 . n 
A 1 163 SER 163 233 233 SER SER 1 . n 
A 1 164 LEU 164 234 234 LEU LEU 1 . n 
A 1 165 ASN 165 235 235 ASN ASN 1 . n 
A 1 166 ASP 166 236 236 ASP ASP 1 . n 
A 1 167 PHE 167 237 237 PHE PHE 1 . n 
A 1 168 GLY 168 238 238 GLY GLY 1 . n 
A 1 169 ILE 169 239 239 ILE ILE 1 . n 
A 1 170 LEU 170 240 240 LEU LEU 1 . n 
A 1 171 ALA 171 241 241 ALA ALA 1 . n 
A 1 172 VAL 172 242 242 VAL VAL 1 . n 
A 1 173 ARG 173 243 243 ARG ARG 1 . n 
A 1 174 VAL 174 244 244 VAL VAL 1 . n 
A 1 175 VAL 175 245 245 VAL VAL 1 . n 
A 1 176 ASN 176 246 246 ASN ASN 1 . n 
A 1 177 ASP 177 247 247 ASP ASP 1 . n 
A 1 178 HIS 178 248 248 HIS HIS 1 . n 
A 1 179 ASN 179 249 249 ASN ASN 1 . n 
A 1 180 PRO 180 250 250 PRO PRO 1 . n 
A 1 181 THR 181 251 251 THR THR 1 . n 
A 1 182 LYS 182 252 252 LYS LYS 1 . n 
A 1 183 VAL 183 253 253 VAL VAL 1 . n 
A 1 184 THR 184 254 254 THR THR 1 . n 
A 1 185 SER 185 255 255 SER SER 1 . n 
A 1 186 LYS 186 256 256 LYS LYS 1 . n 
A 1 187 ILE 187 257 257 ILE ILE 1 . n 
A 1 188 ARG 188 258 258 ARG ARG 1 . n 
A 1 189 VAL 189 259 259 VAL VAL 1 . n 
A 1 190 TYR 190 260 260 TYR TYR 1 . n 
A 1 191 LEU 191 261 261 LEU LEU 1 . n 
A 1 192 LYS 192 262 262 LYS LYS 1 . n 
A 1 193 PRO 193 263 263 PRO PRO 1 . n 
A 1 194 LYS 194 264 264 LYS LYS 1 . n 
A 1 195 HIS 195 265 265 HIS HIS 1 . n 
A 1 196 ILE 196 266 266 ILE ILE 1 . n 
A 1 197 ARG 197 267 267 ARG ARG 1 . n 
A 1 198 VAL 198 268 268 VAL VAL 1 . n 
A 1 199 TRP 199 269 269 TRP TRP 1 . n 
A 1 200 CYS 200 270 270 CYS CYS 1 . n 
A 1 201 PRO 201 271 271 PRO PRO 1 . n 
A 1 202 ARG 202 272 272 ARG ARG 1 . n 
A 1 203 PRO 203 273 273 PRO PRO 1 . n 
A 1 204 PRO 204 274 274 PRO PRO 1 . n 
A 1 205 ARG 205 275 275 ARG ARG 1 . n 
A 1 206 ALA 206 276 276 ALA ALA 1 . n 
A 1 207 VAL 207 277 277 VAL VAL 1 . n 
A 1 208 ALA 208 278 278 ALA ALA 1 . n 
A 1 209 TYR 209 279 279 TYR TYR 1 . n 
A 1 210 TYR 210 280 280 TYR TYR 1 . n 
A 1 211 GLY 211 281 281 GLY GLY 1 . n 
A 1 212 PRO 212 282 282 PRO PRO 1 . n 
A 1 213 GLY 213 283 283 GLY GLY 1 . n 
A 1 214 VAL 214 284 284 VAL VAL 1 . n 
A 1 215 ASP 215 285 285 ASP ASP 1 . n 
A 1 216 TYR 216 286 286 TYR TYR 1 . n 
A 1 217 LYS 217 287 287 LYS LYS 1 . n 
A 1 218 ASP 218 288 288 ASP ASP 1 . n 
A 1 219 GLY 219 289 289 GLY GLY 1 . n 
A 1 220 THR 220 290 290 THR THR 1 . n 
A 1 221 LEU 221 291 291 LEU LEU 1 . n 
A 1 222 THR 222 292 292 THR THR 1 . n 
A 1 223 PRO 223 293 293 PRO PRO 1 . n 
A 1 224 LEU 224 294 294 LEU LEU 1 . n 
A 1 225 SER 225 295 295 SER SER 1 . n 
A 1 226 THR 226 296 296 THR THR 1 . n 
A 1 227 LYS 227 297 297 LYS LYS 1 . n 
A 1 228 ASP 228 298 298 ASP ASP 1 . n 
A 1 229 LEU 229 299 299 LEU LEU 1 . n 
A 1 230 THR 230 300 300 THR THR 1 . n 
A 1 231 THR 231 301 301 THR THR 1 . n 
A 1 232 TYR 232 302 302 TYR TYR 1 . n 
B 2 1   ALA 1   28  28  ALA ALA 2 . n 
B 2 2   ALA 2   29  29  ALA ALA 2 . n 
B 2 3   ASN 3   30  30  ASN ASN 2 . n 
B 2 4   SER 4   31  31  SER SER 2 . n 
B 2 5   VAL 5   32  32  VAL VAL 2 . n 
B 2 6   VAL 6   33  33  VAL VAL 2 . n 
B 2 7   ALA 7   34  34  ALA ALA 2 . n 
B 2 8   TYR 8   35  35  TYR TYR 2 . n 
B 2 9   GLY 9   36  36  GLY GLY 2 . n 
B 2 10  ARG 10  37  37  ARG ARG 2 . n 
B 2 11  TRP 11  38  38  TRP TRP 2 . n 
B 2 12  PRO 12  39  39  PRO PRO 2 . n 
B 2 13  GLU 13  40  40  GLU GLU 2 . n 
B 2 14  TYR 14  41  41  TYR TYR 2 . n 
B 2 15  LEU 15  42  42  LEU LEU 2 . n 
B 2 16  ARG 16  43  43  ARG ARG 2 . n 
B 2 17  ASP 17  44  44  ASP ASP 2 . n 
B 2 18  SER 18  45  45  SER SER 2 . n 
B 2 19  GLU 19  46  46  GLU GLU 2 . n 
B 2 20  ALA 20  47  47  ALA ALA 2 . n 
B 2 21  ASN 21  48  48  ASN ASN 2 . n 
B 2 22  PRO 22  49  49  PRO PRO 2 . n 
B 2 23  VAL 23  50  50  VAL VAL 2 . n 
B 2 24  ASP 24  51  51  ASP ASP 2 . n 
B 2 25  GLN 25  52  52  GLN GLN 2 . n 
B 2 26  PRO 26  53  53  PRO PRO 2 . n 
B 2 27  THR 27  54  54  THR THR 2 . n 
B 2 28  GLU 28  55  55  GLU GLU 2 . n 
B 2 29  PRO 29  56  56  PRO PRO 2 . n 
B 2 30  ASP 30  57  57  ASP ASP 2 . n 
B 2 31  VAL 31  58  58  VAL VAL 2 . n 
B 2 32  ALA 32  59  59  ALA ALA 2 . n 
B 2 33  ALA 33  60  60  ALA ALA 2 . n 
B 2 34  CYS 34  61  61  CYS CYS 2 . n 
B 2 35  ARG 35  62  62  ARG ARG 2 . n 
B 2 36  PHE 36  63  63  PHE PHE 2 . n 
B 2 37  TYR 37  64  64  TYR TYR 2 . n 
B 2 38  THR 38  65  65  THR THR 2 . n 
B 2 39  LEU 39  66  66  LEU LEU 2 . n 
B 2 40  ASP 40  67  67  ASP ASP 2 . n 
B 2 41  THR 41  68  68  THR THR 2 . n 
B 2 42  VAL 42  69  69  VAL VAL 2 . n 
B 2 43  SER 43  70  70  SER SER 2 . n 
B 2 44  TRP 44  71  71  TRP TRP 2 . n 
B 2 45  THR 45  72  72  THR THR 2 . n 
B 2 46  LYS 46  73  73  LYS LYS 2 . n 
B 2 47  GLU 47  74  74  GLU GLU 2 . n 
B 2 48  SER 48  75  75  SER SER 2 . n 
B 2 49  ARG 49  76  76  ARG ARG 2 . n 
B 2 50  GLY 50  77  77  GLY GLY 2 . n 
B 2 51  TRP 51  78  78  TRP TRP 2 . n 
B 2 52  TRP 52  79  79  TRP TRP 2 . n 
B 2 53  TRP 53  80  80  TRP TRP 2 . n 
B 2 54  LYS 54  81  81  LYS LYS 2 . n 
B 2 55  LEU 55  82  82  LEU LEU 2 . n 
B 2 56  PRO 56  83  83  PRO CPR 2 . n 
B 2 57  ASP 57  84  84  ASP ASP 2 . n 
B 2 58  ALA 58  85  85  ALA ALA 2 . n 
B 2 59  LEU 59  86  86  LEU LEU 2 . n 
B 2 60  ARG 60  87  87  ARG ARG 2 . n 
B 2 61  ASP 61  88  88  ASP ASP 2 . n 
B 2 62  MET 62  89  89  MET MET 2 . n 
B 2 63  GLY 63  90  90  GLY GLY 2 . n 
B 2 64  LEU 64  91  91  LEU LEU 2 . n 
B 2 65  PHE 65  92  92  PHE PHE 2 . n 
B 2 66  GLY 66  93  93  GLY GLY 2 . n 
B 2 67  GLN 67  94  94  GLN GLN 2 . n 
B 2 68  ASN 68  95  95  ASN ASN 2 . n 
B 2 69  MET 69  96  96  MET MET 2 . n 
B 2 70  TYR 70  97  97  TYR TYR 2 . n 
B 2 71  TYR 71  98  98  TYR TYR 2 . n 
B 2 72  HIS 72  99  99  HIS HIS 2 . n 
B 2 73  TYR 73  100 100 TYR TYR 2 . n 
B 2 74  LEU 74  101 101 LEU LEU 2 . n 
B 2 75  GLY 75  102 102 GLY GLY 2 . n 
B 2 76  ARG 76  103 103 ARG ARG 2 . n 
B 2 77  SER 77  104 104 SER SER 2 . n 
B 2 78  GLY 78  105 105 GLY GLY 2 . n 
B 2 79  TYR 79  106 106 TYR TYR 2 . n 
B 2 80  THR 80  107 107 THR THR 2 . n 
B 2 81  VAL 81  108 108 VAL VAL 2 . n 
B 2 82  HIS 82  109 109 HIS HIS 2 . n 
B 2 83  VAL 83  110 110 VAL VAL 2 . n 
B 2 84  GLN 84  111 111 GLN GLN 2 . n 
B 2 85  CYS 85  112 112 CYS CYS 2 . n 
B 2 86  ASN 86  113 113 ASN ASN 2 . n 
B 2 87  ALA 87  114 114 ALA ALA 2 . n 
B 2 88  SER 88  115 115 SER SER 2 . n 
B 2 89  LYS 89  116 116 LYS LYS 2 . n 
B 2 90  PHE 90  117 117 PHE PHE 2 . n 
B 2 91  HIS 91  118 118 HIS HIS 2 . n 
B 2 92  GLN 92  119 119 GLN GLN 2 . n 
B 2 93  GLY 93  120 120 GLY GLY 2 . n 
B 2 94  ALA 94  121 121 ALA ALA 2 . n 
B 2 95  LEU 95  122 122 LEU LEU 2 . n 
B 2 96  GLY 96  123 123 GLY GLY 2 . n 
B 2 97  VAL 97  124 124 VAL VAL 2 . n 
B 2 98  PHE 98  125 125 PHE PHE 2 . n 
B 2 99  ALA 99  126 126 ALA ALA 2 . n 
B 2 100 VAL 100 127 127 VAL VAL 2 . n 
B 2 101 PRO 101 128 128 PRO PRO 2 . n 
B 2 102 GLU 102 129 129 GLU GLU 2 . n 
B 2 103 MET 103 130 130 MET MET 2 . n 
B 2 104 CYS 104 131 131 CYS CYS 2 . n 
B 2 105 LEU 105 132 132 LEU LEU 2 . n 
B 2 106 ALA 106 133 133 ALA ALA 2 . n 
B 2 107 GLY 107 134 134 GLY GLY 2 . n 
B 2 108 ASP 108 135 135 ASP ASP 2 . n 
B 2 109 SER 109 136 136 SER SER 2 . n 
B 2 110 ASN 110 137 137 ASN ASN 2 . n 
B 2 111 THR 111 138 138 THR THR 2 . n 
B 2 112 THR 112 139 139 THR THR 2 . n 
B 2 113 THR 113 140 140 THR THR 2 . n 
B 2 114 MET 114 141 141 MET MET 2 . n 
B 2 115 HIS 115 142 142 HIS HIS 2 . n 
B 2 116 THR 116 143 143 THR THR 2 . n 
B 2 117 SER 117 144 144 SER SER 2 . n 
B 2 118 TYR 118 145 145 TYR TYR 2 . n 
B 2 119 GLN 119 146 146 GLN GLN 2 . n 
B 2 120 ASN 120 147 147 ASN ASN 2 . n 
B 2 121 ALA 121 148 148 ALA ALA 2 . n 
B 2 122 ASN 122 149 149 ASN ASN 2 . n 
B 2 123 PRO 123 150 150 PRO PRO 2 . n 
B 2 124 GLY 124 151 151 GLY GLY 2 . n 
B 2 125 GLU 125 152 152 GLU GLU 2 . n 
B 2 126 LYS 126 153 153 LYS LYS 2 . n 
B 2 127 GLY 127 154 154 GLY GLY 2 . n 
B 2 128 GLY 128 155 155 GLY GLY 2 . n 
B 2 129 THR 129 156 156 THR THR 2 . n 
B 2 130 PHE 130 157 157 PHE PHE 2 . n 
B 2 131 THR 131 158 158 THR THR 2 . n 
B 2 132 GLY 132 159 159 GLY GLY 2 . n 
B 2 133 THR 133 160 160 THR THR 2 . n 
B 2 134 PHE 134 161 161 PHE PHE 2 . n 
B 2 135 THR 135 162 162 THR THR 2 . n 
B 2 136 PRO 136 163 163 PRO PRO 2 . n 
B 2 137 ASP 137 164 164 ASP ASP 2 . n 
B 2 138 ASN 138 165 165 ASN ASN 2 . n 
B 2 139 ASN 139 166 166 ASN ASN 2 . n 
B 2 140 GLN 140 167 167 GLN GLN 2 . n 
B 2 141 THR 141 168 168 THR THR 2 . n 
B 2 142 SER 142 169 169 SER SER 2 . n 
B 2 143 PRO 143 170 170 PRO PRO 2 . n 
B 2 144 ALA 144 171 171 ALA ALA 2 . n 
B 2 145 ARG 145 172 172 ARG ARG 2 . n 
B 2 146 ARG 146 173 173 ARG ARG 2 . n 
B 2 147 PHE 147 174 174 PHE PHE 2 . n 
B 2 148 CYS 148 175 175 CYS CYS 2 . n 
B 2 149 PRO 149 176 176 PRO PRO 2 . n 
B 2 150 VAL 150 177 177 VAL VAL 2 . n 
B 2 151 ASP 151 178 178 ASP ASP 2 . n 
B 2 152 TYR 152 179 179 TYR TYR 2 . n 
B 2 153 LEU 153 180 180 LEU LEU 2 . n 
B 2 154 LEU 154 181 181 LEU LEU 2 . n 
B 2 155 GLY 155 182 182 GLY GLY 2 . n 
B 2 156 ASN 156 183 183 ASN ASN 2 . n 
B 2 157 GLY 157 184 184 GLY GLY 2 . n 
B 2 158 THR 158 185 185 THR THR 2 . n 
B 2 159 LEU 159 186 186 LEU LEU 2 . n 
B 2 160 LEU 160 187 187 LEU LEU 2 . n 
B 2 161 GLY 161 188 188 GLY GLY 2 . n 
B 2 162 ASN 162 189 189 ASN ASN 2 . n 
B 2 163 ALA 163 190 190 ALA ALA 2 . n 
B 2 164 PHE 164 191 191 PHE PHE 2 . n 
B 2 165 VAL 165 192 192 VAL VAL 2 . n 
B 2 166 PHE 166 193 193 PHE PHE 2 . n 
B 2 167 PRO 167 194 194 PRO PRO 2 . n 
B 2 168 HIS 168 195 195 HIS HIS 2 . n 
B 2 169 GLN 169 196 196 GLN GLN 2 . n 
B 2 170 ILE 170 197 197 ILE ILE 2 . n 
B 2 171 ILE 171 198 198 ILE ILE 2 . n 
B 2 172 ASN 172 199 199 ASN ASN 2 . n 
B 2 173 LEU 173 200 200 LEU LEU 2 . n 
B 2 174 ARG 174 201 201 ARG ARG 2 . n 
B 2 175 THR 175 202 202 THR THR 2 . n 
B 2 176 ASN 176 203 203 ASN ASN 2 . n 
B 2 177 ASN 177 204 204 ASN ASN 2 . n 
B 2 178 CYS 178 205 205 CYS CYS 2 . n 
B 2 179 ALA 179 206 206 ALA ALA 2 . n 
B 2 180 THR 180 207 207 THR THR 2 . n 
B 2 181 LEU 181 208 208 LEU LEU 2 . n 
B 2 182 VAL 182 209 209 VAL VAL 2 . n 
B 2 183 LEU 183 210 210 LEU LEU 2 . n 
B 2 184 PRO 184 211 211 PRO PRO 2 . n 
B 2 185 TYR 185 212 212 TYR TYR 2 . n 
B 2 186 VAL 186 213 213 VAL VAL 2 . n 
B 2 187 ASN 187 214 214 ASN ASN 2 . n 
B 2 188 SER 188 215 215 SER SER 2 . n 
B 2 189 LEU 189 216 216 LEU LEU 2 . n 
B 2 190 SER 190 217 217 SER SER 2 . n 
B 2 191 ILE 191 218 218 ILE ILE 2 . n 
B 2 192 ASP 192 219 219 ASP ASP 2 . n 
B 2 193 SER 193 220 220 SER SER 2 . n 
B 2 194 MET 194 221 221 MET MET 2 . n 
B 2 195 VAL 195 222 222 VAL VAL 2 . n 
B 2 196 LYS 196 223 223 LYS LYS 2 . n 
B 2 197 HIS 197 224 224 HIS HIS 2 . n 
B 2 198 ASN 198 225 225 ASN ASN 2 . n 
B 2 199 ASN 199 226 226 ASN ASN 2 . n 
B 2 200 TRP 200 227 227 TRP TRP 2 . n 
B 2 201 GLY 201 228 228 GLY GLY 2 . n 
B 2 202 ILE 202 229 229 ILE ILE 2 . n 
B 2 203 ALA 203 230 230 ALA ALA 2 . n 
B 2 204 ILE 204 231 231 ILE ILE 2 . n 
B 2 205 LEU 205 232 232 LEU LEU 2 . n 
B 2 206 PRO 206 233 233 PRO PRO 2 . n 
B 2 207 LEU 207 234 234 LEU LEU 2 . n 
B 2 208 ALA 208 235 235 ALA ALA 2 . n 
B 2 209 PRO 209 236 236 PRO PRO 2 . n 
B 2 210 LEU 210 237 237 LEU LEU 2 . n 
B 2 211 ASN 211 238 238 ASN ASN 2 . n 
B 2 212 PHE 212 239 239 PHE PHE 2 . n 
B 2 213 ALA 213 240 240 ALA ALA 2 . n 
B 2 214 SER 214 241 241 SER SER 2 . n 
B 2 215 GLU 215 242 242 GLU GLU 2 . n 
B 2 216 SER 216 243 243 SER SER 2 . n 
B 2 217 SER 217 244 244 SER SER 2 . n 
B 2 218 PRO 218 245 245 PRO PRO 2 . n 
B 2 219 GLU 219 246 246 GLU GLU 2 . n 
B 2 220 ILE 220 247 247 ILE ILE 2 . n 
B 2 221 PRO 221 248 248 PRO PRO 2 . n 
B 2 222 ILE 222 249 249 ILE ILE 2 . n 
B 2 223 THR 223 250 250 THR THR 2 . n 
B 2 224 LEU 224 251 251 LEU LEU 2 . n 
B 2 225 THR 225 252 252 THR THR 2 . n 
B 2 226 ILE 226 253 253 ILE ILE 2 . n 
B 2 227 ALA 227 254 254 ALA ALA 2 . n 
B 2 228 PRO 228 255 255 PRO PRO 2 . n 
B 2 229 MET 229 256 256 MET MET 2 . n 
B 2 230 CYS 230 257 257 CYS CYS 2 . n 
B 2 231 CYS 231 258 258 CYS CYS 2 . n 
B 2 232 GLU 232 259 259 GLU GLU 2 . n 
B 2 233 PHE 233 260 260 PHE PHE 2 . n 
B 2 234 ASN 234 261 261 ASN ASN 2 . n 
B 2 235 GLY 235 262 262 GLY GLY 2 . n 
B 2 236 LEU 236 263 263 LEU LEU 2 . n 
B 2 237 ARG 237 264 264 ARG ARG 2 . n 
C 3 1   ASP 1   50  50  ASP ASP 3 . n 
C 3 2   THR 2   51  51  THR THR 3 . n 
C 3 3   MET 3   52  52  MET MET 3 . n 
C 3 4   ILE 4   53  53  ILE ILE 3 . n 
C 3 5   PRO 5   54  54  PRO PRO 3 . n 
C 3 6   PHE 6   55  55  PHE PHE 3 . n 
C 3 7   ASP 7   56  56  ASP ASP 3 . n 
C 3 8   LEU 8   57  57  LEU LEU 3 . n 
C 3 9   SER 9   58  58  SER SER 3 . n 
C 3 10  ALA 10  59  59  ALA ALA 3 . n 
C 3 11  THR 11  60  60  THR THR 3 . n 
C 3 12  LYS 12  61  61  LYS LYS 3 . n 
C 3 13  LYS 13  62  62  LYS LYS 3 . n 
C 3 14  ASN 14  63  63  ASN ASN 3 . n 
C 3 15  THR 15  64  64  THR THR 3 . n 
C 3 16  MET 16  65  65  MET MET 3 . n 
C 3 17  GLU 17  66  66  GLU GLU 3 . n 
C 3 18  MET 18  67  67  MET MET 3 . n 
C 3 19  TYR 19  68  68  TYR TYR 3 . n 
C 3 20  ARG 20  69  69  ARG ARG 3 . n 
C 3 21  VAL 21  70  70  VAL VAL 3 . n 
C 3 22  ARG 22  71  71  ARG ARG 3 . n 
C 3 23  LEU 23  72  72  LEU LEU 3 . n 
C 3 24  SER 24  73  73  SER SER 3 . n 
C 3 25  ASP 25  74  74  ASP ASP 3 . n 
C 3 26  LYS 26  75  75  LYS LYS 3 . n 
C 3 27  PRO 27  76  76  PRO PRO 3 . n 
C 3 28  HIS 28  77  77  HIS HIS 3 . n 
C 3 29  THR 29  78  78  THR THR 3 . n 
C 3 30  ASP 30  79  79  ASP ASP 3 . n 
C 3 31  ASP 31  80  80  ASP ASP 3 . n 
C 3 32  PRO 32  81  81  PRO PRO 3 . n 
C 3 33  ILE 33  82  82  ILE ILE 3 . n 
C 3 34  LEU 34  83  83  LEU LEU 3 . n 
C 3 35  CYS 35  84  84  CYS CYS 3 . n 
C 3 36  LEU 36  85  85  LEU LEU 3 . n 
C 3 37  SER 37  86  86  SER SER 3 . n 
C 3 38  LEU 38  87  87  LEU LEU 3 . n 
C 3 39  SER 39  88  88  SER SER 3 . n 
C 3 40  PRO 40  89  89  PRO PRO 3 . n 
C 3 41  ALA 41  90  90  ALA ALA 3 . n 
C 3 42  SER 42  91  91  SER SER 3 . n 
C 3 43  ASP 43  92  92  ASP ASP 3 . n 
C 3 44  PRO 44  93  93  PRO PRO 3 . n 
C 3 45  ARG 45  94  94  ARG ARG 3 . n 
C 3 46  LEU 46  95  95  LEU LEU 3 . n 
C 3 47  SER 47  96  96  SER SER 3 . n 
C 3 48  HIS 48  97  97  HIS HIS 3 . n 
C 3 49  THR 49  98  98  THR THR 3 . n 
C 3 50  MET 50  99  99  MET MET 3 . n 
C 3 51  LEU 51  100 100 LEU LEU 3 . n 
C 3 52  GLY 52  101 101 GLY GLY 3 . n 
C 3 53  GLU 53  102 102 GLU GLU 3 . n 
C 3 54  ILE 54  103 103 ILE ILE 3 . n 
C 3 55  LEU 55  104 104 LEU LEU 3 . n 
C 3 56  ASN 56  105 105 ASN ASN 3 . n 
C 3 57  TYR 57  106 106 TYR TYR 3 . n 
C 3 58  TYR 58  107 107 TYR TYR 3 . n 
C 3 59  THR 59  108 108 THR THR 3 . n 
C 3 60  HIS 60  109 109 HIS HIS 3 . n 
C 3 61  TRP 61  110 110 TRP TRP 3 . n 
C 3 62  ALA 62  111 111 ALA ALA 3 . n 
C 3 63  GLY 63  112 112 GLY GLY 3 . n 
C 3 64  SER 64  113 113 SER SER 3 . n 
C 3 65  LEU 65  114 114 LEU LEU 3 . n 
C 3 66  LYS 66  115 115 LYS LYS 3 . n 
C 3 67  PHE 67  116 116 PHE PHE 3 . n 
C 3 68  THR 68  117 117 THR THR 3 . n 
C 3 69  PHE 69  118 118 PHE PHE 3 . n 
C 3 70  LEU 70  119 119 LEU LEU 3 . n 
C 3 71  PHE 71  120 120 PHE PHE 3 . n 
C 3 72  CYS 72  121 121 CYS CYS 3 . n 
C 3 73  GLY 73  122 122 GLY GLY 3 . n 
C 3 74  SER 74  123 123 SER SER 3 . n 
C 3 75  MET 75  124 124 MET MET 3 . n 
C 3 76  MET 76  125 125 MET MET 3 . n 
C 3 77  ALA 77  126 126 ALA ALA 3 . n 
C 3 78  THR 78  127 127 THR THR 3 . n 
C 3 79  GLY 79  128 128 GLY GLY 3 . n 
C 3 80  LYS 80  129 129 LYS LYS 3 . n 
C 3 81  LEU 81  130 130 LEU LEU 3 . n 
C 3 82  LEU 82  131 131 LEU LEU 3 . n 
C 3 83  VAL 83  132 132 VAL VAL 3 . n 
C 3 84  SER 84  133 133 SER SER 3 . n 
C 3 85  TYR 85  134 134 TYR TYR 3 . n 
C 3 86  ALA 86  135 135 ALA ALA 3 . n 
C 3 87  PRO 87  136 136 PRO PRO 3 . n 
C 3 88  PRO 88  137 137 PRO PRO 3 . n 
C 3 89  GLY 89  138 138 GLY GLY 3 . n 
C 3 90  ALA 90  139 139 ALA ALA 3 . n 
C 3 91  ASP 91  140 140 ASP ASP 3 . n 
C 3 92  PRO 92  141 141 PRO PRO 3 . n 
C 3 93  PRO 93  142 142 PRO PRO 3 . n 
C 3 94  LYS 94  143 143 LYS LYS 3 . n 
C 3 95  LYS 95  144 144 LYS LYS 3 . n 
C 3 96  ARG 96  145 145 ARG ARG 3 . n 
C 3 97  LYS 97  146 146 LYS LYS 3 . n 
C 3 98  GLU 98  147 147 GLU GLU 3 . n 
C 3 99  ALA 99  148 148 ALA ALA 3 . n 
C 3 100 MET 100 149 149 MET MET 3 . n 
C 3 101 LEU 101 150 150 LEU LEU 3 . n 
C 3 102 GLY 102 151 151 GLY GLY 3 . n 
C 3 103 THR 103 152 152 THR THR 3 . n 
C 3 104 HIS 104 153 153 HIS HIS 3 . n 
C 3 105 VAL 105 154 154 VAL VAL 3 . n 
C 3 106 ILE 106 155 155 ILE ILE 3 . n 
C 3 107 TRP 107 156 156 TRP TRP 3 . n 
C 3 108 ASP 108 157 157 ASP ASP 3 . n 
C 3 109 ILE 109 158 158 ILE ILE 3 . n 
C 3 110 GLY 110 159 159 GLY GLY 3 . n 
C 3 111 LEU 111 160 160 LEU LEU 3 . n 
C 3 112 GLN 112 161 161 GLN GLN 3 . n 
C 3 113 SER 113 162 162 SER SER 3 . n 
C 3 114 SER 114 163 163 SER SER 3 . n 
C 3 115 CYS 115 164 164 CYS CYS 3 . n 
C 3 116 THR 116 165 165 THR THR 3 . n 
C 3 117 MET 117 166 166 MET MET 3 . n 
C 3 118 VAL 118 167 167 VAL VAL 3 . n 
C 3 119 VAL 119 168 168 VAL VAL 3 . n 
C 3 120 PRO 120 169 169 PRO PRO 3 . n 
C 3 121 TRP 121 170 170 TRP TRP 3 . n 
C 3 122 ILE 122 171 171 ILE ILE 3 . n 
C 3 123 SER 123 172 172 SER SER 3 . n 
C 3 124 ASN 124 173 173 ASN ASN 3 . n 
C 3 125 THR 125 174 174 THR THR 3 . n 
C 3 126 THR 126 175 175 THR THR 3 . n 
C 3 127 TYR 127 176 176 TYR TYR 3 . n 
C 3 128 ARG 128 177 177 ARG ARG 3 . n 
C 3 129 GLN 129 178 178 GLN GLN 3 . n 
C 3 130 THR 130 179 179 THR THR 3 . n 
C 3 131 ILE 131 180 180 ILE ILE 3 . n 
C 3 132 ASP 132 181 181 ASP ASP 3 . n 
C 3 133 ASP 133 182 182 ASP ASP 3 . n 
C 3 134 SER 134 183 183 SER SER 3 . n 
C 3 135 PHE 135 184 184 PHE PHE 3 . n 
C 3 136 THR 136 185 185 THR THR 3 . n 
C 3 137 GLU 137 186 186 GLU GLU 3 . n 
C 3 138 GLY 138 187 187 GLY GLY 3 . n 
C 3 139 GLY 139 188 188 GLY GLY 3 . n 
C 3 140 TYR 140 189 189 TYR TYR 3 . n 
C 3 141 ILE 141 190 190 ILE ILE 3 . n 
C 3 142 SER 142 191 191 SER SER 3 . n 
C 3 143 VAL 143 192 192 VAL VAL 3 . n 
C 3 144 PHE 144 193 193 PHE PHE 3 . n 
C 3 145 TYR 145 194 194 TYR TYR 3 . n 
C 3 146 GLN 146 195 195 GLN GLN 3 . n 
C 3 147 THR 147 196 196 THR THR 3 . n 
C 3 148 ARG 148 197 197 ARG ARG 3 . n 
C 3 149 ILE 149 198 198 ILE ILE 3 . n 
C 3 150 VAL 150 199 199 VAL VAL 3 . n 
C 3 151 VAL 151 200 200 VAL VAL 3 . n 
C 3 152 PRO 152 201 201 PRO PRO 3 . n 
C 3 153 LEU 153 202 202 LEU LEU 3 . n 
C 3 154 SER 154 203 203 SER SER 3 . n 
C 3 155 THR 155 204 204 THR THR 3 . n 
C 3 156 PRO 156 205 205 PRO PRO 3 . n 
C 3 157 ARG 157 206 206 ARG ARG 3 . n 
C 3 158 GLU 158 207 207 GLU GLU 3 . n 
C 3 159 MET 159 208 208 MET MET 3 . n 
C 3 160 ASP 160 209 209 ASP ASP 3 . n 
C 3 161 ILE 161 210 210 ILE ILE 3 . n 
C 3 162 LEU 162 211 211 LEU LEU 3 . n 
C 3 163 GLY 163 212 212 GLY GLY 3 . n 
C 3 164 PHE 164 213 213 PHE PHE 3 . n 
C 3 165 VAL 165 214 214 VAL VAL 3 . n 
C 3 166 SER 166 215 215 SER SER 3 . n 
C 3 167 ALA 167 216 216 ALA ALA 3 . n 
C 3 168 CYS 168 217 217 CYS CYS 3 . n 
C 3 169 ASN 169 218 218 ASN ASN 3 . n 
C 3 170 ASP 170 219 219 ASP ASP 3 . n 
C 3 171 PHE 171 220 220 PHE PHE 3 . n 
C 3 172 SER 172 221 221 SER SER 3 . n 
C 3 173 VAL 173 222 222 VAL VAL 3 . n 
C 3 174 ARG 174 223 223 ARG ARG 3 . n 
C 3 175 LEU 175 224 224 LEU LEU 3 . n 
C 3 176 LEU 176 225 225 LEU LEU 3 . n 
C 3 177 ARG 177 226 226 ARG ARG 3 . n 
C 3 178 ASP 178 227 227 ASP ASP 3 . n 
C 3 179 THR 179 228 228 THR THR 3 . n 
C 3 180 THR 180 229 229 THR THR 3 . n 
C 3 181 HIS 181 230 230 HIS HIS 3 . n 
C 3 182 ILE 182 231 231 ILE ILE 3 . n 
D 4 1   GLY 1   1   1   GLY GLY 5 . n 
D 4 2   LEU 2   2   2   LEU LEU 5 . n 
D 4 3   PRO 3   3   3   PRO PRO 5 . n 
D 4 4   VAL 4   4   4   VAL VAL 5 . n 
D 4 5   MET 5   5   5   MET MET 5 . n 
D 4 6   ASN 6   6   6   ASN ASN 5 . n 
D 4 7   THR 7   7   7   THR THR 5 . n 
D 4 8   PRO 8   8   8   PRO PRO 5 . n 
D 4 9   GLY 9   9   9   GLY GLY 5 . n 
D 4 10  SER 10  10  10  SER SER 5 . n 
D 4 11  ASN 11  11  11  ASN ASN 5 . n 
D 4 12  GLN 12  12  12  GLN GLN 5 . n 
E 5 1   LEU 1   14  14  LEU LEU 6 . n 
E 5 2   THR 2   15  15  THR THR 6 . n 
E 5 3   ALA 3   16  16  ALA ALA 6 . n 
E 5 4   ASP 4   17  17  ASP ASP 6 . n 
E 5 5   ASN 5   18  18  ASN ASN 6 . n 
E 5 6   PHE 6   19  19  PHE PHE 6 . n 
E 5 7   GLN 7   20  20  GLN GLN 6 . n 
E 5 8   SER 8   21  21  SER SER 6 . n 
E 5 9   PRO 9   22  22  PRO PRO 6 . n 
E 5 10  CYS 10  23  23  CYS CYS 6 . n 
E 5 11  ALA 11  24  24  ALA ALA 6 . n 
E 5 12  LEU 12  25  25  LEU LEU 6 . n 
E 5 13  PRO 13  26  26  PRO PRO 6 . n 
E 5 14  GLU 14  27  27  GLU GLU 6 . n 
E 5 15  PHE 15  28  28  PHE PHE 6 . n 
E 5 16  ASP 16  29  29  ASP ASP 6 . n 
E 5 17  VAL 17  30  30  VAL VAL 6 . n 
E 5 18  THR 18  31  31  THR THR 6 . n 
E 5 19  PRO 19  32  32  PRO PRO 6 . n 
E 5 20  PRO 20  33  33  PRO PRO 6 . n 
E 5 21  ILE 21  34  34  ILE ILE 6 . n 
E 5 22  ASP 22  35  35  ASP ASP 6 . n 
E 5 23  ILE 23  36  36  ILE ILE 6 . n 
E 5 24  PRO 24  37  37  PRO PRO 6 . n 
E 5 25  GLY 25  38  38  GLY GLY 6 . n 
E 5 26  GLU 26  39  39  GLU GLU 6 . n 
E 5 27  VAL 27  40  40  VAL VAL 6 . n 
E 5 28  LYS 28  41  41  LYS LYS 6 . n 
E 5 29  ASN 29  42  42  ASN ASN 6 . n 
E 5 30  MET 30  43  43  MET MET 6 . n 
E 5 31  MET 31  44  44  MET MET 6 . n 
E 5 32  GLU 32  45  45  GLU GLU 6 . n 
E 5 33  LEU 33  46  46  LEU LEU 6 . n 
E 5 34  ALA 34  47  47  ALA ALA 6 . n 
E 5 35  GLU 35  48  48  GLU GLU 6 . n 
E 5 36  ILE 36  49  49  ILE ILE 6 . n 
F 6 1   VAL 1   13  13  VAL VAL 7 . n 
F 6 2   LEU 2   14  14  LEU LEU 7 . n 
F 6 3   GLN 3   15  15  GLN GLN 7 . n 
F 6 4   LEU 4   16  16  LEU LEU 7 . n 
F 6 5   THR 5   17  17  THR THR 7 . n 
F 6 6   LEU 6   18  18  LEU LEU 7 . n 
F 6 7   GLY 7   19  19  GLY GLY 7 . n 
F 6 8   ASN 8   20  20  ASN ASN 7 . n 
F 6 9   SER 9   21  21  SER SER 7 . n 
F 6 10  THR 10  22  22  THR THR 7 . n 
F 6 11  ILE 11  23  23  ILE ILE 7 . n 
F 6 12  THR 12  24  24  THR THR 7 . n 
F 6 13  THR 13  25  25  THR THR 7 . n 
F 6 14  GLN 14  26  26  GLN GLN 7 . n 
G 7 1   PRO 1   42  42  PRO GLY 8 . n 
G 7 2   ALA 2   43  43  ALA ARG 8 . n 
G 7 3   LEU 3   44  44  LEU GLU 8 . n 
G 7 4   THR 4   45  45  THR ASP 8 . n 
G 7 5   ALA 5   46  46  ALA ILE 8 . n 
G 7 6   VAL 6   47  47  VAL LEU 8 . n 
G 7 7   GLU 7   48  48  GLU GLU 8 . n 
G 7 8   THR 8   49  49  THR GLN 8 . n 
G 7 9   GLY 9   50  50  GLY TRP 8 . n 
G 7 10  ALA 10  51  51  ALA VAL 8 . n 
G 7 11  THR 11  52  52  THR SER 8 . n 
# 
_exptl.entry_id          1XYR 
_exptl.method            'ELECTRON MICROSCOPY' 
_exptl.crystals_number   ? 
# 
_exptl_crystal.id                    1 
_exptl_crystal.density_meas          ? 
_exptl_crystal.density_Matthews      ? 
_exptl_crystal.density_percent_sol   ? 
_exptl_crystal.description           ? 
_exptl_crystal.F_000                 ? 
_exptl_crystal.preparation           ? 
# 
_diffrn.id                     1 
_diffrn.ambient_temp           ? 
_diffrn.ambient_temp_details   ? 
_diffrn.crystal_id             1 
# 
_refine_hist.pdbx_refine_id                   'ELECTRON MICROSCOPY' 
_refine_hist.cycle_id                         LAST 
_refine_hist.pdbx_number_atoms_protein        724 
_refine_hist.pdbx_number_atoms_nucleic_acid   0 
_refine_hist.pdbx_number_atoms_ligand         0 
_refine_hist.number_atoms_solvent             0 
_refine_hist.number_atoms_total               724 
_refine_hist.d_res_high                       . 
_refine_hist.d_res_low                        . 
# 
_struct.entry_id                  1XYR 
_struct.title                     'Poliovirus 135S cell entry intermediate' 
_struct.pdbx_model_details        ? 
_struct.pdbx_CASP_flag            ? 
_struct.pdbx_model_type_details   ? 
# 
_struct_keywords.entry_id        1XYR 
_struct_keywords.pdbx_keywords   VIRUS 
_struct_keywords.text            'BETA BARREL, VIRAL CAPSID, CELL ENTRY INTERMEDIATE, Icosahedral virus, Virus' 
# 
loop_
_struct_asym.id 
_struct_asym.pdbx_blank_PDB_chainid_flag 
_struct_asym.pdbx_modified 
_struct_asym.entity_id 
_struct_asym.details 
A N N 1 ? 
B N N 2 ? 
C N N 3 ? 
D N N 4 ? 
E N N 5 ? 
F N N 6 ? 
G N N 7 ? 
# 
loop_
_struct_ref.id 
_struct_ref.db_name 
_struct_ref.db_code 
_struct_ref.pdbx_db_accession 
_struct_ref.entity_id 
_struct_ref.pdbx_seq_one_letter_code 
_struct_ref.pdbx_align_begin 
_struct_ref.pdbx_db_isoform 
1 UNP POLH_POL1M P03300 1 
;SRSESSIESFFARGACVTIMTVDNPASTTNKDKLFAVWKITYKDTVQLRRKLEFFTYSRFDMELTFVVTANFTETNNGHA
LNQVYQIMYVPPGAPVPEKWDDYTWQTSSNPSIFYTYGTAPARISVPYVGISNAYSHFYDGFSKVPLKDQSAALGDSLYG
AASLNDFGILAVRVVNDHNPTKVTSKIRVYLKPKHIRVWCPRPPRAVAYYGPGVDYKDGTLTPLSTKDLTTY
;
649 ? 
2 UNP POLH_POL1M P03300 2 
;AANSVVAYGRWPEYLRDSEANPVDQPTEPDVAACRFYTLDTVSWTKESRGWWWKLPDALRDMGLFGQNMYYHYLGRSGYT
VHVQCNASKFHQGALGVFAVPEMCLAGDSNTTTMHTSYQNANPGEKGGTFTGTFTPDNNQTSPARRFCPVDYLLGNGTLL
GNAFVFPHQIINLRTNNCATLVLPYVNSLSIDSMVKHNNWGIAILPLAPLNFASESSPEIPITLTIAPMCCEFNGLR
;
96  ? 
3 UNP POLH_POL1M P03300 3 
;DTMIPFDLSATKKNTMEMYRVRLSDKPHTDDPILCLSLSPASDPRLSHTMLGEILNYYTHWAGSLKFTFLFCGFMMATGK
LLVSYAPPGADPPKKRKEAMLGTHVIWDIGLQSSCTMVVPWISNTTYRQTIDDSFTEGGYISVFYQTRIVVPLSTPREMD
ILGFVSACNDFSVRLLRDTTHI
;
390 ? 
4 UNP POLH_POL1M P03300 4 GLPVMNTPGSNQ 341 ? 
5 UNP POLH_POL1M P03300 5 LTADNFQSPCALPEFDVTPPIDIPGEVKNMMELAEI 354 ? 
6 UNP POLH_POL1M P03300 6 VLQLTLGNSTITTQ 81  ? 
7 UNP POLH_POL1M P03300 7 PALTAVETGAT 620 ? 
# 
loop_
_struct_ref_seq.align_id 
_struct_ref_seq.ref_id 
_struct_ref_seq.pdbx_PDB_id_code 
_struct_ref_seq.pdbx_strand_id 
_struct_ref_seq.seq_align_beg 
_struct_ref_seq.pdbx_seq_align_beg_ins_code 
_struct_ref_seq.seq_align_end 
_struct_ref_seq.pdbx_seq_align_end_ins_code 
_struct_ref_seq.pdbx_db_accession 
_struct_ref_seq.db_align_beg 
_struct_ref_seq.pdbx_db_align_beg_ins_code 
_struct_ref_seq.db_align_end 
_struct_ref_seq.pdbx_db_align_end_ins_code 
_struct_ref_seq.pdbx_auth_seq_align_beg 
_struct_ref_seq.pdbx_auth_seq_align_end 
1 1 1XYR 1 1 ? 232 ? P03300 649 ? 880 ? 71 302 
2 2 1XYR 2 1 ? 237 ? P03300 96  ? 332 ? 28 264 
3 3 1XYR 3 1 ? 182 ? P03300 390 ? 571 ? 50 231 
4 4 1XYR 5 1 ? 12  ? P03300 341 ? 352 ? 1  12  
5 5 1XYR 6 1 ? 36  ? P03300 354 ? 389 ? 14 49  
6 6 1XYR 7 1 ? 14  ? P03300 81  ? 94  ? 13 26  
7 7 1XYR 8 1 ? 11  ? P03300 620 ? 630 ? 42 52  
# 
_struct_ref_seq_dif.align_id                     3 
_struct_ref_seq_dif.pdbx_pdb_id_code             1XYR 
_struct_ref_seq_dif.mon_id                       SER 
_struct_ref_seq_dif.pdbx_pdb_strand_id           3 
_struct_ref_seq_dif.seq_num                      74 
_struct_ref_seq_dif.pdbx_pdb_ins_code            ? 
_struct_ref_seq_dif.pdbx_seq_db_name             UNP 
_struct_ref_seq_dif.pdbx_seq_db_accession_code   P03300 
_struct_ref_seq_dif.db_mon_id                    PHE 
_struct_ref_seq_dif.pdbx_seq_db_seq_num          463 
_struct_ref_seq_dif.details                      'SEE REMARK 999' 
_struct_ref_seq_dif.pdbx_auth_seq_num            123 
_struct_ref_seq_dif.pdbx_ordinal                 1 
# 
loop_
_pdbx_struct_assembly.id 
_pdbx_struct_assembly.details 
_pdbx_struct_assembly.method_details 
_pdbx_struct_assembly.oligomeric_details 
_pdbx_struct_assembly.oligomeric_count 
1 'complete icosahedral assembly'                ? 420-MERIC  420 
2 'icosahedral asymmetric unit'                  ? heptameric 7   
3 'icosahedral pentamer'                         ? 35-meric   35  
4 'icosahedral 23 hexamer'                       ? 42-meric   42  
5 'icosahedral asymmetric unit, std point frame' ? heptameric 7   
# 
loop_
_pdbx_struct_assembly_gen.assembly_id 
_pdbx_struct_assembly_gen.oper_expression 
_pdbx_struct_assembly_gen.asym_id_list 
1 '(1-60)'           A,B,C,D,E,F,G 
2 1                  A,B,C,D,E,F,G 
3 '(1-5)'            A,B,C,D,E,F,G 
4 '(1,2,6,10,23,24)' A,B,C,D,E,F,G 
5 P                  A,B,C,D,E,F,G 
# 
loop_
_pdbx_struct_oper_list.id 
_pdbx_struct_oper_list.type 
_pdbx_struct_oper_list.name 
_pdbx_struct_oper_list.symmetry_operation 
_pdbx_struct_oper_list.matrix[1][1] 
_pdbx_struct_oper_list.matrix[1][2] 
_pdbx_struct_oper_list.matrix[1][3] 
_pdbx_struct_oper_list.vector[1] 
_pdbx_struct_oper_list.matrix[2][1] 
_pdbx_struct_oper_list.matrix[2][2] 
_pdbx_struct_oper_list.matrix[2][3] 
_pdbx_struct_oper_list.vector[2] 
_pdbx_struct_oper_list.matrix[3][1] 
_pdbx_struct_oper_list.matrix[3][2] 
_pdbx_struct_oper_list.matrix[3][3] 
_pdbx_struct_oper_list.vector[3] 
P  'identity operation'       1_555 x,y,z 1.00000000  0.00000000  0.00000000  -0.00000  0.00000000  1.00000000  0.00000000  -0.00000   0.00000000  0.00000000  1.00000000  -0.00000   
1  'identity operation'       1_555 x,y,z 1.00000000  0.00000000  0.00000000  0.00000   0.00000000  1.00000000  0.00000000  0.00000    0.00000000  0.00000000  1.00000000  0.00000    
2  'point symmetry operation' ?     ?     0.91634274  0.10872771  0.38534952  6.99450   -0.39839940 0.34355764  0.85043875  -26.73217  -0.03992351 -0.93281639 0.35813360  -47.01278  
3  'point symmetry operation' ?     ?     0.78098247  -0.22247427 0.58358511  -7.61901  -0.53589605 -0.71858841 0.44322241  -78.68430  0.32075191  -0.65888988 -0.68042804 -39.19267  
4  'point symmetry operation' ?     ?     0.78098247  -0.53589605 0.32075191  -23.64517 -0.22247427 -0.71858841 -0.65888988 -84.06032  0.58358511  0.44322241  -0.68042804 12.65320   
5  'point symmetry operation' ?     ?     0.91634274  -0.39839940 -0.03992351 -18.93636 0.10872771  0.34355764  -0.93281639 -35.43074  0.38534952  0.85043875  0.35813360  36.87560   
6  'point symmetry operation' ?     ?     0.38598712  -0.87417994 -0.29465805 12.07529  -0.87417994 -0.44863083 0.18584888  -14.10904  -0.29465805 0.18584888  -0.93735630 98.65683   
7  'point symmetry operation' ?     ?     0.71373305  0.01649816  -0.70022350 51.99650  -0.62973393 -0.42254101 -0.65183913 -16.96789  -0.30662729 0.90619363  -0.29119203 135.69542  
8  'point symmetry operation' ?     ?     0.67540662  0.73645058  0.03829380  89.46712  -0.38268834 0.39440951  -0.83545842 20.56764   -0.63037728 0.54961956  0.54821784  123.01594  
9  'point symmetry operation' ?     ?     0.32397367  0.29072755  0.90028803  72.70404  -0.47445176 0.87322288  -0.11125337 46.62473   -0.81849654 -0.39110008 0.42083742  78.14100   
10 'point symmetry operation' ?     ?     0.14510258  -0.70469686 0.69451247  24.87325  -0.77821027 0.35219531  0.51994925  25.19336   -0.61101064 -0.61592273 -0.49729789 63.08624   
11 'point symmetry operation' ?     ?     -0.61927977 0.37023487  0.69240068  189.46628 0.37023487  -0.63996171 0.67333138  -180.24919 0.69240068  0.67333138  0.25924149  -7.79767   
12 'point symmetry operation' ?     ?     -0.74261694 -0.58601856 0.32419487  142.68587 0.56734064  -0.80770349 -0.16043582 -192.20719 0.35587169  0.06478657  0.93228645  -33.14194  
13 'point symmetry operation' ?     ?     -0.45996521 -0.58448848 -0.66843490 137.91588 0.84807223  -0.06614989 -0.52573537 -159.10472 0.26306937  -0.80870106 0.52611510  -76.21406  
14 'point symmetry operation' ?     ?     -0.16193965 0.37271060  -0.91370802 181.74828 0.82446812  0.55989722  0.08226429  -126.68827 0.54224336  -0.74000128 -0.39795757 -77.48982  
15 'point symmetry operation' ?     ?     -0.26040147 0.96276208  -0.07266538 213.60818 0.52914838  0.20526202  0.82332829  -139.75627 0.80758470  0.17594513  -0.56289453 -35.20616  
16 'point symmetry operation' ?     ?     -0.76670735 0.50394508  -0.39774263 245.07470 0.50394508  0.08859254  -0.85918026 -100.32051 -0.39774263 -0.85918026 -0.32188519 16.63915   
17 'point symmetry operation' ?     ?     -0.88745885 0.46079269  -0.00932089 244.93941 0.46079269  0.88668687  -0.03816380 -58.77149  -0.00932089 -0.03816380 -0.99922802 51.95761   
18 'point symmetry operation' ?     ?     -0.99642389 0.07051216  0.04655600  226.85229 0.07051216  0.39032880  0.91797138  -77.45735  0.04655600  0.91797138  -0.39390491 99.88910   
19 'point symmetry operation' ?     ?     -0.94301649 -0.12754210 -0.30733192 215.80913 -0.12754210 -0.71453169 0.68787896  -130.55487 -0.30733192 0.68787896  0.65754818  94.19393   
20 'point symmetry operation' ?     ?     -0.80104385 0.14033418  -0.58192358 227.07120 0.14033418  -0.90101496 -0.41046116 -144.68508 -0.58192358 -0.41046116 0.70205881  42.74264   
21 'point symmetry operation' ?     ?     -0.07012238 0.21063938  0.97504559  108.79731 -0.98815362 -0.14842995 -0.03899970 26.77500   0.13651110  -0.96622958 0.21855233  -65.42277  
22 'point symmetry operation' ?     ?     -0.18710198 -0.84479599 0.50131086  56.83640  -0.84479599 -0.12205436 -0.52098221 25.66470   0.50131086  -0.52098221 -0.69084366 -48.91328  
23 'point symmetry operation' ?     ?     0.14510258  -0.77821027 -0.61101064 54.54293  -0.70469686 0.35219531  -0.61592273 47.51137   0.69451247  0.51994925  -0.49729789 0.99860    
24 'point symmetry operation' ?     ?     0.46739589  0.31837734  -0.82472840 105.08640 -0.76146845 0.61892213  -0.19261668 62.12366   0.44911788  0.71803291  0.53171596  15.33635   
25 'point symmetry operation' ?     ?     0.33437955  0.92952004  0.15550825  138.61746 -0.93665436 0.30951871  0.16394135  49.30788   0.10425406  -0.20047612 0.97413572  -25.71431  
26 'point symmetry operation' ?     ?     -0.49850809 0.14801139  -0.85415591 201.17356 -0.24016851 0.92316628  0.30013849  13.08938   0.83295184  0.35476282  -0.42465818 -28.58011  
27 'point symmetry operation' ?     ?     -0.48167102 0.79341943  -0.37212716 233.88632 -0.59984814 0.01107374  0.80003724  -27.37906  0.63888593  0.60857454  0.47059727  -12.27325  
28 'point symmetry operation' ?     ?     -0.74261694 0.56734064  0.35587169  226.80218 -0.58601856 -0.80770349 0.06478657  -69.48270  0.32419487  -0.16043582 0.93228645  -46.19716  
29 'point symmetry operation' ?     ?     -0.92072747 -0.21779179 0.32377100  189.71118 -0.21779179 -0.40164313 -0.88952208 -55.03573  0.32377100  -0.88952208 0.32237060  -83.47015  
30 'point symmetry operation' ?     ?     -0.76985990 -0.47695152 -0.42406719 173.87182 -0.00404469 0.66809322  -0.74406658 -4.00339   0.63820010  -0.57111181 -0.51626730 -72.58222  
31 'point symmetry operation' ?     ?     0.79653364  0.49576590  0.34604960  49.94083  0.52998619  -0.29711916 -0.79425112 -133.38831 -0.29094466 0.81604925  -0.49941449 132.89938  
32 'point symmetry operation' ?     ?     0.51856947  -0.06587130 0.85249438  25.99053  0.63573038  0.69643710  -0.33289974 -84.39873  -0.57178018 0.71458822  0.40302741  132.52846  
33 'point symmetry operation' ?     ?     0.46739589  -0.76146845 0.44911788  -8.69958  0.31837734  0.61892213  0.71803291  -82.91884  -0.82472840 -0.19261668 0.53171596  90.47921   
34 'point symmetry operation' ?     ?     0.71373305  -0.62973393 -0.30662729 -6.18895  0.01649816  -0.42254101 0.90619363  -130.99380 -0.70022350 -0.65183913 -0.29119203 64.86226   
35 'point symmetry operation' ?     ?     0.91715136  0.14727962  -0.37032699 30.05281  0.14727962  -0.98868567 -0.02844930 -162.18565 -0.37032699 -0.02844930 -0.92846569 91.07937   
36 'point symmetry operation' ?     ?     -0.22790318 -0.85441667 -0.46693928 86.70458  0.69833594  -0.47761716 0.53311233  -201.15481 -0.67851828 -0.20458249 0.70552034  68.60182   
37 'point symmetry operation' ?     ?     0.15020352  0.11724785  -0.98167807 129.90303 0.80891375  -0.58545648 0.05384471  -208.56564 -0.56841661 -0.80218055 -0.18278102 36.15638   
38 'point symmetry operation' ?     ?     0.13011847  0.97233808  -0.19397894 173.97075 0.97233808  -0.16341394 -0.16689675 -189.78856 -0.19397894 -0.16689675 -0.96670453 62.21766   
39 'point symmetry operation' ?     ?     -0.26040147 0.52914838  0.80758470  158.00765 0.96276208  0.20526202  0.17594513  -170.77285 -0.07266538 0.82332829  -0.56289453 110.76985  
40 'point symmetry operation' ?     ?     -0.48167102 -0.59984814 0.63888593  104.07419 0.79341943  0.01107374  0.60857454  -177.79758 -0.37212716 0.80003724  0.47059727  114.71548  
41 'point symmetry operation' ?     ?     -0.07012238 -0.98815362 0.13651110  43.01788  0.21063938  -0.14842995 -0.96622958 -82.15620  0.97504559  -0.03899970 0.21855233  -90.73983  
42 'point symmetry operation' ?     ?     0.32397367  -0.47445176 -0.81849654 62.52513  0.29072755  0.87322288  -0.39110008 -31.28989  0.90028803  -0.11125337 0.42083742  -93.15207  
43 'point symmetry operation' ?     ?     0.51856947  0.63573038  -0.57178018 115.95408 -0.06587130 0.69643710  0.71458822  -34.21284  0.85249438  -0.33289974 0.40302741  -103.66570 
44 'point symmetry operation' ?     ?     0.24474025  0.80815882  0.53570656  129.46774 -0.36634968 -0.43447537 0.82281168  -86.88563  0.89771383  -0.39763106 0.18973511  -107.75123 
45 'point symmetry operation' ?     ?     -0.11909132 -0.19545668 0.97345464  84.39069  -0.19545668 -0.95663192 -0.21599085 -116.51626 0.97345464  -0.21599085 0.07572325  -99.76260  
46 'point symmetry operation' ?     ?     0.79653364  0.52998619  -0.29094466 69.58078  0.49576590  -0.29711916 0.81604925  -172.84362 0.34604960  -0.79425112 -0.49941449 -56.85394  
47 'point symmetry operation' ?     ?     0.53036718  0.54008403  0.65346759  74.66257  0.54008403  -0.80939818 0.23061616  -199.79808 0.65346759  0.23061616  -0.72096900 -9.72258   
48 'point symmetry operation' ?     ?     0.24474025  -0.36634968 0.89771383  33.21328  0.80815882  -0.43447537 -0.39763106 -185.22540 0.53570656  0.82281168  0.18973511  22.57799   
49 'point symmetry operation' ?     ?     0.33437955  -0.93665436 0.10425406  2.51442   0.92952004  0.30951871  -0.20047612 -149.26452 0.15550825  0.16394135  0.97413572  -4.59053   
50 'point symmetry operation' ?     ?     0.67540662  -0.38268834 -0.63037728 24.99077  0.73645058  0.39440951  0.54961956  -141.61216 0.03829380  -0.83545842 0.54821784  -53.68216  
51 'point symmetry operation' ?     ?     -0.22790318 0.69833594  -0.67851828 206.78147 -0.85441667 -0.47761716 -0.20458249 -7.95842   -0.46693928 0.53311233  0.70552034  99.32390   
52 'point symmetry operation' ?     ?     -0.45996521 0.84807223  0.26306937  218.41839 -0.58448848 -0.06614989 -0.80870106 8.45109    -0.66843490 -0.52573537 0.52611510  48.63818   
53 'point symmetry operation' ?     ?     -0.76985990 -0.00404469 0.63820010  180.16273 -0.47695152 0.66809322  -0.57111181 44.15050   -0.42406719 -0.74406658 -0.51626730 33.28272   
54 'point symmetry operation' ?     ?     -0.72932333 -0.68041821 -0.07154401 144.88251 -0.68041821 0.71041314  0.17984499  49.80443   -0.07154401 0.17984499  -0.98108981 74.47826   
55 'point symmetry operation' ?     ?     -0.39437564 -0.24632311 -0.88532071 161.33379 -0.91370450 0.00232519  0.40637257  17.59935   -0.09804041 0.96918498  -0.22598353 115.29395  
56 'point symmetry operation' ?     ?     -0.49850809 -0.24016851 0.83295184  127.23616 0.14801139  0.92316628  0.35476282  -31.72049  -0.85415591 0.30013849  -0.42465818 155.76818  
57 'point symmetry operation' ?     ?     -0.39437564 -0.91370450 -0.09804041 91.01019  -0.24632311 0.00232519  0.96918498  -72.04185  -0.88532071 0.40637257  -0.22598353 161.73479  
58 'point symmetry operation' ?     ?     0.00655017  -0.26533601 -0.96413375 117.28618 -0.26533601 -0.93005495 0.25415465  -119.39099 -0.96413375 0.25415465  -0.07649523 155.30330  
59 'point symmetry operation' ?     ?     0.15020352  0.80891375  -0.56841661 169.75161 0.11724785  -0.58545648 -0.80218055 -108.33301 -0.98167807 0.05384471  -0.18278102 145.36182  
60 'point symmetry operation' ?     ?     -0.16193965 0.82446812  0.54224336  175.90103 0.37271060  0.55989722  -0.74000128 -54.14966  -0.91370802 0.08226429  -0.39795757 145.64912  
# 
_pdbx_point_symmetry.entry_id             1XYR 
_pdbx_point_symmetry.Schoenflies_symbol   I 
_pdbx_point_symmetry.H-M_notation         532 
_pdbx_point_symmetry.circular_symmetry    ? 
# 
_pdbx_database_remark.id     999 
_pdbx_database_remark.text   
;SEQUENCE
VP1: 
Chain 1 consists of residues 71-302 of VP1.
The residues that make up Chain 8 have been identified
as residues 42-52 but the identification is very 
tentative at this point. 
Residues 1-41 and 53-70 of VP1 are not present in the 
model. The authors suspect that residues 1-41 are mostly 
disordered, and that residues 53-70 may be differently 
ordered than in the native, but are not buildable at 
this resolution. 

VP2:
Chain 2 consists of residues 28-264 of VP2.
Chain 7 includes residues 13-26 from a
(icosahedral-symmetry-related) copy of VP2.
An alpha carbon from residue 27 is deliberately missing 
from the rigid-body model to create a hinge point for the 
modeling.
Residues 26 (of chain 7) and 28 (of chain 2) are very far
from one another in space because they come from different
icosahedral-symmetry-related copies of VP2.
Residues 1-12 of VP2 are probably disordered.
Residues 265-272 of VP2 could not be modeled.

VP3: 
Alpha carbons for 13 and 49 were deliberately omitted from 
the rigid-body model, to create hinge points for the 
modeling.
C-terminal residues 232-235 or 233-235 (chain 3) are 
missing from all of the high-resolution (type 1 mahoney) 
native poliovirus structures, either due to disorder or 
proteolysis.
AUTHOR HAS MODELLED RESIDUES 123 OF CHAIN 3 AS SER, WHEREAS
THE CORRESPONDING RESIDUE 463 IN SWISSPROT IS PHE.  THE
AUTHOR CLAIMS THERE IS AN ERROR IN SWISSPROT AND THAT
RESIDUE 123 SHOULD BE SER.
;
# 
_em_3d_fitting.id                1 
_em_3d_fitting.entry_id          1XYR 
_em_3d_fitting.ref_protocol      'RIGID BODY FIT' 
_em_3d_fitting.ref_space         RECIPROCAL 
_em_3d_fitting.overall_b_value   ? 
_em_3d_fitting.target_criteria   
;amplitude-weighted phase error, and the summation of the squared model-based 
amplitudes.
;
_em_3d_fitting.details           
;METHOD--gradient search REFINEMENT PROTOCOL--Rigid body (chains 1 and 6 as one 
rigid body, chains 3 and 7 as one rigid body, chains 2 and 8 as individual 
rigid bodies, chain 5 placed along 5fold axis visually)
;
_em_3d_fitting.method            ? 
# 
_em_3d_fitting_list.3d_fitting_id                 1 
_em_3d_fitting_list.id                            1 
_em_3d_fitting_list.pdb_entry_id                  1HXS 
_em_3d_fitting_list.pdb_chain_id                  ? 
_em_3d_fitting_list.details                       ? 
_em_3d_fitting_list.initial_refinement_model_id   1 
_em_3d_fitting_list.chain_id                      ? 
_em_3d_fitting_list.chain_residue_range           ? 
_em_3d_fitting_list.pdb_chain_residue_range       ? 
_em_3d_fitting_list.source_name                   PDB 
_em_3d_fitting_list.type                          'experimental model' 
_em_3d_fitting_list.accession_code                1HXS 
# 
_em_3d_reconstruction.entry_id                    1XYR 
_em_3d_reconstruction.id                          1 
_em_3d_reconstruction.symmetry_type               POINT 
_em_3d_reconstruction.num_particles               3641 
_em_3d_reconstruction.image_processing_id         1 
_em_3d_reconstruction.method                      'icosahedrally symmetric model-based orientation search (PFT and EM3DR)' 
_em_3d_reconstruction.nominal_pixel_size          2.69 
_em_3d_reconstruction.actual_pixel_size           2.69 
_em_3d_reconstruction.resolution                  11 
_em_3d_reconstruction.magnification_calibration   
'radial scaling to previous low-resolution reconstruction which had been calibrated to crystal structure of native virus' 
_em_3d_reconstruction.details                     ? 
_em_3d_reconstruction.resolution_method           ? 
_em_3d_reconstruction.num_class_averages          ? 
_em_3d_reconstruction.algorithm                   ? 
# 
_em_buffer.id            1 
_em_buffer.specimen_id   1 
_em_buffer.name          '20mM HEPES, 2mM CaCl2' 
_em_buffer.pH            7.4 
_em_buffer.details       '20mM HEPES, 2mM CaCl2' 
# 
_em_entity_assembly.id                   1 
_em_entity_assembly.name                 'POLIOVIRUS 135S CELL ENTRY INTERMEDIATE' 
_em_entity_assembly.type                 VIRUS 
_em_entity_assembly.parent_id            0 
_em_entity_assembly.synonym              ? 
_em_entity_assembly.details              
'135S was made by heating native virus in 20mM HEPES pH 7.4, 2mM CaCl2 at 50 degrees for 3 minutes' 
_em_entity_assembly.oligomeric_details   ? 
# 
_em_imaging.entry_id                        1XYR 
_em_imaging.id                              1 
_em_imaging.specimen_id                     1 
_em_imaging.date                            2002-09-17 
_em_imaging.temperature                     77 
_em_imaging.microscope_model                'FEI TECNAI F20' 
_em_imaging.nominal_defocus_min             900 
_em_imaging.nominal_defocus_max             3000 
_em_imaging.tilt_angle_min                  0.0 
_em_imaging.tilt_angle_max                  0.0 
_em_imaging.nominal_cs                      2.0 
_em_imaging.mode                            'BRIGHT FIELD' 
_em_imaging.illumination_mode               'FLOOD BEAM' 
_em_imaging.nominal_magnification           50000 
_em_imaging.calibrated_magnification        50000 
_em_imaging.electron_source                 'FIELD EMISSION GUN' 
_em_imaging.accelerating_voltage            200 
_em_imaging.details                         'Focal pairs were taken' 
_em_imaging.specimen_holder_type            ? 
_em_imaging.specimen_holder_model           ? 
_em_imaging.citation_id                     ? 
_em_imaging.detector_distance               ? 
_em_imaging.recording_temperature_maximum   ? 
_em_imaging.recording_temperature_minimum   ? 
_em_imaging.astigmatism                     ? 
_em_imaging.electron_beam_tilt_params       ? 
# 
_em_sample_support.id               1 
_em_sample_support.specimen_id      1 
_em_sample_support.details          'Quantifoil Holey Carbon Grids (R2/2)' 
_em_sample_support.film_material    ? 
_em_sample_support.grid_material    ? 
_em_sample_support.grid_mesh_size   ? 
_em_sample_support.grid_type        ? 
_em_sample_support.method           ? 
# 
_em_virus_entity.id                    1 
_em_virus_entity.virus_host_category   VERTEBRATES 
_em_virus_entity.entity_assembly_id    1 
_em_virus_entity.virus_type            VIRION 
_em_virus_entity.virus_isolate         . 
_em_virus_entity.empty                 . 
_em_virus_entity.enveloped             . 
_em_virus_entity.details               ? 
# 
_em_vitrification.entry_id              1XYR 
_em_vitrification.id                    1 
_em_vitrification.cryogen_name          ETHANE 
_em_vitrification.details               'Plunge freezing into liquid ethane' 
_em_vitrification.citation_id           ? 
_em_vitrification.humidity              ? 
_em_vitrification.instrument            ? 
_em_vitrification.method                ? 
_em_vitrification.specimen_id           1 
_em_vitrification.temp                  ? 
_em_vitrification.time_resolved_state   ? 
# 
_em_experiment.entry_id                1XYR 
_em_experiment.id                      1 
_em_experiment.aggregation_state       PARTICLE 
_em_experiment.entity_assembly_id      1 
_em_experiment.reconstruction_method   'SINGLE PARTICLE' 
# 
_em_single_particle_entity.entry_id              1XYR 
_em_single_particle_entity.id                    1 
_em_single_particle_entity.point_symmetry        I 
_em_single_particle_entity.image_processing_id   1 
# 
loop_
_chem_comp_atom.comp_id 
_chem_comp_atom.atom_id 
_chem_comp_atom.type_symbol 
_chem_comp_atom.pdbx_aromatic_flag 
_chem_comp_atom.pdbx_stereo_config 
_chem_comp_atom.pdbx_ordinal 
ALA N    N N N 1   
ALA CA   C N S 2   
ALA C    C N N 3   
ALA O    O N N 4   
ALA CB   C N N 5   
ALA OXT  O N N 6   
ALA H    H N N 7   
ALA H2   H N N 8   
ALA HA   H N N 9   
ALA HB1  H N N 10  
ALA HB2  H N N 11  
ALA HB3  H N N 12  
ALA HXT  H N N 13  
ARG N    N N N 14  
ARG CA   C N S 15  
ARG C    C N N 16  
ARG O    O N N 17  
ARG CB   C N N 18  
ARG CG   C N N 19  
ARG CD   C N N 20  
ARG NE   N N N 21  
ARG CZ   C N N 22  
ARG NH1  N N N 23  
ARG NH2  N N N 24  
ARG OXT  O N N 25  
ARG H    H N N 26  
ARG H2   H N N 27  
ARG HA   H N N 28  
ARG HB2  H N N 29  
ARG HB3  H N N 30  
ARG HG2  H N N 31  
ARG HG3  H N N 32  
ARG HD2  H N N 33  
ARG HD3  H N N 34  
ARG HE   H N N 35  
ARG HH11 H N N 36  
ARG HH12 H N N 37  
ARG HH21 H N N 38  
ARG HH22 H N N 39  
ARG HXT  H N N 40  
ASN N    N N N 41  
ASN CA   C N S 42  
ASN C    C N N 43  
ASN O    O N N 44  
ASN CB   C N N 45  
ASN CG   C N N 46  
ASN OD1  O N N 47  
ASN ND2  N N N 48  
ASN OXT  O N N 49  
ASN H    H N N 50  
ASN H2   H N N 51  
ASN HA   H N N 52  
ASN HB2  H N N 53  
ASN HB3  H N N 54  
ASN HD21 H N N 55  
ASN HD22 H N N 56  
ASN HXT  H N N 57  
ASP N    N N N 58  
ASP CA   C N S 59  
ASP C    C N N 60  
ASP O    O N N 61  
ASP CB   C N N 62  
ASP CG   C N N 63  
ASP OD1  O N N 64  
ASP OD2  O N N 65  
ASP OXT  O N N 66  
ASP H    H N N 67  
ASP H2   H N N 68  
ASP HA   H N N 69  
ASP HB2  H N N 70  
ASP HB3  H N N 71  
ASP HD2  H N N 72  
ASP HXT  H N N 73  
CYS N    N N N 74  
CYS CA   C N R 75  
CYS C    C N N 76  
CYS O    O N N 77  
CYS CB   C N N 78  
CYS SG   S N N 79  
CYS OXT  O N N 80  
CYS H    H N N 81  
CYS H2   H N N 82  
CYS HA   H N N 83  
CYS HB2  H N N 84  
CYS HB3  H N N 85  
CYS HG   H N N 86  
CYS HXT  H N N 87  
GLN N    N N N 88  
GLN CA   C N S 89  
GLN C    C N N 90  
GLN O    O N N 91  
GLN CB   C N N 92  
GLN CG   C N N 93  
GLN CD   C N N 94  
GLN OE1  O N N 95  
GLN NE2  N N N 96  
GLN OXT  O N N 97  
GLN H    H N N 98  
GLN H2   H N N 99  
GLN HA   H N N 100 
GLN HB2  H N N 101 
GLN HB3  H N N 102 
GLN HG2  H N N 103 
GLN HG3  H N N 104 
GLN HE21 H N N 105 
GLN HE22 H N N 106 
GLN HXT  H N N 107 
GLU N    N N N 108 
GLU CA   C N S 109 
GLU C    C N N 110 
GLU O    O N N 111 
GLU CB   C N N 112 
GLU CG   C N N 113 
GLU CD   C N N 114 
GLU OE1  O N N 115 
GLU OE2  O N N 116 
GLU OXT  O N N 117 
GLU H    H N N 118 
GLU H2   H N N 119 
GLU HA   H N N 120 
GLU HB2  H N N 121 
GLU HB3  H N N 122 
GLU HG2  H N N 123 
GLU HG3  H N N 124 
GLU HE2  H N N 125 
GLU HXT  H N N 126 
GLY N    N N N 127 
GLY CA   C N N 128 
GLY C    C N N 129 
GLY O    O N N 130 
GLY OXT  O N N 131 
GLY H    H N N 132 
GLY H2   H N N 133 
GLY HA2  H N N 134 
GLY HA3  H N N 135 
GLY HXT  H N N 136 
HIS N    N N N 137 
HIS CA   C N S 138 
HIS C    C N N 139 
HIS O    O N N 140 
HIS CB   C N N 141 
HIS CG   C Y N 142 
HIS ND1  N Y N 143 
HIS CD2  C Y N 144 
HIS CE1  C Y N 145 
HIS NE2  N Y N 146 
HIS OXT  O N N 147 
HIS H    H N N 148 
HIS H2   H N N 149 
HIS HA   H N N 150 
HIS HB2  H N N 151 
HIS HB3  H N N 152 
HIS HD1  H N N 153 
HIS HD2  H N N 154 
HIS HE1  H N N 155 
HIS HE2  H N N 156 
HIS HXT  H N N 157 
ILE N    N N N 158 
ILE CA   C N S 159 
ILE C    C N N 160 
ILE O    O N N 161 
ILE CB   C N S 162 
ILE CG1  C N N 163 
ILE CG2  C N N 164 
ILE CD1  C N N 165 
ILE OXT  O N N 166 
ILE H    H N N 167 
ILE H2   H N N 168 
ILE HA   H N N 169 
ILE HB   H N N 170 
ILE HG12 H N N 171 
ILE HG13 H N N 172 
ILE HG21 H N N 173 
ILE HG22 H N N 174 
ILE HG23 H N N 175 
ILE HD11 H N N 176 
ILE HD12 H N N 177 
ILE HD13 H N N 178 
ILE HXT  H N N 179 
LEU N    N N N 180 
LEU CA   C N S 181 
LEU C    C N N 182 
LEU O    O N N 183 
LEU CB   C N N 184 
LEU CG   C N N 185 
LEU CD1  C N N 186 
LEU CD2  C N N 187 
LEU OXT  O N N 188 
LEU H    H N N 189 
LEU H2   H N N 190 
LEU HA   H N N 191 
LEU HB2  H N N 192 
LEU HB3  H N N 193 
LEU HG   H N N 194 
LEU HD11 H N N 195 
LEU HD12 H N N 196 
LEU HD13 H N N 197 
LEU HD21 H N N 198 
LEU HD22 H N N 199 
LEU HD23 H N N 200 
LEU HXT  H N N 201 
LYS N    N N N 202 
LYS CA   C N S 203 
LYS C    C N N 204 
LYS O    O N N 205 
LYS CB   C N N 206 
LYS CG   C N N 207 
LYS CD   C N N 208 
LYS CE   C N N 209 
LYS NZ   N N N 210 
LYS OXT  O N N 211 
LYS H    H N N 212 
LYS H2   H N N 213 
LYS HA   H N N 214 
LYS HB2  H N N 215 
LYS HB3  H N N 216 
LYS HG2  H N N 217 
LYS HG3  H N N 218 
LYS HD2  H N N 219 
LYS HD3  H N N 220 
LYS HE2  H N N 221 
LYS HE3  H N N 222 
LYS HZ1  H N N 223 
LYS HZ2  H N N 224 
LYS HZ3  H N N 225 
LYS HXT  H N N 226 
MET N    N N N 227 
MET CA   C N S 228 
MET C    C N N 229 
MET O    O N N 230 
MET CB   C N N 231 
MET CG   C N N 232 
MET SD   S N N 233 
MET CE   C N N 234 
MET OXT  O N N 235 
MET H    H N N 236 
MET H2   H N N 237 
MET HA   H N N 238 
MET HB2  H N N 239 
MET HB3  H N N 240 
MET HG2  H N N 241 
MET HG3  H N N 242 
MET HE1  H N N 243 
MET HE2  H N N 244 
MET HE3  H N N 245 
MET HXT  H N N 246 
PHE N    N N N 247 
PHE CA   C N S 248 
PHE C    C N N 249 
PHE O    O N N 250 
PHE CB   C N N 251 
PHE CG   C Y N 252 
PHE CD1  C Y N 253 
PHE CD2  C Y N 254 
PHE CE1  C Y N 255 
PHE CE2  C Y N 256 
PHE CZ   C Y N 257 
PHE OXT  O N N 258 
PHE H    H N N 259 
PHE H2   H N N 260 
PHE HA   H N N 261 
PHE HB2  H N N 262 
PHE HB3  H N N 263 
PHE HD1  H N N 264 
PHE HD2  H N N 265 
PHE HE1  H N N 266 
PHE HE2  H N N 267 
PHE HZ   H N N 268 
PHE HXT  H N N 269 
PRO N    N N N 270 
PRO CA   C N S 271 
PRO C    C N N 272 
PRO O    O N N 273 
PRO CB   C N N 274 
PRO CG   C N N 275 
PRO CD   C N N 276 
PRO OXT  O N N 277 
PRO H    H N N 278 
PRO HA   H N N 279 
PRO HB2  H N N 280 
PRO HB3  H N N 281 
PRO HG2  H N N 282 
PRO HG3  H N N 283 
PRO HD2  H N N 284 
PRO HD3  H N N 285 
PRO HXT  H N N 286 
SER N    N N N 287 
SER CA   C N S 288 
SER C    C N N 289 
SER O    O N N 290 
SER CB   C N N 291 
SER OG   O N N 292 
SER OXT  O N N 293 
SER H    H N N 294 
SER H2   H N N 295 
SER HA   H N N 296 
SER HB2  H N N 297 
SER HB3  H N N 298 
SER HG   H N N 299 
SER HXT  H N N 300 
THR N    N N N 301 
THR CA   C N S 302 
THR C    C N N 303 
THR O    O N N 304 
THR CB   C N R 305 
THR OG1  O N N 306 
THR CG2  C N N 307 
THR OXT  O N N 308 
THR H    H N N 309 
THR H2   H N N 310 
THR HA   H N N 311 
THR HB   H N N 312 
THR HG1  H N N 313 
THR HG21 H N N 314 
THR HG22 H N N 315 
THR HG23 H N N 316 
THR HXT  H N N 317 
TRP N    N N N 318 
TRP CA   C N S 319 
TRP C    C N N 320 
TRP O    O N N 321 
TRP CB   C N N 322 
TRP CG   C Y N 323 
TRP CD1  C Y N 324 
TRP CD2  C Y N 325 
TRP NE1  N Y N 326 
TRP CE2  C Y N 327 
TRP CE3  C Y N 328 
TRP CZ2  C Y N 329 
TRP CZ3  C Y N 330 
TRP CH2  C Y N 331 
TRP OXT  O N N 332 
TRP H    H N N 333 
TRP H2   H N N 334 
TRP HA   H N N 335 
TRP HB2  H N N 336 
TRP HB3  H N N 337 
TRP HD1  H N N 338 
TRP HE1  H N N 339 
TRP HE3  H N N 340 
TRP HZ2  H N N 341 
TRP HZ3  H N N 342 
TRP HH2  H N N 343 
TRP HXT  H N N 344 
TYR N    N N N 345 
TYR CA   C N S 346 
TYR C    C N N 347 
TYR O    O N N 348 
TYR CB   C N N 349 
TYR CG   C Y N 350 
TYR CD1  C Y N 351 
TYR CD2  C Y N 352 
TYR CE1  C Y N 353 
TYR CE2  C Y N 354 
TYR CZ   C Y N 355 
TYR OH   O N N 356 
TYR OXT  O N N 357 
TYR H    H N N 358 
TYR H2   H N N 359 
TYR HA   H N N 360 
TYR HB2  H N N 361 
TYR HB3  H N N 362 
TYR HD1  H N N 363 
TYR HD2  H N N 364 
TYR HE1  H N N 365 
TYR HE2  H N N 366 
TYR HH   H N N 367 
TYR HXT  H N N 368 
VAL N    N N N 369 
VAL CA   C N S 370 
VAL C    C N N 371 
VAL O    O N N 372 
VAL CB   C N N 373 
VAL CG1  C N N 374 
VAL CG2  C N N 375 
VAL OXT  O N N 376 
VAL H    H N N 377 
VAL H2   H N N 378 
VAL HA   H N N 379 
VAL HB   H N N 380 
VAL HG11 H N N 381 
VAL HG12 H N N 382 
VAL HG13 H N N 383 
VAL HG21 H N N 384 
VAL HG22 H N N 385 
VAL HG23 H N N 386 
VAL HXT  H N N 387 
# 
loop_
_chem_comp_bond.comp_id 
_chem_comp_bond.atom_id_1 
_chem_comp_bond.atom_id_2 
_chem_comp_bond.value_order 
_chem_comp_bond.pdbx_aromatic_flag 
_chem_comp_bond.pdbx_stereo_config 
_chem_comp_bond.pdbx_ordinal 
ALA N   CA   sing N N 1   
ALA N   H    sing N N 2   
ALA N   H2   sing N N 3   
ALA CA  C    sing N N 4   
ALA CA  CB   sing N N 5   
ALA CA  HA   sing N N 6   
ALA C   O    doub N N 7   
ALA C   OXT  sing N N 8   
ALA CB  HB1  sing N N 9   
ALA CB  HB2  sing N N 10  
ALA CB  HB3  sing N N 11  
ALA OXT HXT  sing N N 12  
ARG N   CA   sing N N 13  
ARG N   H    sing N N 14  
ARG N   H2   sing N N 15  
ARG CA  C    sing N N 16  
ARG CA  CB   sing N N 17  
ARG CA  HA   sing N N 18  
ARG C   O    doub N N 19  
ARG C   OXT  sing N N 20  
ARG CB  CG   sing N N 21  
ARG CB  HB2  sing N N 22  
ARG CB  HB3  sing N N 23  
ARG CG  CD   sing N N 24  
ARG CG  HG2  sing N N 25  
ARG CG  HG3  sing N N 26  
ARG CD  NE   sing N N 27  
ARG CD  HD2  sing N N 28  
ARG CD  HD3  sing N N 29  
ARG NE  CZ   sing N N 30  
ARG NE  HE   sing N N 31  
ARG CZ  NH1  sing N N 32  
ARG CZ  NH2  doub N N 33  
ARG NH1 HH11 sing N N 34  
ARG NH1 HH12 sing N N 35  
ARG NH2 HH21 sing N N 36  
ARG NH2 HH22 sing N N 37  
ARG OXT HXT  sing N N 38  
ASN N   CA   sing N N 39  
ASN N   H    sing N N 40  
ASN N   H2   sing N N 41  
ASN CA  C    sing N N 42  
ASN CA  CB   sing N N 43  
ASN CA  HA   sing N N 44  
ASN C   O    doub N N 45  
ASN C   OXT  sing N N 46  
ASN CB  CG   sing N N 47  
ASN CB  HB2  sing N N 48  
ASN CB  HB3  sing N N 49  
ASN CG  OD1  doub N N 50  
ASN CG  ND2  sing N N 51  
ASN ND2 HD21 sing N N 52  
ASN ND2 HD22 sing N N 53  
ASN OXT HXT  sing N N 54  
ASP N   CA   sing N N 55  
ASP N   H    sing N N 56  
ASP N   H2   sing N N 57  
ASP CA  C    sing N N 58  
ASP CA  CB   sing N N 59  
ASP CA  HA   sing N N 60  
ASP C   O    doub N N 61  
ASP C   OXT  sing N N 62  
ASP CB  CG   sing N N 63  
ASP CB  HB2  sing N N 64  
ASP CB  HB3  sing N N 65  
ASP CG  OD1  doub N N 66  
ASP CG  OD2  sing N N 67  
ASP OD2 HD2  sing N N 68  
ASP OXT HXT  sing N N 69  
CYS N   CA   sing N N 70  
CYS N   H    sing N N 71  
CYS N   H2   sing N N 72  
CYS CA  C    sing N N 73  
CYS CA  CB   sing N N 74  
CYS CA  HA   sing N N 75  
CYS C   O    doub N N 76  
CYS C   OXT  sing N N 77  
CYS CB  SG   sing N N 78  
CYS CB  HB2  sing N N 79  
CYS CB  HB3  sing N N 80  
CYS SG  HG   sing N N 81  
CYS OXT HXT  sing N N 82  
GLN N   CA   sing N N 83  
GLN N   H    sing N N 84  
GLN N   H2   sing N N 85  
GLN CA  C    sing N N 86  
GLN CA  CB   sing N N 87  
GLN CA  HA   sing N N 88  
GLN C   O    doub N N 89  
GLN C   OXT  sing N N 90  
GLN CB  CG   sing N N 91  
GLN CB  HB2  sing N N 92  
GLN CB  HB3  sing N N 93  
GLN CG  CD   sing N N 94  
GLN CG  HG2  sing N N 95  
GLN CG  HG3  sing N N 96  
GLN CD  OE1  doub N N 97  
GLN CD  NE2  sing N N 98  
GLN NE2 HE21 sing N N 99  
GLN NE2 HE22 sing N N 100 
GLN OXT HXT  sing N N 101 
GLU N   CA   sing N N 102 
GLU N   H    sing N N 103 
GLU N   H2   sing N N 104 
GLU CA  C    sing N N 105 
GLU CA  CB   sing N N 106 
GLU CA  HA   sing N N 107 
GLU C   O    doub N N 108 
GLU C   OXT  sing N N 109 
GLU CB  CG   sing N N 110 
GLU CB  HB2  sing N N 111 
GLU CB  HB3  sing N N 112 
GLU CG  CD   sing N N 113 
GLU CG  HG2  sing N N 114 
GLU CG  HG3  sing N N 115 
GLU CD  OE1  doub N N 116 
GLU CD  OE2  sing N N 117 
GLU OE2 HE2  sing N N 118 
GLU OXT HXT  sing N N 119 
GLY N   CA   sing N N 120 
GLY N   H    sing N N 121 
GLY N   H2   sing N N 122 
GLY CA  C    sing N N 123 
GLY CA  HA2  sing N N 124 
GLY CA  HA3  sing N N 125 
GLY C   O    doub N N 126 
GLY C   OXT  sing N N 127 
GLY OXT HXT  sing N N 128 
HIS N   CA   sing N N 129 
HIS N   H    sing N N 130 
HIS N   H2   sing N N 131 
HIS CA  C    sing N N 132 
HIS CA  CB   sing N N 133 
HIS CA  HA   sing N N 134 
HIS C   O    doub N N 135 
HIS C   OXT  sing N N 136 
HIS CB  CG   sing N N 137 
HIS CB  HB2  sing N N 138 
HIS CB  HB3  sing N N 139 
HIS CG  ND1  sing Y N 140 
HIS CG  CD2  doub Y N 141 
HIS ND1 CE1  doub Y N 142 
HIS ND1 HD1  sing N N 143 
HIS CD2 NE2  sing Y N 144 
HIS CD2 HD2  sing N N 145 
HIS CE1 NE2  sing Y N 146 
HIS CE1 HE1  sing N N 147 
HIS NE2 HE2  sing N N 148 
HIS OXT HXT  sing N N 149 
ILE N   CA   sing N N 150 
ILE N   H    sing N N 151 
ILE N   H2   sing N N 152 
ILE CA  C    sing N N 153 
ILE CA  CB   sing N N 154 
ILE CA  HA   sing N N 155 
ILE C   O    doub N N 156 
ILE C   OXT  sing N N 157 
ILE CB  CG1  sing N N 158 
ILE CB  CG2  sing N N 159 
ILE CB  HB   sing N N 160 
ILE CG1 CD1  sing N N 161 
ILE CG1 HG12 sing N N 162 
ILE CG1 HG13 sing N N 163 
ILE CG2 HG21 sing N N 164 
ILE CG2 HG22 sing N N 165 
ILE CG2 HG23 sing N N 166 
ILE CD1 HD11 sing N N 167 
ILE CD1 HD12 sing N N 168 
ILE CD1 HD13 sing N N 169 
ILE OXT HXT  sing N N 170 
LEU N   CA   sing N N 171 
LEU N   H    sing N N 172 
LEU N   H2   sing N N 173 
LEU CA  C    sing N N 174 
LEU CA  CB   sing N N 175 
LEU CA  HA   sing N N 176 
LEU C   O    doub N N 177 
LEU C   OXT  sing N N 178 
LEU CB  CG   sing N N 179 
LEU CB  HB2  sing N N 180 
LEU CB  HB3  sing N N 181 
LEU CG  CD1  sing N N 182 
LEU CG  CD2  sing N N 183 
LEU CG  HG   sing N N 184 
LEU CD1 HD11 sing N N 185 
LEU CD1 HD12 sing N N 186 
LEU CD1 HD13 sing N N 187 
LEU CD2 HD21 sing N N 188 
LEU CD2 HD22 sing N N 189 
LEU CD2 HD23 sing N N 190 
LEU OXT HXT  sing N N 191 
LYS N   CA   sing N N 192 
LYS N   H    sing N N 193 
LYS N   H2   sing N N 194 
LYS CA  C    sing N N 195 
LYS CA  CB   sing N N 196 
LYS CA  HA   sing N N 197 
LYS C   O    doub N N 198 
LYS C   OXT  sing N N 199 
LYS CB  CG   sing N N 200 
LYS CB  HB2  sing N N 201 
LYS CB  HB3  sing N N 202 
LYS CG  CD   sing N N 203 
LYS CG  HG2  sing N N 204 
LYS CG  HG3  sing N N 205 
LYS CD  CE   sing N N 206 
LYS CD  HD2  sing N N 207 
LYS CD  HD3  sing N N 208 
LYS CE  NZ   sing N N 209 
LYS CE  HE2  sing N N 210 
LYS CE  HE3  sing N N 211 
LYS NZ  HZ1  sing N N 212 
LYS NZ  HZ2  sing N N 213 
LYS NZ  HZ3  sing N N 214 
LYS OXT HXT  sing N N 215 
MET N   CA   sing N N 216 
MET N   H    sing N N 217 
MET N   H2   sing N N 218 
MET CA  C    sing N N 219 
MET CA  CB   sing N N 220 
MET CA  HA   sing N N 221 
MET C   O    doub N N 222 
MET C   OXT  sing N N 223 
MET CB  CG   sing N N 224 
MET CB  HB2  sing N N 225 
MET CB  HB3  sing N N 226 
MET CG  SD   sing N N 227 
MET CG  HG2  sing N N 228 
MET CG  HG3  sing N N 229 
MET SD  CE   sing N N 230 
MET CE  HE1  sing N N 231 
MET CE  HE2  sing N N 232 
MET CE  HE3  sing N N 233 
MET OXT HXT  sing N N 234 
PHE N   CA   sing N N 235 
PHE N   H    sing N N 236 
PHE N   H2   sing N N 237 
PHE CA  C    sing N N 238 
PHE CA  CB   sing N N 239 
PHE CA  HA   sing N N 240 
PHE C   O    doub N N 241 
PHE C   OXT  sing N N 242 
PHE CB  CG   sing N N 243 
PHE CB  HB2  sing N N 244 
PHE CB  HB3  sing N N 245 
PHE CG  CD1  doub Y N 246 
PHE CG  CD2  sing Y N 247 
PHE CD1 CE1  sing Y N 248 
PHE CD1 HD1  sing N N 249 
PHE CD2 CE2  doub Y N 250 
PHE CD2 HD2  sing N N 251 
PHE CE1 CZ   doub Y N 252 
PHE CE1 HE1  sing N N 253 
PHE CE2 CZ   sing Y N 254 
PHE CE2 HE2  sing N N 255 
PHE CZ  HZ   sing N N 256 
PHE OXT HXT  sing N N 257 
PRO N   CA   sing N N 258 
PRO N   CD   sing N N 259 
PRO N   H    sing N N 260 
PRO CA  C    sing N N 261 
PRO CA  CB   sing N N 262 
PRO CA  HA   sing N N 263 
PRO C   O    doub N N 264 
PRO C   OXT  sing N N 265 
PRO CB  CG   sing N N 266 
PRO CB  HB2  sing N N 267 
PRO CB  HB3  sing N N 268 
PRO CG  CD   sing N N 269 
PRO CG  HG2  sing N N 270 
PRO CG  HG3  sing N N 271 
PRO CD  HD2  sing N N 272 
PRO CD  HD3  sing N N 273 
PRO OXT HXT  sing N N 274 
SER N   CA   sing N N 275 
SER N   H    sing N N 276 
SER N   H2   sing N N 277 
SER CA  C    sing N N 278 
SER CA  CB   sing N N 279 
SER CA  HA   sing N N 280 
SER C   O    doub N N 281 
SER C   OXT  sing N N 282 
SER CB  OG   sing N N 283 
SER CB  HB2  sing N N 284 
SER CB  HB3  sing N N 285 
SER OG  HG   sing N N 286 
SER OXT HXT  sing N N 287 
THR N   CA   sing N N 288 
THR N   H    sing N N 289 
THR N   H2   sing N N 290 
THR CA  C    sing N N 291 
THR CA  CB   sing N N 292 
THR CA  HA   sing N N 293 
THR C   O    doub N N 294 
THR C   OXT  sing N N 295 
THR CB  OG1  sing N N 296 
THR CB  CG2  sing N N 297 
THR CB  HB   sing N N 298 
THR OG1 HG1  sing N N 299 
THR CG2 HG21 sing N N 300 
THR CG2 HG22 sing N N 301 
THR CG2 HG23 sing N N 302 
THR OXT HXT  sing N N 303 
TRP N   CA   sing N N 304 
TRP N   H    sing N N 305 
TRP N   H2   sing N N 306 
TRP CA  C    sing N N 307 
TRP CA  CB   sing N N 308 
TRP CA  HA   sing N N 309 
TRP C   O    doub N N 310 
TRP C   OXT  sing N N 311 
TRP CB  CG   sing N N 312 
TRP CB  HB2  sing N N 313 
TRP CB  HB3  sing N N 314 
TRP CG  CD1  doub Y N 315 
TRP CG  CD2  sing Y N 316 
TRP CD1 NE1  sing Y N 317 
TRP CD1 HD1  sing N N 318 
TRP CD2 CE2  doub Y N 319 
TRP CD2 CE3  sing Y N 320 
TRP NE1 CE2  sing Y N 321 
TRP NE1 HE1  sing N N 322 
TRP CE2 CZ2  sing Y N 323 
TRP CE3 CZ3  doub Y N 324 
TRP CE3 HE3  sing N N 325 
TRP CZ2 CH2  doub Y N 326 
TRP CZ2 HZ2  sing N N 327 
TRP CZ3 CH2  sing Y N 328 
TRP CZ3 HZ3  sing N N 329 
TRP CH2 HH2  sing N N 330 
TRP OXT HXT  sing N N 331 
TYR N   CA   sing N N 332 
TYR N   H    sing N N 333 
TYR N   H2   sing N N 334 
TYR CA  C    sing N N 335 
TYR CA  CB   sing N N 336 
TYR CA  HA   sing N N 337 
TYR C   O    doub N N 338 
TYR C   OXT  sing N N 339 
TYR CB  CG   sing N N 340 
TYR CB  HB2  sing N N 341 
TYR CB  HB3  sing N N 342 
TYR CG  CD1  doub Y N 343 
TYR CG  CD2  sing Y N 344 
TYR CD1 CE1  sing Y N 345 
TYR CD1 HD1  sing N N 346 
TYR CD2 CE2  doub Y N 347 
TYR CD2 HD2  sing N N 348 
TYR CE1 CZ   doub Y N 349 
TYR CE1 HE1  sing N N 350 
TYR CE2 CZ   sing Y N 351 
TYR CE2 HE2  sing N N 352 
TYR CZ  OH   sing N N 353 
TYR OH  HH   sing N N 354 
TYR OXT HXT  sing N N 355 
VAL N   CA   sing N N 356 
VAL N   H    sing N N 357 
VAL N   H2   sing N N 358 
VAL CA  C    sing N N 359 
VAL CA  CB   sing N N 360 
VAL CA  HA   sing N N 361 
VAL C   O    doub N N 362 
VAL C   OXT  sing N N 363 
VAL CB  CG1  sing N N 364 
VAL CB  CG2  sing N N 365 
VAL CB  HB   sing N N 366 
VAL CG1 HG11 sing N N 367 
VAL CG1 HG12 sing N N 368 
VAL CG1 HG13 sing N N 369 
VAL CG2 HG21 sing N N 370 
VAL CG2 HG22 sing N N 371 
VAL CG2 HG23 sing N N 372 
VAL OXT HXT  sing N N 373 
# 
_em_ctf_correction.id        1 
_em_ctf_correction.details   
;CTF correction of each particle. Phase flipped correction for particles included in the orientation search, and deconvoluted and gaussian decay corrected for the particles used in the reconstruction
;
_em_ctf_correction.type      . 
# 
_em_image_processing.id                   1 
_em_image_processing.image_recording_id   1 
_em_image_processing.details              ? 
# 
_em_image_recording.avg_electron_dose_per_image   1 
_em_image_recording.details                       ? 
_em_image_recording.id                            1 
_em_image_recording.film_or_detector_model        'KODAK SO-163 FILM' 
_em_image_recording.imaging_id                    1 
_em_image_recording.detector_mode                 ? 
_em_image_recording.average_exposure_time         ? 
_em_image_recording.num_diffraction_images        ? 
_em_image_recording.num_grids_imaged              ? 
_em_image_recording.num_real_images               ? 
# 
loop_
_em_software.id 
_em_software.name 
_em_software.version 
_em_software.category 
_em_software.details 
_em_software.image_processing_id 
1 INSOUT ? 'MODEL FITTING' 'rigid body' ? 
2 EM3DR  ? RECONSTRUCTION  ?            1 
# 
_em_specimen.experiment_id           1 
_em_specimen.id                      1 
_em_specimen.concentration           0.7 
_em_specimen.vitrification_applied   YES 
_em_specimen.staining_applied        NO 
_em_specimen.embedding_applied       NO 
_em_specimen.shadowing_applied       NO 
_em_specimen.details                 ? 
# 
_em_virus_natural_host.entity_assembly_id   1 
_em_virus_natural_host.id                   1 
_em_virus_natural_host.ncbi_tax_id          9606 
_em_virus_natural_host.organism             'Homo sapiens' 
_em_virus_natural_host.strain               HELA 
# 
loop_
_pdbx_coordinate_model.asym_id 
_pdbx_coordinate_model.type 
A 'CA ATOMS ONLY' 
B 'CA ATOMS ONLY' 
C 'CA ATOMS ONLY' 
D 'CA ATOMS ONLY' 
E 'CA ATOMS ONLY' 
F 'CA ATOMS ONLY' 
G 'CA ATOMS ONLY' 
# 
_pdbx_initial_refinement_model.id               1 
_pdbx_initial_refinement_model.type             'experimental model' 
_pdbx_initial_refinement_model.source_name      PDB 
_pdbx_initial_refinement_model.accession_code   1HXS 
# 
_atom_sites.entry_id                    1XYR 
_atom_sites.fract_transf_matrix[1][1]   1.000000 
_atom_sites.fract_transf_matrix[1][2]   0.000000 
_atom_sites.fract_transf_matrix[1][3]   0.000000 
_atom_sites.fract_transf_matrix[2][1]   0.000000 
_atom_sites.fract_transf_matrix[2][2]   1.000000 
_atom_sites.fract_transf_matrix[2][3]   0.000000 
_atom_sites.fract_transf_matrix[3][1]   0.000000 
_atom_sites.fract_transf_matrix[3][2]   0.000000 
_atom_sites.fract_transf_matrix[3][3]   1.000000 
_atom_sites.fract_transf_vector[1]      0.00000 
_atom_sites.fract_transf_vector[2]      0.00000 
_atom_sites.fract_transf_vector[3]      0.00000 
# 
_atom_type.symbol   C 
# 
loop_
_atom_site.group_PDB 
_atom_site.id 
_atom_site.type_symbol 
_atom_site.label_atom_id 
_atom_site.label_alt_id 
_atom_site.label_comp_id 
_atom_site.label_asym_id 
_atom_site.label_entity_id 
_atom_site.label_seq_id 
_atom_site.pdbx_PDB_ins_code 
_atom_site.Cartn_x 
_atom_site.Cartn_y 
_atom_site.Cartn_z 
_atom_site.occupancy 
_atom_site.B_iso_or_equiv 
_atom_site.pdbx_formal_charge 
_atom_site.auth_seq_id 
_atom_site.auth_comp_id 
_atom_site.auth_asym_id 
_atom_site.auth_atom_id 
_atom_site.pdbx_PDB_model_num 
ATOM 1   C CA . SER A 1 1   ? 4.724   -20.763 16.777  1.00 30.00 ? 71  SER 1 CA 1 
ATOM 2   C CA . ARG A 1 2   ? 4.354   -18.451 13.789  1.00 30.00 ? 72  ARG 1 CA 1 
ATOM 3   C CA . SER A 1 3   ? 3.377   -21.498 11.645  1.00 30.00 ? 73  SER 1 CA 1 
ATOM 4   C CA . GLU A 1 4   ? -0.058  -20.175 10.618  1.00 30.00 ? 74  GLU 1 CA 1 
ATOM 5   C CA . SER A 1 5   ? 1.224   -16.648 9.806   1.00 30.00 ? 75  SER 1 CA 1 
ATOM 6   C CA . SER A 1 6   ? 3.808   -17.741 7.197   1.00 30.00 ? 76  SER 1 CA 1 
ATOM 7   C CA . ILE A 1 7   ? 3.350   -16.310 3.647   1.00 30.00 ? 77  ILE 1 CA 1 
ATOM 8   C CA . GLU A 1 8   ? 2.094   -19.657 2.287   1.00 30.00 ? 78  GLU 1 CA 1 
ATOM 9   C CA . SER A 1 9   ? -0.082  -20.324 5.360   1.00 30.00 ? 79  SER 1 CA 1 
ATOM 10  C CA . PHE A 1 10  ? -1.656  -16.847 5.049   1.00 30.00 ? 80  PHE 1 CA 1 
ATOM 11  C CA . PHE A 1 11  ? -2.656  -17.391 1.391   1.00 30.00 ? 81  PHE 1 CA 1 
ATOM 12  C CA . ALA A 1 12  ? -3.238  -21.221 1.505   1.00 30.00 ? 82  ALA 1 CA 1 
ATOM 13  C CA . ARG A 1 13  ? -6.982  -20.839 0.913   1.00 30.00 ? 83  ARG 1 CA 1 
ATOM 14  C CA . GLY A 1 14  ? -8.979  -20.863 -2.350  1.00 30.00 ? 84  GLY 1 CA 1 
ATOM 15  C CA . ALA A 1 15  ? -10.670 -17.475 -2.867  1.00 30.00 ? 85  ALA 1 CA 1 
ATOM 16  C CA . CYS A 1 16  ? -13.526 -16.448 -5.208  1.00 30.00 ? 86  CYS 1 CA 1 
ATOM 17  C CA . VAL A 1 17  ? -12.304 -14.135 -7.997  1.00 30.00 ? 87  VAL 1 CA 1 
ATOM 18  C CA . THR A 1 18  ? -15.284 -14.270 -10.387 1.00 30.00 ? 88  THR 1 CA 1 
ATOM 19  C CA . ILE A 1 19  ? -18.775 -15.541 -11.192 1.00 30.00 ? 89  ILE 1 CA 1 
ATOM 20  C CA . MET A 1 20  ? -19.444 -16.484 -14.820 1.00 30.00 ? 90  MET 1 CA 1 
ATOM 21  C CA . THR A 1 21  ? -22.922 -16.784 -16.322 1.00 30.00 ? 91  THR 1 CA 1 
ATOM 22  C CA . VAL A 1 22  ? -23.809 -19.009 -19.239 1.00 30.00 ? 92  VAL 1 CA 1 
ATOM 23  C CA . ASP A 1 23  ? -26.993 -20.566 -20.582 1.00 30.00 ? 93  ASP 1 CA 1 
ATOM 24  C CA . ASN A 1 24  ? -28.740 -22.979 -22.892 1.00 30.00 ? 94  ASN 1 CA 1 
ATOM 25  C CA . PRO A 1 25  ? -32.109 -21.682 -24.242 1.00 30.00 ? 95  PRO 1 CA 1 
ATOM 26  C CA . ALA A 1 26  ? -34.752 -23.250 -26.489 1.00 30.00 ? 96  ALA 1 CA 1 
ATOM 27  C CA . SER A 1 27  ? -33.667 -23.509 -30.205 1.00 30.00 ? 97  SER 1 CA 1 
ATOM 28  C CA . THR A 1 28  ? -36.542 -21.217 -31.184 1.00 30.00 ? 98  THR 1 CA 1 
ATOM 29  C CA . THR A 1 29  ? -35.673 -18.215 -28.968 1.00 30.00 ? 99  THR 1 CA 1 
ATOM 30  C CA . ASN A 1 30  ? -34.701 -15.025 -30.877 1.00 30.00 ? 100 ASN 1 CA 1 
ATOM 31  C CA . LYS A 1 31  ? -31.848 -14.374 -28.397 1.00 30.00 ? 101 LYS 1 CA 1 
ATOM 32  C CA . ASP A 1 32  ? -28.407 -15.962 -28.890 1.00 30.00 ? 102 ASP 1 CA 1 
ATOM 33  C CA . LYS A 1 33  ? -27.171 -18.869 -26.725 1.00 30.00 ? 103 LYS 1 CA 1 
ATOM 34  C CA . LEU A 1 34  ? -25.203 -17.178 -23.993 1.00 30.00 ? 104 LEU 1 CA 1 
ATOM 35  C CA . PHE A 1 35  ? -21.588 -18.144 -23.616 1.00 30.00 ? 105 PHE 1 CA 1 
ATOM 36  C CA . ALA A 1 36  ? -19.263 -16.384 -21.149 1.00 30.00 ? 106 ALA 1 CA 1 
ATOM 37  C CA . VAL A 1 37  ? -15.997 -14.524 -21.659 1.00 30.00 ? 107 VAL 1 CA 1 
ATOM 38  C CA . TRP A 1 38  ? -13.991 -13.408 -18.624 1.00 30.00 ? 108 TRP 1 CA 1 
ATOM 39  C CA . LYS A 1 39  ? -10.751 -11.461 -18.622 1.00 30.00 ? 109 LYS 1 CA 1 
ATOM 40  C CA . ILE A 1 40  ? -8.545  -13.191 -16.049 1.00 30.00 ? 110 ILE 1 CA 1 
ATOM 41  C CA . THR A 1 41  ? -7.735  -11.171 -12.924 1.00 30.00 ? 111 THR 1 CA 1 
ATOM 42  C CA . TYR A 1 42  ? -7.702  -11.055 -9.110  1.00 30.00 ? 112 TYR 1 CA 1 
ATOM 43  C CA . LYS A 1 43  ? -9.278  -7.574  -9.087  1.00 30.00 ? 113 LYS 1 CA 1 
ATOM 44  C CA . ASP A 1 44  ? -12.984 -8.211  -9.823  1.00 30.00 ? 114 ASP 1 CA 1 
ATOM 45  C CA . THR A 1 45  ? -13.505 -9.131  -6.166  1.00 30.00 ? 115 THR 1 CA 1 
ATOM 46  C CA . VAL A 1 46  ? -12.006 -7.440  -3.076  1.00 30.00 ? 116 VAL 1 CA 1 
ATOM 47  C CA . GLN A 1 47  ? -11.028 -10.008 -0.402  1.00 30.00 ? 117 GLN 1 CA 1 
ATOM 48  C CA . LEU A 1 48  ? -8.033  -11.784 -2.058  1.00 30.00 ? 118 LEU 1 CA 1 
ATOM 49  C CA . ARG A 1 49  ? -6.984  -8.579  -3.848  1.00 30.00 ? 119 ARG 1 CA 1 
ATOM 50  C CA . ARG A 1 50  ? -6.517  -6.779  -0.497  1.00 30.00 ? 120 ARG 1 CA 1 
ATOM 51  C CA . LYS A 1 51  ? -4.421  -9.681  0.858   1.00 30.00 ? 121 LYS 1 CA 1 
ATOM 52  C CA . LEU A 1 52  ? -2.095  -9.756  -2.178  1.00 30.00 ? 122 LEU 1 CA 1 
ATOM 53  C CA . GLU A 1 53  ? -1.840  -5.942  -1.974  1.00 30.00 ? 123 GLU 1 CA 1 
ATOM 54  C CA . PHE A 1 54  ? -0.098  -6.113  1.414   1.00 30.00 ? 124 PHE 1 CA 1 
ATOM 55  C CA . PHE A 1 55  ? 2.861   -6.529  -0.989  1.00 30.00 ? 125 PHE 1 CA 1 
ATOM 56  C CA . THR A 1 56  ? 4.372   -4.822  -4.071  1.00 30.00 ? 126 THR 1 CA 1 
ATOM 57  C CA . TYR A 1 57  ? 5.604   -7.887  -5.989  1.00 30.00 ? 127 TYR 1 CA 1 
ATOM 58  C CA . SER A 1 58  ? 4.692   -11.592 -5.963  1.00 30.00 ? 128 SER 1 CA 1 
ATOM 59  C CA . ARG A 1 59  ? 5.592   -14.947 -7.464  1.00 30.00 ? 129 ARG 1 CA 1 
ATOM 60  C CA . PHE A 1 60  ? 3.452   -18.090 -7.418  1.00 30.00 ? 130 PHE 1 CA 1 
ATOM 61  C CA . ASP A 1 61  ? 2.084   -21.183 -9.050  1.00 30.00 ? 131 ASP 1 CA 1 
ATOM 62  C CA . MET A 1 62  ? -1.662  -20.897 -9.373  1.00 30.00 ? 132 MET 1 CA 1 
ATOM 63  C CA . GLU A 1 63  ? -4.428  -23.299 -8.537  1.00 30.00 ? 133 GLU 1 CA 1 
ATOM 64  C CA . LEU A 1 64  ? -7.855  -22.762 -10.097 1.00 30.00 ? 134 LEU 1 CA 1 
ATOM 65  C CA . THR A 1 65  ? -10.940 -24.559 -8.822  1.00 30.00 ? 135 THR 1 CA 1 
ATOM 66  C CA . PHE A 1 66  ? -14.321 -24.424 -10.563 1.00 30.00 ? 136 PHE 1 CA 1 
ATOM 67  C CA . VAL A 1 67  ? -17.678 -24.617 -8.798  1.00 30.00 ? 137 VAL 1 CA 1 
ATOM 68  C CA . VAL A 1 68  ? -20.610 -25.049 -11.170 1.00 30.00 ? 138 VAL 1 CA 1 
ATOM 69  C CA . THR A 1 69  ? -24.262 -24.569 -10.383 1.00 30.00 ? 139 THR 1 CA 1 
ATOM 70  C CA . ALA A 1 70  ? -27.354 -24.645 -12.595 1.00 30.00 ? 140 ALA 1 CA 1 
ATOM 71  C CA . ASN A 1 71  ? -31.053 -23.869 -12.418 1.00 30.00 ? 141 ASN 1 CA 1 
ATOM 72  C CA . PHE A 1 72  ? -34.330 -23.575 -14.259 1.00 30.00 ? 142 PHE 1 CA 1 
ATOM 73  C CA . THR A 1 73  ? -35.536 -20.088 -15.251 1.00 30.00 ? 143 THR 1 CA 1 
ATOM 74  C CA . GLU A 1 74  ? -39.122 -20.645 -16.404 1.00 30.00 ? 144 GLU 1 CA 1 
ATOM 75  C CA . THR A 1 75  ? -42.407 -21.507 -14.595 1.00 30.00 ? 145 THR 1 CA 1 
ATOM 76  C CA . ASN A 1 76  ? -42.506 -24.463 -16.979 1.00 30.00 ? 146 ASN 1 CA 1 
ATOM 77  C CA . ASN A 1 77  ? -42.160 -28.202 -16.231 1.00 30.00 ? 147 ASN 1 CA 1 
ATOM 78  C CA . GLY A 1 78  ? -39.985 -29.471 -19.111 1.00 30.00 ? 148 GLY 1 CA 1 
ATOM 79  C CA . HIS A 1 79  ? -36.608 -31.095 -18.209 1.00 30.00 ? 149 HIS 1 CA 1 
ATOM 80  C CA . ALA A 1 80  ? -33.039 -31.141 -19.361 1.00 30.00 ? 150 ALA 1 CA 1 
ATOM 81  C CA . LEU A 1 81  ? -30.416 -33.862 -19.593 1.00 30.00 ? 151 LEU 1 CA 1 
ATOM 82  C CA . ASN A 1 82  ? -27.129 -33.541 -17.688 1.00 30.00 ? 152 ASN 1 CA 1 
ATOM 83  C CA . GLN A 1 83  ? -25.048 -30.654 -18.938 1.00 30.00 ? 153 GLN 1 CA 1 
ATOM 84  C CA . VAL A 1 84  ? -21.435 -30.700 -20.031 1.00 30.00 ? 154 VAL 1 CA 1 
ATOM 85  C CA . TYR A 1 85  ? -19.419 -27.475 -19.809 1.00 30.00 ? 155 TYR 1 CA 1 
ATOM 86  C CA . GLN A 1 86  ? -16.382 -26.355 -21.810 1.00 30.00 ? 156 GLN 1 CA 1 
ATOM 87  C CA . ILE A 1 87  ? -13.931 -24.044 -20.047 1.00 30.00 ? 157 ILE 1 CA 1 
ATOM 88  C CA . MET A 1 88  ? -11.501 -22.809 -22.704 1.00 30.00 ? 158 MET 1 CA 1 
ATOM 89  C CA . TYR A 1 89  ? -8.357  -20.840 -21.877 1.00 30.00 ? 159 TYR 1 CA 1 
ATOM 90  C CA . VAL A 1 90  ? -7.728  -18.209 -24.554 1.00 30.00 ? 160 VAL 1 CA 1 
ATOM 91  C CA . PRO A 1 91  ? -4.245  -16.610 -24.336 1.00 30.00 ? 161 PRO 1 CA 1 
ATOM 92  C CA . PRO A 1 92  ? -3.541  -13.096 -25.758 1.00 30.00 ? 162 PRO 1 CA 1 
ATOM 93  C CA . GLY A 1 93  ? -3.344  -13.397 -29.545 1.00 30.00 ? 163 GLY 1 CA 1 
ATOM 94  C CA . ALA A 1 94  ? -5.605  -16.406 -30.007 1.00 30.00 ? 164 ALA 1 CA 1 
ATOM 95  C CA . PRO A 1 95  ? -8.996  -16.234 -31.850 1.00 30.00 ? 165 PRO 1 CA 1 
ATOM 96  C CA . VAL A 1 96  ? -11.635 -15.329 -29.280 1.00 30.00 ? 166 VAL 1 CA 1 
ATOM 97  C CA . PRO A 1 97  ? -15.026 -17.079 -29.696 1.00 30.00 ? 167 PRO 1 CA 1 
ATOM 98  C CA . GLU A 1 98  ? -17.882 -15.091 -31.194 1.00 30.00 ? 168 GLU 1 CA 1 
ATOM 99  C CA . LYS A 1 99  ? -20.513 -17.827 -31.062 1.00 30.00 ? 169 LYS 1 CA 1 
ATOM 100 C CA . TRP A 1 100 ? -21.296 -20.634 -28.571 1.00 30.00 ? 170 TRP 1 CA 1 
ATOM 101 C CA . ASP A 1 101 ? -20.465 -23.078 -31.376 1.00 30.00 ? 171 ASP 1 CA 1 
ATOM 102 C CA . ASP A 1 102 ? -17.889 -21.434 -33.699 1.00 30.00 ? 172 ASP 1 CA 1 
ATOM 103 C CA . TYR A 1 103 ? -14.566 -22.986 -34.915 1.00 30.00 ? 173 TYR 1 CA 1 
ATOM 104 C CA . THR A 1 104 ? -12.521 -21.702 -31.939 1.00 30.00 ? 174 THR 1 CA 1 
ATOM 105 C CA . TRP A 1 105 ? -14.020 -24.304 -29.587 1.00 30.00 ? 175 TRP 1 CA 1 
ATOM 106 C CA . GLN A 1 106 ? -11.981 -26.995 -31.428 1.00 30.00 ? 176 GLN 1 CA 1 
ATOM 107 C CA . THR A 1 107 ? -9.157  -25.895 -29.086 1.00 30.00 ? 177 THR 1 CA 1 
ATOM 108 C CA . SER A 1 108 ? -6.337  -27.701 -30.953 1.00 30.00 ? 178 SER 1 CA 1 
ATOM 109 C CA . SER A 1 109 ? -3.698  -25.722 -29.062 1.00 30.00 ? 179 SER 1 CA 1 
ATOM 110 C CA . ASN A 1 110 ? -5.517  -23.899 -26.226 1.00 30.00 ? 180 ASN 1 CA 1 
ATOM 111 C CA . PRO A 1 111 ? -5.992  -25.819 -22.920 1.00 30.00 ? 181 PRO 1 CA 1 
ATOM 112 C CA . SER A 1 112 ? -9.661  -26.621 -22.345 1.00 30.00 ? 182 SER 1 CA 1 
ATOM 113 C CA . ILE A 1 113 ? -11.485 -28.270 -19.450 1.00 30.00 ? 183 ILE 1 CA 1 
ATOM 114 C CA . PHE A 1 114 ? -14.569 -30.389 -20.086 1.00 30.00 ? 184 PHE 1 CA 1 
ATOM 115 C CA . TYR A 1 115 ? -16.633 -30.425 -16.929 1.00 30.00 ? 185 TYR 1 CA 1 
ATOM 116 C CA . THR A 1 116 ? -19.551 -32.742 -16.218 1.00 30.00 ? 186 THR 1 CA 1 
ATOM 117 C CA . TYR A 1 117 ? -22.393 -31.332 -14.068 1.00 30.00 ? 187 TYR 1 CA 1 
ATOM 118 C CA . GLY A 1 118 ? -22.828 -32.786 -10.597 1.00 30.00 ? 188 GLY 1 CA 1 
ATOM 119 C CA . THR A 1 119 ? -19.276 -34.182 -10.535 1.00 30.00 ? 189 THR 1 CA 1 
ATOM 120 C CA . ALA A 1 120 ? -16.559 -32.996 -8.123  1.00 30.00 ? 190 ALA 1 CA 1 
ATOM 121 C CA . PRO A 1 121 ? -15.493 -29.379 -8.887  1.00 30.00 ? 191 PRO 1 CA 1 
ATOM 122 C CA . ALA A 1 122 ? -13.002 -29.024 -11.712 1.00 30.00 ? 192 ALA 1 CA 1 
ATOM 123 C CA . ARG A 1 123 ? -9.385  -28.163 -10.850 1.00 30.00 ? 193 ARG 1 CA 1 
ATOM 124 C CA . ILE A 1 124 ? -6.200  -27.283 -12.681 1.00 30.00 ? 194 ILE 1 CA 1 
ATOM 125 C CA . SER A 1 125 ? -2.755  -25.909 -11.869 1.00 30.00 ? 195 SER 1 CA 1 
ATOM 126 C CA . VAL A 1 126 ? -0.811  -23.176 -13.661 1.00 30.00 ? 196 VAL 1 CA 1 
ATOM 127 C CA . PRO A 1 127 ? 2.894   -22.210 -13.240 1.00 30.00 ? 197 PRO 1 CA 1 
ATOM 128 C CA . TYR A 1 128 ? 4.414   -18.782 -12.709 1.00 30.00 ? 198 TYR 1 CA 1 
ATOM 129 C CA . VAL A 1 129 ? 3.539   -17.401 -16.171 1.00 30.00 ? 199 VAL 1 CA 1 
ATOM 130 C CA . GLY A 1 130 ? 4.735   -13.804 -15.877 1.00 30.00 ? 200 GLY 1 CA 1 
ATOM 131 C CA . ILE A 1 131 ? 6.731   -12.054 -18.615 1.00 30.00 ? 201 ILE 1 CA 1 
ATOM 132 C CA . SER A 1 132 ? 8.543   -10.409 -15.704 1.00 30.00 ? 202 SER 1 CA 1 
ATOM 133 C CA . ASN A 1 133 ? 10.635  -11.945 -12.863 1.00 30.00 ? 203 ASN 1 CA 1 
ATOM 134 C CA . ALA A 1 134 ? 7.719   -11.314 -10.493 1.00 30.00 ? 204 ALA 1 CA 1 
ATOM 135 C CA . TYR A 1 135 ? 4.064   -10.229 -10.730 1.00 30.00 ? 205 TYR 1 CA 1 
ATOM 136 C CA . SER A 1 136 ? 3.620   -6.481  -10.191 1.00 30.00 ? 206 SER 1 CA 1 
ATOM 137 C CA . HIS A 1 137 ? 0.713   -5.690  -7.870  1.00 30.00 ? 207 HIS 1 CA 1 
ATOM 138 C CA . PHE A 1 138 ? 1.645   -2.083  -8.686  1.00 30.00 ? 208 PHE 1 CA 1 
ATOM 139 C CA . TYR A 1 139 ? 3.118   -0.290  -11.721 1.00 30.00 ? 209 TYR 1 CA 1 
ATOM 140 C CA . ASP A 1 140 ? 4.031   3.376   -11.260 1.00 30.00 ? 210 ASP 1 CA 1 
ATOM 141 C CA . GLY A 1 141 ? 4.118   4.032   -15.001 1.00 30.00 ? 211 GLY 1 CA 1 
ATOM 142 C CA . PHE A 1 142 ? 2.669   3.756   -18.500 1.00 30.00 ? 212 PHE 1 CA 1 
ATOM 143 C CA . SER A 1 143 ? 2.791   1.404   -21.517 1.00 30.00 ? 213 SER 1 CA 1 
ATOM 144 C CA . LYS A 1 144 ? 3.608   4.313   -23.820 1.00 30.00 ? 214 LYS 1 CA 1 
ATOM 145 C CA . VAL A 1 145 ? 5.844   7.322   -24.091 1.00 30.00 ? 215 VAL 1 CA 1 
ATOM 146 C CA . PRO A 1 146 ? 3.926   10.286  -25.545 1.00 30.00 ? 216 PRO 1 CA 1 
ATOM 147 C CA . LEU A 1 147 ? 6.372   11.756  -28.046 1.00 30.00 ? 217 LEU 1 CA 1 
ATOM 148 C CA . LYS A 1 148 ? 6.227   15.518  -28.848 1.00 30.00 ? 218 LYS 1 CA 1 
ATOM 149 C CA . ASP A 1 149 ? 6.721   15.205  -32.630 1.00 30.00 ? 219 ASP 1 CA 1 
ATOM 150 C CA . GLN A 1 150 ? 3.736   12.836  -32.507 1.00 30.00 ? 220 GLN 1 CA 1 
ATOM 151 C CA . SER A 1 151 ? -0.043  13.443  -32.035 1.00 30.00 ? 221 SER 1 CA 1 
ATOM 152 C CA . ALA A 1 152 ? -1.431  13.826  -28.463 1.00 30.00 ? 222 ALA 1 CA 1 
ATOM 153 C CA . ALA A 1 153 ? -3.907  10.986  -29.047 1.00 30.00 ? 223 ALA 1 CA 1 
ATOM 154 C CA . LEU A 1 154 ? -1.223  8.650   -30.361 1.00 30.00 ? 224 LEU 1 CA 1 
ATOM 155 C CA . GLY A 1 155 ? 1.107   8.629   -27.344 1.00 30.00 ? 225 GLY 1 CA 1 
ATOM 156 C CA . ASP A 1 156 ? -1.573  8.263   -24.695 1.00 30.00 ? 226 ASP 1 CA 1 
ATOM 157 C CA . SER A 1 157 ? -2.061  5.369   -22.337 1.00 30.00 ? 227 SER 1 CA 1 
ATOM 158 C CA . LEU A 1 158 ? -3.678  4.418   -19.011 1.00 30.00 ? 228 LEU 1 CA 1 
ATOM 159 C CA . TYR A 1 159 ? -1.907  5.278   -15.818 1.00 30.00 ? 229 TYR 1 CA 1 
ATOM 160 C CA . GLY A 1 160 ? -0.593  2.202   -14.009 1.00 30.00 ? 230 GLY 1 CA 1 
ATOM 161 C CA . ALA A 1 161 ? -1.541  -0.192  -16.844 1.00 30.00 ? 231 ALA 1 CA 1 
ATOM 162 C CA . ALA A 1 162 ? 1.116   -2.433  -18.420 1.00 30.00 ? 232 ALA 1 CA 1 
ATOM 163 C CA . SER A 1 163 ? 0.029   -5.162  -20.923 1.00 30.00 ? 233 SER 1 CA 1 
ATOM 164 C CA . LEU A 1 164 ? -3.424  -4.190  -22.402 1.00 30.00 ? 234 LEU 1 CA 1 
ATOM 165 C CA . ASN A 1 165 ? -3.966  -7.925  -22.054 1.00 30.00 ? 235 ASN 1 CA 1 
ATOM 166 C CA . ASP A 1 166 ? -1.844  -9.480  -19.271 1.00 30.00 ? 236 ASP 1 CA 1 
ATOM 167 C CA . PHE A 1 167 ? -3.141  -13.072 -19.262 1.00 30.00 ? 237 PHE 1 CA 1 
ATOM 168 C CA . GLY A 1 168 ? -5.933  -13.516 -21.768 1.00 30.00 ? 238 GLY 1 CA 1 
ATOM 169 C CA . ILE A 1 169 ? -9.381  -14.857 -21.023 1.00 30.00 ? 239 ILE 1 CA 1 
ATOM 170 C CA . LEU A 1 170 ? -11.545 -17.725 -19.873 1.00 30.00 ? 240 LEU 1 CA 1 
ATOM 171 C CA . ALA A 1 171 ? -14.252 -18.594 -22.387 1.00 30.00 ? 241 ALA 1 CA 1 
ATOM 172 C CA . VAL A 1 172 ? -17.013 -20.846 -21.060 1.00 30.00 ? 242 VAL 1 CA 1 
ATOM 173 C CA . ARG A 1 173 ? -19.929 -22.535 -22.790 1.00 30.00 ? 243 ARG 1 CA 1 
ATOM 174 C CA . VAL A 1 174 ? -22.576 -25.221 -22.417 1.00 30.00 ? 244 VAL 1 CA 1 
ATOM 175 C CA . VAL A 1 175 ? -21.670 -27.948 -24.957 1.00 30.00 ? 245 VAL 1 CA 1 
ATOM 176 C CA . ASN A 1 176 ? -25.157 -29.502 -25.061 1.00 30.00 ? 246 ASN 1 CA 1 
ATOM 177 C CA . ASP A 1 177 ? -27.411 -28.382 -27.915 1.00 30.00 ? 247 ASP 1 CA 1 
ATOM 178 C CA . HIS A 1 178 ? -30.409 -26.088 -27.420 1.00 30.00 ? 248 HIS 1 CA 1 
ATOM 179 C CA . ASN A 1 179 ? -33.047 -27.672 -25.160 1.00 30.00 ? 249 ASN 1 CA 1 
ATOM 180 C CA . PRO A 1 180 ? -36.833 -26.718 -25.273 1.00 30.00 ? 250 PRO 1 CA 1 
ATOM 181 C CA . THR A 1 181 ? -36.706 -25.870 -21.551 1.00 30.00 ? 251 THR 1 CA 1 
ATOM 182 C CA . LYS A 1 182 ? -34.110 -23.169 -20.788 1.00 30.00 ? 252 LYS 1 CA 1 
ATOM 183 C CA . VAL A 1 183 ? -31.459 -23.759 -18.144 1.00 30.00 ? 253 VAL 1 CA 1 
ATOM 184 C CA . THR A 1 184 ? -29.202 -21.089 -16.669 1.00 30.00 ? 254 THR 1 CA 1 
ATOM 185 C CA . SER A 1 185 ? -25.762 -21.843 -15.162 1.00 30.00 ? 255 SER 1 CA 1 
ATOM 186 C CA . LYS A 1 186 ? -23.088 -20.206 -13.049 1.00 30.00 ? 256 LYS 1 CA 1 
ATOM 187 C CA . ILE A 1 187 ? -19.384 -20.835 -12.840 1.00 30.00 ? 257 ILE 1 CA 1 
ATOM 188 C CA . ARG A 1 188 ? -17.656 -19.700 -9.670  1.00 30.00 ? 258 ARG 1 CA 1 
ATOM 189 C CA . VAL A 1 189 ? -13.888 -19.462 -9.950  1.00 30.00 ? 259 VAL 1 CA 1 
ATOM 190 C CA . TYR A 1 190 ? -11.713 -20.071 -6.909  1.00 30.00 ? 260 TYR 1 CA 1 
ATOM 191 C CA . LEU A 1 191 ? -8.106  -18.954 -7.009  1.00 30.00 ? 261 LEU 1 CA 1 
ATOM 192 C CA . LYS A 1 192 ? -5.350  -20.190 -4.729  1.00 30.00 ? 262 LYS 1 CA 1 
ATOM 193 C CA . PRO A 1 193 ? -1.730  -18.928 -4.885  1.00 30.00 ? 263 PRO 1 CA 1 
ATOM 194 C CA . LYS A 1 194 ? 0.651   -21.810 -4.136  1.00 30.00 ? 264 LYS 1 CA 1 
ATOM 195 C CA . HIS A 1 195 ? 4.463   -22.076 -3.823  1.00 30.00 ? 265 HIS 1 CA 1 
ATOM 196 C CA . ILE A 1 196 ? 4.337   -18.316 -3.190  1.00 30.00 ? 266 ILE 1 CA 1 
ATOM 197 C CA . ARG A 1 197 ? 6.910   -15.585 -2.589  1.00 30.00 ? 267 ARG 1 CA 1 
ATOM 198 C CA . VAL A 1 198 ? 6.422   -11.861 -1.873  1.00 30.00 ? 268 VAL 1 CA 1 
ATOM 199 C CA . TRP A 1 199 ? 8.461   -8.660  -1.872  1.00 30.00 ? 269 TRP 1 CA 1 
ATOM 200 C CA . CYS A 1 200 ? 8.365   -5.070  -0.549  1.00 30.00 ? 270 CYS 1 CA 1 
ATOM 201 C CA . PRO A 1 201 ? 5.520   -4.781  2.013   1.00 30.00 ? 271 PRO 1 CA 1 
ATOM 202 C CA . ARG A 1 202 ? 2.814   -2.126  1.884   1.00 30.00 ? 272 ARG 1 CA 1 
ATOM 203 C CA . PRO A 1 203 ? 0.006   -0.757  4.110   1.00 30.00 ? 273 PRO 1 CA 1 
ATOM 204 C CA . PRO A 1 204 ? -3.319  -2.506  3.382   1.00 30.00 ? 274 PRO 1 CA 1 
ATOM 205 C CA . ARG A 1 205 ? -6.115  -0.779  1.464   1.00 30.00 ? 275 ARG 1 CA 1 
ATOM 206 C CA . ALA A 1 206 ? -7.943  1.425   3.982   1.00 30.00 ? 276 ALA 1 CA 1 
ATOM 207 C CA . VAL A 1 207 ? -10.785 2.701   1.778   1.00 30.00 ? 277 VAL 1 CA 1 
ATOM 208 C CA . ALA A 1 208 ? -13.214 1.180   -0.748  1.00 30.00 ? 278 ALA 1 CA 1 
ATOM 209 C CA . TYR A 1 209 ? -11.640 -0.072  -3.989  1.00 30.00 ? 279 TYR 1 CA 1 
ATOM 210 C CA . TYR A 1 210 ? -12.619 2.066   -7.014  1.00 30.00 ? 280 TYR 1 CA 1 
ATOM 211 C CA . GLY A 1 211 ? -11.458 0.245   -10.114 1.00 30.00 ? 281 GLY 1 CA 1 
ATOM 212 C CA . PRO A 1 212 ? -8.353  -1.874  -10.935 1.00 30.00 ? 282 PRO 1 CA 1 
ATOM 213 C CA . GLY A 1 213 ? -6.192  1.100   -9.923  1.00 30.00 ? 283 GLY 1 CA 1 
ATOM 214 C CA . VAL A 1 214 ? -5.396  2.822   -6.589  1.00 30.00 ? 284 VAL 1 CA 1 
ATOM 215 C CA . ASP A 1 215 ? -8.195  5.309   -7.186  1.00 30.00 ? 285 ASP 1 CA 1 
ATOM 216 C CA . TYR A 1 216 ? -10.514 6.380   -4.443  1.00 30.00 ? 286 TYR 1 CA 1 
ATOM 217 C CA . LYS A 1 217 ? -13.974 7.738   -4.598  1.00 30.00 ? 287 LYS 1 CA 1 
ATOM 218 C CA . ASP A 1 218 ? -15.621 10.760  -3.034  1.00 30.00 ? 288 ASP 1 CA 1 
ATOM 219 C CA . GLY A 1 219 ? -17.690 9.846   0.032   1.00 30.00 ? 289 GLY 1 CA 1 
ATOM 220 C CA . THR A 1 220 ? -15.739 6.641   0.882   1.00 30.00 ? 290 THR 1 CA 1 
ATOM 221 C CA . LEU A 1 221 ? -12.718 8.438   2.399   1.00 30.00 ? 291 LEU 1 CA 1 
ATOM 222 C CA . THR A 1 222 ? -13.568 8.376   6.124   1.00 30.00 ? 292 THR 1 CA 1 
ATOM 223 C CA . PRO A 1 223 ? -12.920 4.784   7.419   1.00 30.00 ? 293 PRO 1 CA 1 
ATOM 224 C CA . LEU A 1 224 ? -12.215 5.727   11.071  1.00 30.00 ? 294 LEU 1 CA 1 
ATOM 225 C CA . SER A 1 225 ? -14.718 5.975   13.907  1.00 30.00 ? 295 SER 1 CA 1 
ATOM 226 C CA . THR A 1 226 ? -15.246 8.631   16.590  1.00 30.00 ? 296 THR 1 CA 1 
ATOM 227 C CA . LYS A 1 227 ? -13.331 7.912   19.804  1.00 30.00 ? 297 LYS 1 CA 1 
ATOM 228 C CA . ASP A 1 228 ? -12.047 10.313  22.487  1.00 30.00 ? 298 ASP 1 CA 1 
ATOM 229 C CA . LEU A 1 229 ? -8.377  10.854  23.387  1.00 30.00 ? 299 LEU 1 CA 1 
ATOM 230 C CA . THR A 1 230 ? -9.057  10.075  27.077  1.00 30.00 ? 300 THR 1 CA 1 
ATOM 231 C CA . THR A 1 231 ? -11.741 7.362   26.845  1.00 30.00 ? 301 THR 1 CA 1 
ATOM 232 C CA . TYR A 1 232 ? -10.804 3.669   27.259  1.00 30.00 ? 302 TYR 1 CA 1 
ATOM 233 C CA . ALA B 2 1   ? 21.908  16.999  9.601   1.00 30.00 ? 28  ALA 2 CA 1 
ATOM 234 C CA . ALA B 2 2   ? 19.973  14.106  11.180  1.00 30.00 ? 29  ALA 2 CA 1 
ATOM 235 C CA . ASN B 2 3   ? 22.421  11.529  9.777   1.00 30.00 ? 30  ASN 2 CA 1 
ATOM 236 C CA . SER B 2 4   ? 21.585  10.084  6.307   1.00 30.00 ? 31  SER 2 CA 1 
ATOM 237 C CA . VAL B 2 5   ? 19.399  7.249   4.981   1.00 30.00 ? 32  VAL 2 CA 1 
ATOM 238 C CA . VAL B 2 6   ? 20.362  4.532   2.523   1.00 30.00 ? 33  VAL 2 CA 1 
ATOM 239 C CA . ALA B 2 7   ? 17.152  3.098   1.018   1.00 30.00 ? 34  ALA 2 CA 1 
ATOM 240 C CA . TYR B 2 8   ? 16.555  -0.549  1.977   1.00 30.00 ? 35  TYR 2 CA 1 
ATOM 241 C CA . GLY B 2 9   ? 20.232  -0.597  3.005   1.00 30.00 ? 36  GLY 2 CA 1 
ATOM 242 C CA . ARG B 2 10  ? 21.360  -0.686  -0.637  1.00 30.00 ? 37  ARG 2 CA 1 
ATOM 243 C CA . TRP B 2 11  ? 23.986  1.650   -2.026  1.00 30.00 ? 38  TRP 2 CA 1 
ATOM 244 C CA . PRO B 2 12  ? 23.645  2.334   -5.815  1.00 30.00 ? 39  PRO 2 CA 1 
ATOM 245 C CA . GLU B 2 13  ? 25.652  0.184   -8.190  1.00 30.00 ? 40  GLU 2 CA 1 
ATOM 246 C CA . TYR B 2 14  ? 26.236  -0.539  -11.883 1.00 30.00 ? 41  TYR 2 CA 1 
ATOM 247 C CA . LEU B 2 15  ? 24.417  -3.382  -13.670 1.00 30.00 ? 42  LEU 2 CA 1 
ATOM 248 C CA . ARG B 2 16  ? 26.294  -6.660  -13.125 1.00 30.00 ? 43  ARG 2 CA 1 
ATOM 249 C CA . ASP B 2 17  ? 27.028  -9.286  -15.819 1.00 30.00 ? 44  ASP 2 CA 1 
ATOM 250 C CA . SER B 2 18  ? 24.899  -11.989 -14.098 1.00 30.00 ? 45  SER 2 CA 1 
ATOM 251 C CA . GLU B 2 19  ? 21.896  -9.639  -14.149 1.00 30.00 ? 46  GLU 2 CA 1 
ATOM 252 C CA . ALA B 2 20  ? 22.592  -7.802  -17.422 1.00 30.00 ? 47  ALA 2 CA 1 
ATOM 253 C CA . ASN B 2 21  ? 20.088  -7.959  -20.294 1.00 30.00 ? 48  ASN 2 CA 1 
ATOM 254 C CA . PRO B 2 22  ? 20.760  -5.559  -23.282 1.00 30.00 ? 49  PRO 2 CA 1 
ATOM 255 C CA . VAL B 2 23  ? 23.940  -6.811  -24.996 1.00 30.00 ? 50  VAL 2 CA 1 
ATOM 256 C CA . ASP B 2 24  ? 25.434  -3.562  -26.370 1.00 30.00 ? 51  ASP 2 CA 1 
ATOM 257 C CA . GLN B 2 25  ? 28.338  -1.731  -24.663 1.00 30.00 ? 52  GLN 2 CA 1 
ATOM 258 C CA . PRO B 2 26  ? 26.622  0.694   -22.249 1.00 30.00 ? 53  PRO 2 CA 1 
ATOM 259 C CA . THR B 2 27  ? 27.178  4.418   -21.992 1.00 30.00 ? 54  THR 2 CA 1 
ATOM 260 C CA . GLU B 2 28  ? 28.377  5.422   -18.528 1.00 30.00 ? 55  GLU 2 CA 1 
ATOM 261 C CA . PRO B 2 29  ? 28.642  9.260   -18.343 1.00 30.00 ? 56  PRO 2 CA 1 
ATOM 262 C CA . ASP B 2 30  ? 30.163  9.145   -14.847 1.00 30.00 ? 57  ASP 2 CA 1 
ATOM 263 C CA . VAL B 2 31  ? 31.142  12.684  -13.561 1.00 30.00 ? 58  VAL 2 CA 1 
ATOM 264 C CA . ALA B 2 32  ? 29.380  14.447  -16.495 1.00 30.00 ? 59  ALA 2 CA 1 
ATOM 265 C CA . ALA B 2 33  ? 26.007  13.256  -15.154 1.00 30.00 ? 60  ALA 2 CA 1 
ATOM 266 C CA . CYS B 2 34  ? 26.669  11.741  -11.693 1.00 30.00 ? 61  CYS 2 CA 1 
ATOM 267 C CA . ARG B 2 35  ? 26.815  15.113  -9.945  1.00 30.00 ? 62  ARG 2 CA 1 
ATOM 268 C CA . PHE B 2 36  ? 24.467  17.517  -8.073  1.00 30.00 ? 63  PHE 2 CA 1 
ATOM 269 C CA . TYR B 2 37  ? 21.631  19.344  -9.791  1.00 30.00 ? 64  TYR 2 CA 1 
ATOM 270 C CA . THR B 2 38  ? 19.588  21.967  -7.920  1.00 30.00 ? 65  THR 2 CA 1 
ATOM 271 C CA . LEU B 2 39  ? 15.939  22.228  -8.905  1.00 30.00 ? 66  LEU 2 CA 1 
ATOM 272 C CA . ASP B 2 40  ? 13.639  25.269  -8.624  1.00 30.00 ? 67  ASP 2 CA 1 
ATOM 273 C CA . THR B 2 41  ? 13.303  26.386  -4.998  1.00 30.00 ? 68  THR 2 CA 1 
ATOM 274 C CA . VAL B 2 42  ? 9.780   26.143  -3.593  1.00 30.00 ? 69  VAL 2 CA 1 
ATOM 275 C CA . SER B 2 43  ? 8.034   28.052  -0.779  1.00 30.00 ? 70  SER 2 CA 1 
ATOM 276 C CA . TRP B 2 44  ? 6.689   26.539  2.458   1.00 30.00 ? 71  TRP 2 CA 1 
ATOM 277 C CA . THR B 2 45  ? 3.810   28.320  4.163   1.00 30.00 ? 72  THR 2 CA 1 
ATOM 278 C CA . LYS B 2 46  ? 1.080   27.798  6.788   1.00 30.00 ? 73  LYS 2 CA 1 
ATOM 279 C CA . GLU B 2 47  ? -1.126  27.014  3.765   1.00 30.00 ? 74  GLU 2 CA 1 
ATOM 280 C CA . SER B 2 48  ? 1.111   24.467  1.960   1.00 30.00 ? 75  SER 2 CA 1 
ATOM 281 C CA . ARG B 2 49  ? -0.286  20.896  1.732   1.00 30.00 ? 76  ARG 2 CA 1 
ATOM 282 C CA . GLY B 2 50  ? 2.809   19.331  0.146   1.00 30.00 ? 77  GLY 2 CA 1 
ATOM 283 C CA . TRP B 2 51  ? 4.984   18.714  -2.896  1.00 30.00 ? 78  TRP 2 CA 1 
ATOM 284 C CA . TRP B 2 52  ? 5.872   15.822  -5.195  1.00 30.00 ? 79  TRP 2 CA 1 
ATOM 285 C CA . TRP B 2 53  ? 8.479   14.917  -7.788  1.00 30.00 ? 80  TRP 2 CA 1 
ATOM 286 C CA . LYS B 2 54  ? 9.204   11.889  -9.976  1.00 30.00 ? 81  LYS 2 CA 1 
ATOM 287 C CA . LEU B 2 55  ? 12.577  10.334  -10.863 1.00 30.00 ? 82  LEU 2 CA 1 
ATOM 288 C CA . PRO B 2 56  ? 14.095  10.502  -13.336 1.00 30.00 ? 83  PRO 2 CA 1 
ATOM 289 C CA . ASP B 2 57  ? 11.407  12.932  -14.724 1.00 30.00 ? 84  ASP 2 CA 1 
ATOM 290 C CA . ALA B 2 58  ? 12.597  15.829  -12.486 1.00 30.00 ? 85  ALA 2 CA 1 
ATOM 291 C CA . LEU B 2 59  ? 16.134  15.648  -13.887 1.00 30.00 ? 86  LEU 2 CA 1 
ATOM 292 C CA . ARG B 2 60  ? 15.068  15.239  -17.567 1.00 30.00 ? 87  ARG 2 CA 1 
ATOM 293 C CA . ASP B 2 61  ? 16.346  18.719  -18.464 1.00 30.00 ? 88  ASP 2 CA 1 
ATOM 294 C CA . MET B 2 62  ? 19.511  18.630  -16.348 1.00 30.00 ? 89  MET 2 CA 1 
ATOM 295 C CA . GLY B 2 63  ? 22.682  19.014  -18.390 1.00 30.00 ? 90  GLY 2 CA 1 
ATOM 296 C CA . LEU B 2 64  ? 24.451  15.907  -19.648 1.00 30.00 ? 91  LEU 2 CA 1 
ATOM 297 C CA . PHE B 2 65  ? 22.248  13.553  -17.618 1.00 30.00 ? 92  PHE 2 CA 1 
ATOM 298 C CA . GLY B 2 66  ? 19.109  14.699  -19.504 1.00 30.00 ? 93  GLY 2 CA 1 
ATOM 299 C CA . GLN B 2 67  ? 20.889  14.441  -22.877 1.00 30.00 ? 94  GLN 2 CA 1 
ATOM 300 C CA . ASN B 2 68  ? 22.234  10.930  -22.238 1.00 30.00 ? 95  ASN 2 CA 1 
ATOM 301 C CA . MET B 2 69  ? 18.759  9.931   -21.065 1.00 30.00 ? 96  MET 2 CA 1 
ATOM 302 C CA . TYR B 2 70  ? 16.940  11.112  -24.246 1.00 30.00 ? 97  TYR 2 CA 1 
ATOM 303 C CA . TYR B 2 71  ? 19.558  9.693   -26.694 1.00 30.00 ? 98  TYR 2 CA 1 
ATOM 304 C CA . HIS B 2 72  ? 19.091  6.133   -25.349 1.00 30.00 ? 99  HIS 2 CA 1 
ATOM 305 C CA . TYR B 2 73  ? 16.170  3.665   -25.355 1.00 30.00 ? 100 TYR 2 CA 1 
ATOM 306 C CA . LEU B 2 74  ? 17.309  2.332   -21.990 1.00 30.00 ? 101 LEU 2 CA 1 
ATOM 307 C CA . GLY B 2 75  ? 18.653  3.731   -18.780 1.00 30.00 ? 102 GLY 2 CA 1 
ATOM 308 C CA . ARG B 2 76  ? 19.200  3.026   -15.113 1.00 30.00 ? 103 ARG 2 CA 1 
ATOM 309 C CA . SER B 2 77  ? 20.138  5.302   -12.229 1.00 30.00 ? 104 SER 2 CA 1 
ATOM 310 C CA . GLY B 2 78  ? 20.333  5.649   -8.487  1.00 30.00 ? 105 GLY 2 CA 1 
ATOM 311 C CA . TYR B 2 79  ? 20.224  9.026   -6.685  1.00 30.00 ? 106 TYR 2 CA 1 
ATOM 312 C CA . THR B 2 80  ? 21.564  11.086  -3.796  1.00 30.00 ? 107 THR 2 CA 1 
ATOM 313 C CA . VAL B 2 81  ? 18.599  13.237  -2.757  1.00 30.00 ? 108 VAL 2 CA 1 
ATOM 314 C CA . HIS B 2 82  ? 19.353  16.259  -0.582  1.00 30.00 ? 109 HIS 2 CA 1 
ATOM 315 C CA . VAL B 2 83  ? 16.398  18.290  0.660   1.00 30.00 ? 110 VAL 2 CA 1 
ATOM 316 C CA . GLN B 2 84  ? 17.392  21.687  2.115   1.00 30.00 ? 111 GLN 2 CA 1 
ATOM 317 C CA . CYS B 2 85  ? 15.258  23.748  4.500   1.00 30.00 ? 112 CYS 2 CA 1 
ATOM 318 C CA . ASN B 2 86  ? 16.663  26.092  7.121   1.00 30.00 ? 113 ASN 2 CA 1 
ATOM 319 C CA . ALA B 2 87  ? 14.847  28.425  9.493   1.00 30.00 ? 114 ALA 2 CA 1 
ATOM 320 C CA . SER B 2 88  ? 15.596  29.626  13.080  1.00 30.00 ? 115 SER 2 CA 1 
ATOM 321 C CA . LYS B 2 89  ? 15.407  28.505  16.740  1.00 30.00 ? 116 LYS 2 CA 1 
ATOM 322 C CA . PHE B 2 90  ? 12.120  30.407  17.030  1.00 30.00 ? 117 PHE 2 CA 1 
ATOM 323 C CA . HIS B 2 91  ? 10.407  28.679  14.083  1.00 30.00 ? 118 HIS 2 CA 1 
ATOM 324 C CA . GLN B 2 92  ? 8.452   25.418  14.396  1.00 30.00 ? 119 GLN 2 CA 1 
ATOM 325 C CA . GLY B 2 93  ? 7.426   22.711  11.929  1.00 30.00 ? 120 GLY 2 CA 1 
ATOM 326 C CA . ALA B 2 94  ? 8.104   19.274  10.501  1.00 30.00 ? 121 ALA 2 CA 1 
ATOM 327 C CA . LEU B 2 95  ? 8.482   18.117  6.917   1.00 30.00 ? 122 LEU 2 CA 1 
ATOM 328 C CA . GLY B 2 96  ? 8.052   14.413  6.150   1.00 30.00 ? 123 GLY 2 CA 1 
ATOM 329 C CA . VAL B 2 97  ? 10.409  13.530  3.290   1.00 30.00 ? 124 VAL 2 CA 1 
ATOM 330 C CA . PHE B 2 98  ? 9.582   10.258  1.561   1.00 30.00 ? 125 PHE 2 CA 1 
ATOM 331 C CA . ALA B 2 99  ? 11.099  8.120   -1.189  1.00 30.00 ? 126 ALA 2 CA 1 
ATOM 332 C CA . VAL B 2 100 ? 8.477   5.882   -2.783  1.00 30.00 ? 127 VAL 2 CA 1 
ATOM 333 C CA . PRO B 2 101 ? 9.227   3.179   -5.416  1.00 30.00 ? 128 PRO 2 CA 1 
ATOM 334 C CA . GLU B 2 102 ? 6.668   3.116   -8.256  1.00 30.00 ? 129 GLU 2 CA 1 
ATOM 335 C CA . MET B 2 103 ? 4.777   6.089   -6.774  1.00 30.00 ? 130 MET 2 CA 1 
ATOM 336 C CA . CYS B 2 104 ? 1.576   5.715   -8.756  1.00 30.00 ? 131 CYS 2 CA 1 
ATOM 337 C CA . LEU B 2 105 ? -0.789  8.626   -8.019  1.00 30.00 ? 132 LEU 2 CA 1 
ATOM 338 C CA . ALA B 2 106 ? -4.592  8.973   -8.229  1.00 30.00 ? 133 ALA 2 CA 1 
ATOM 339 C CA . GLY B 2 107 ? -6.320  10.838  -11.065 1.00 30.00 ? 134 GLY 2 CA 1 
ATOM 340 C CA . ASP B 2 108 ? -8.881  13.653  -11.232 1.00 30.00 ? 135 ASP 2 CA 1 
ATOM 341 C CA . SER B 2 109 ? -11.785 11.707  -12.770 1.00 30.00 ? 136 SER 2 CA 1 
ATOM 342 C CA . ASN B 2 110 ? -14.653 9.850   -11.195 1.00 30.00 ? 137 ASN 2 CA 1 
ATOM 343 C CA . THR B 2 111 ? -16.107 8.772   -14.563 1.00 30.00 ? 138 THR 2 CA 1 
ATOM 344 C CA . THR B 2 112 ? -12.986 7.286   -16.213 1.00 30.00 ? 139 THR 2 CA 1 
ATOM 345 C CA . THR B 2 113 ? -9.849  5.683   -14.672 1.00 30.00 ? 140 THR 2 CA 1 
ATOM 346 C CA . MET B 2 114 ? -6.034  5.658   -15.168 1.00 30.00 ? 141 MET 2 CA 1 
ATOM 347 C CA . HIS B 2 115 ? -6.491  8.485   -17.644 1.00 30.00 ? 142 HIS 2 CA 1 
ATOM 348 C CA . THR B 2 116 ? -3.925  10.985  -16.468 1.00 30.00 ? 143 THR 2 CA 1 
ATOM 349 C CA . SER B 2 117 ? -2.025  12.282  -19.523 1.00 30.00 ? 144 SER 2 CA 1 
ATOM 350 C CA . TYR B 2 118 ? 1.764   11.737  -19.916 1.00 30.00 ? 145 TYR 2 CA 1 
ATOM 351 C CA . GLN B 2 119 ? 2.221   15.517  -19.925 1.00 30.00 ? 146 GLN 2 CA 1 
ATOM 352 C CA . ASN B 2 120 ? 0.393   15.998  -16.606 1.00 30.00 ? 147 ASN 2 CA 1 
ATOM 353 C CA . ALA B 2 121 ? 1.935   12.865  -15.048 1.00 30.00 ? 148 ALA 2 CA 1 
ATOM 354 C CA . ASN B 2 122 ? 5.371   14.318  -15.699 1.00 30.00 ? 149 ASN 2 CA 1 
ATOM 355 C CA . PRO B 2 123 ? 5.797   17.977  -14.490 1.00 30.00 ? 150 PRO 2 CA 1 
ATOM 356 C CA . GLY B 2 124 ? 9.605   17.715  -14.810 1.00 30.00 ? 151 GLY 2 CA 1 
ATOM 357 C CA . GLU B 2 125 ? 11.808  19.799  -12.517 1.00 30.00 ? 152 GLU 2 CA 1 
ATOM 358 C CA . LYS B 2 126 ? 8.926   21.933  -11.226 1.00 30.00 ? 153 LYS 2 CA 1 
ATOM 359 C CA . GLY B 2 127 ? 7.047   19.020  -9.690  1.00 30.00 ? 154 GLY 2 CA 1 
ATOM 360 C CA . GLY B 2 128 ? 3.510   18.727  -8.431  1.00 30.00 ? 155 GLY 2 CA 1 
ATOM 361 C CA . THR B 2 129 ? 1.538   19.470  -5.272  1.00 30.00 ? 156 THR 2 CA 1 
ATOM 362 C CA . PHE B 2 130 ? -0.798  17.767  -2.858  1.00 30.00 ? 157 PHE 2 CA 1 
ATOM 363 C CA . THR B 2 131 ? -4.354  18.829  -2.074  1.00 30.00 ? 158 THR 2 CA 1 
ATOM 364 C CA . GLY B 2 132 ? -6.312  18.658  1.194   1.00 30.00 ? 159 GLY 2 CA 1 
ATOM 365 C CA . THR B 2 133 ? -9.451  17.814  -0.797  1.00 30.00 ? 160 THR 2 CA 1 
ATOM 366 C CA . PHE B 2 134 ? -10.538 15.555  -3.636  1.00 30.00 ? 161 PHE 2 CA 1 
ATOM 367 C CA . THR B 2 135 ? -12.336 17.577  -6.265  1.00 30.00 ? 162 THR 2 CA 1 
ATOM 368 C CA . PRO B 2 136 ? -13.304 15.747  -9.482  1.00 30.00 ? 163 PRO 2 CA 1 
ATOM 369 C CA . ASP B 2 137 ? -12.798 16.843  -13.052 1.00 30.00 ? 164 ASP 2 CA 1 
ATOM 370 C CA . ASN B 2 138 ? -16.430 17.416  -14.123 1.00 30.00 ? 165 ASN 2 CA 1 
ATOM 371 C CA . ASN B 2 139 ? -15.765 18.631  -17.703 1.00 30.00 ? 166 ASN 2 CA 1 
ATOM 372 C CA . GLN B 2 140 ? -16.480 15.382  -19.601 1.00 30.00 ? 167 GLN 2 CA 1 
ATOM 373 C CA . THR B 2 141 ? -15.992 16.902  -23.108 1.00 30.00 ? 168 THR 2 CA 1 
ATOM 374 C CA . SER B 2 142 ? -12.529 18.396  -22.468 1.00 30.00 ? 169 SER 2 CA 1 
ATOM 375 C CA . PRO B 2 143 ? -10.971 16.458  -19.563 1.00 30.00 ? 170 PRO 2 CA 1 
ATOM 376 C CA . ALA B 2 144 ? -8.229  18.023  -17.433 1.00 30.00 ? 171 ALA 2 CA 1 
ATOM 377 C CA . ARG B 2 145 ? -6.626  14.516  -17.510 1.00 30.00 ? 172 ARG 2 CA 1 
ATOM 378 C CA . ARG B 2 146 ? -4.534  15.086  -14.453 1.00 30.00 ? 173 ARG 2 CA 1 
ATOM 379 C CA . PHE B 2 147 ? -3.846  13.945  -10.908 1.00 30.00 ? 174 PHE 2 CA 1 
ATOM 380 C CA . CYS B 2 148 ? -5.743  14.800  -7.724  1.00 30.00 ? 175 CYS 2 CA 1 
ATOM 381 C CA . PRO B 2 149 ? -3.313  13.732  -4.982  1.00 30.00 ? 176 PRO 2 CA 1 
ATOM 382 C CA . VAL B 2 150 ? -5.003  14.066  -1.605  1.00 30.00 ? 177 VAL 2 CA 1 
ATOM 383 C CA . ASP B 2 151 ? -2.448  14.671  1.182   1.00 30.00 ? 178 ASP 2 CA 1 
ATOM 384 C CA . TYR B 2 152 ? -3.767  12.401  4.014   1.00 30.00 ? 179 TYR 2 CA 1 
ATOM 385 C CA . LEU B 2 153 ? -4.135  9.570   1.477   1.00 30.00 ? 180 LEU 2 CA 1 
ATOM 386 C CA . LEU B 2 154 ? -0.552  10.001  0.147   1.00 30.00 ? 181 LEU 2 CA 1 
ATOM 387 C CA . GLY B 2 155 ? -2.169  10.888  -3.178  1.00 30.00 ? 182 GLY 2 CA 1 
ATOM 388 C CA . ASN B 2 156 ? -2.750  7.113   -3.742  1.00 30.00 ? 183 ASN 2 CA 1 
ATOM 389 C CA . GLY B 2 157 ? -5.526  5.658   -1.514  1.00 30.00 ? 184 GLY 2 CA 1 
ATOM 390 C CA . THR B 2 158 ? -3.372  4.620   1.462   1.00 30.00 ? 185 THR 2 CA 1 
ATOM 391 C CA . LEU B 2 159 ? -3.072  6.478   4.796   1.00 30.00 ? 186 LEU 2 CA 1 
ATOM 392 C CA . LEU B 2 160 ? -0.261  9.044   5.095   1.00 30.00 ? 187 LEU 2 CA 1 
ATOM 393 C CA . GLY B 2 161 ? 0.620   7.983   8.685   1.00 30.00 ? 188 GLY 2 CA 1 
ATOM 394 C CA . ASN B 2 162 ? 1.846   4.683   7.230   1.00 30.00 ? 189 ASN 2 CA 1 
ATOM 395 C CA . ALA B 2 163 ? 4.166   6.251   4.572   1.00 30.00 ? 190 ALA 2 CA 1 
ATOM 396 C CA . PHE B 2 164 ? 7.009   5.709   7.052   1.00 30.00 ? 191 PHE 2 CA 1 
ATOM 397 C CA . VAL B 2 165 ? 7.357   2.050   5.923   1.00 30.00 ? 192 VAL 2 CA 1 
ATOM 398 C CA . PHE B 2 166 ? 9.011   3.753   2.956   1.00 30.00 ? 193 PHE 2 CA 1 
ATOM 399 C CA . PRO B 2 167 ? 12.633  5.105   3.044   1.00 30.00 ? 194 PRO 2 CA 1 
ATOM 400 C CA . HIS B 2 168 ? 12.463  8.467   4.717   1.00 30.00 ? 195 HIS 2 CA 1 
ATOM 401 C CA . GLN B 2 169 ? 13.746  11.299  6.850   1.00 30.00 ? 196 GLN 2 CA 1 
ATOM 402 C CA . ILE B 2 170 ? 11.964  14.032  8.788   1.00 30.00 ? 197 ILE 2 CA 1 
ATOM 403 C CA . ILE B 2 171 ? 12.962  17.697  8.710   1.00 30.00 ? 198 ILE 2 CA 1 
ATOM 404 C CA . ASN B 2 172 ? 12.008  18.956  12.175  1.00 30.00 ? 199 ASN 2 CA 1 
ATOM 405 C CA . LEU B 2 173 ? 12.947  22.661  12.333  1.00 30.00 ? 200 LEU 2 CA 1 
ATOM 406 C CA . ARG B 2 174 ? 14.192  22.478  15.931  1.00 30.00 ? 201 ARG 2 CA 1 
ATOM 407 C CA . THR B 2 175 ? 16.536  19.547  15.154  1.00 30.00 ? 202 THR 2 CA 1 
ATOM 408 C CA . ASN B 2 176 ? 17.672  19.774  11.490  1.00 30.00 ? 203 ASN 2 CA 1 
ATOM 409 C CA . ASN B 2 177 ? 18.093  21.871  8.320   1.00 30.00 ? 204 ASN 2 CA 1 
ATOM 410 C CA . CYS B 2 178 ? 17.896  18.967  5.901   1.00 30.00 ? 205 CYS 2 CA 1 
ATOM 411 C CA . ALA B 2 179 ? 17.237  15.480  4.683   1.00 30.00 ? 206 ALA 2 CA 1 
ATOM 412 C CA . THR B 2 180 ? 19.603  13.110  2.873   1.00 30.00 ? 207 THR 2 CA 1 
ATOM 413 C CA . LEU B 2 181 ? 18.362  10.035  1.050   1.00 30.00 ? 208 LEU 2 CA 1 
ATOM 414 C CA . VAL B 2 182 ? 20.562  7.654   -0.934  1.00 30.00 ? 209 VAL 2 CA 1 
ATOM 415 C CA . LEU B 2 183 ? 18.421  5.747   -3.412  1.00 30.00 ? 210 LEU 2 CA 1 
ATOM 416 C CA . PRO B 2 184 ? 19.439  2.627   -5.386  1.00 30.00 ? 211 PRO 2 CA 1 
ATOM 417 C CA . TYR B 2 185 ? 17.905  1.742   -8.731  1.00 30.00 ? 212 TYR 2 CA 1 
ATOM 418 C CA . VAL B 2 186 ? 14.665  -0.078  -7.850  1.00 30.00 ? 213 VAL 2 CA 1 
ATOM 419 C CA . ASN B 2 187 ? 12.621  -1.998  -10.391 1.00 30.00 ? 214 ASN 2 CA 1 
ATOM 420 C CA . SER B 2 188 ? 11.128  -5.338  -11.558 1.00 30.00 ? 215 SER 2 CA 1 
ATOM 421 C CA . LEU B 2 189 ? 13.632  -5.220  -14.432 1.00 30.00 ? 216 LEU 2 CA 1 
ATOM 422 C CA . SER B 2 190 ? 17.461  -4.883  -14.581 1.00 30.00 ? 217 SER 2 CA 1 
ATOM 423 C CA . ILE B 2 191 ? 17.203  -1.767  -16.768 1.00 30.00 ? 218 ILE 2 CA 1 
ATOM 424 C CA . ASP B 2 192 ? 14.181  -0.013  -18.395 1.00 30.00 ? 219 ASP 2 CA 1 
ATOM 425 C CA . SER B 2 193 ? 12.794  2.959   -20.358 1.00 30.00 ? 220 SER 2 CA 1 
ATOM 426 C CA . MET B 2 194 ? 13.594  6.086   -18.345 1.00 30.00 ? 221 MET 2 CA 1 
ATOM 427 C CA . VAL B 2 195 ? 11.338  8.199   -20.588 1.00 30.00 ? 222 VAL 2 CA 1 
ATOM 428 C CA . LYS B 2 196 ? 8.237   5.960   -20.289 1.00 30.00 ? 223 LYS 2 CA 1 
ATOM 429 C CA . HIS B 2 197 ? 8.751   4.988   -16.640 1.00 30.00 ? 224 HIS 2 CA 1 
ATOM 430 C CA . ASN B 2 198 ? 9.573   6.676   -13.377 1.00 30.00 ? 225 ASN 2 CA 1 
ATOM 431 C CA . ASN B 2 199 ? 11.252  4.505   -10.731 1.00 30.00 ? 226 ASN 2 CA 1 
ATOM 432 C CA . TRP B 2 200 ? 10.979  6.696   -7.681  1.00 30.00 ? 227 TRP 2 CA 1 
ATOM 433 C CA . GLY B 2 201 ? 8.644   9.353   -6.346  1.00 30.00 ? 228 GLY 2 CA 1 
ATOM 434 C CA . ILE B 2 202 ? 9.793   12.010  -3.882  1.00 30.00 ? 229 ILE 2 CA 1 
ATOM 435 C CA . ALA B 2 203 ? 6.983   13.161  -1.593  1.00 30.00 ? 230 ALA 2 CA 1 
ATOM 436 C CA . ILE B 2 204 ? 7.306   16.097  0.827   1.00 30.00 ? 231 ILE 2 CA 1 
ATOM 437 C CA . LEU B 2 205 ? 4.467   16.758  3.252   1.00 30.00 ? 232 LEU 2 CA 1 
ATOM 438 C CA . PRO B 2 206 ? 4.146   19.016  6.322   1.00 30.00 ? 233 PRO 2 CA 1 
ATOM 439 C CA . LEU B 2 207 ? 3.626   16.547  9.180   1.00 30.00 ? 234 LEU 2 CA 1 
ATOM 440 C CA . ALA B 2 208 ? 3.490   19.555  11.472  1.00 30.00 ? 235 ALA 2 CA 1 
ATOM 441 C CA . PRO B 2 209 ? 2.587   22.989  9.988   1.00 30.00 ? 236 PRO 2 CA 1 
ATOM 442 C CA . LEU B 2 210 ? 5.016   25.865  9.655   1.00 30.00 ? 237 LEU 2 CA 1 
ATOM 443 C CA . ASN B 2 211 ? 4.887   28.356  12.484  1.00 30.00 ? 238 ASN 2 CA 1 
ATOM 444 C CA . PHE B 2 212 ? 6.825   31.434  13.622  1.00 30.00 ? 239 PHE 2 CA 1 
ATOM 445 C CA . ALA B 2 213 ? 6.893   33.865  16.565  1.00 30.00 ? 240 ALA 2 CA 1 
ATOM 446 C CA . SER B 2 214 ? 3.391   35.308  15.977  1.00 30.00 ? 241 SER 2 CA 1 
ATOM 447 C CA . GLU B 2 215 ? 3.416   36.293  12.284  1.00 30.00 ? 242 GLU 2 CA 1 
ATOM 448 C CA . SER B 2 216 ? 0.124   34.990  10.739  1.00 30.00 ? 243 SER 2 CA 1 
ATOM 449 C CA . SER B 2 217 ? 1.743   34.488  7.324   1.00 30.00 ? 244 SER 2 CA 1 
ATOM 450 C CA . PRO B 2 218 ? 5.361   33.248  7.715   1.00 30.00 ? 245 PRO 2 CA 1 
ATOM 451 C CA . GLU B 2 219 ? 7.265   31.614  4.898   1.00 30.00 ? 246 GLU 2 CA 1 
ATOM 452 C CA . ILE B 2 220 ? 10.452  29.585  4.351   1.00 30.00 ? 247 ILE 2 CA 1 
ATOM 453 C CA . PRO B 2 221 ? 12.124  28.107  1.253   1.00 30.00 ? 248 PRO 2 CA 1 
ATOM 454 C CA . ILE B 2 222 ? 12.622  24.447  0.492   1.00 30.00 ? 249 ILE 2 CA 1 
ATOM 455 C CA . THR B 2 223 ? 15.487  23.821  -1.924  1.00 30.00 ? 250 THR 2 CA 1 
ATOM 456 C CA . LEU B 2 224 ? 15.777  20.359  -3.495  1.00 30.00 ? 251 LEU 2 CA 1 
ATOM 457 C CA . THR B 2 225 ? 19.180  19.215  -4.871  1.00 30.00 ? 252 THR 2 CA 1 
ATOM 458 C CA . ILE B 2 226 ? 19.616  15.789  -6.522  1.00 30.00 ? 253 ILE 2 CA 1 
ATOM 459 C CA . ALA B 2 227 ? 22.479  13.751  -7.959  1.00 30.00 ? 254 ALA 2 CA 1 
ATOM 460 C CA . PRO B 2 228 ? 22.314  10.746  -10.318 1.00 30.00 ? 255 PRO 2 CA 1 
ATOM 461 C CA . MET B 2 229 ? 24.508  7.793   -9.250  1.00 30.00 ? 256 MET 2 CA 1 
ATOM 462 C CA . CYS B 2 230 ? 26.247  4.799   -10.891 1.00 30.00 ? 257 CYS 2 CA 1 
ATOM 463 C CA . CYS B 2 231 ? 24.148  5.527   -13.950 1.00 30.00 ? 258 CYS 2 CA 1 
ATOM 464 C CA . GLU B 2 232 ? 24.189  3.683   -17.230 1.00 30.00 ? 259 GLU 2 CA 1 
ATOM 465 C CA . PHE B 2 233 ? 22.542  3.717   -20.610 1.00 30.00 ? 260 PHE 2 CA 1 
ATOM 466 C CA . ASN B 2 234 ? 21.780  1.308   -23.448 1.00 30.00 ? 261 ASN 2 CA 1 
ATOM 467 C CA . GLY B 2 235 ? 20.340  1.268   -26.985 1.00 30.00 ? 262 GLY 2 CA 1 
ATOM 468 C CA . LEU B 2 236 ? 21.807  4.423   -28.539 1.00 30.00 ? 263 LEU 2 CA 1 
ATOM 469 C CA . ARG B 2 237 ? 20.059  6.161   -31.420 1.00 30.00 ? 264 ARG 2 CA 1 
ATOM 470 C CA . ASP C 3 1   ? 7.981   3.457   13.546  1.00 30.00 ? 50  ASP 3 CA 1 
ATOM 471 C CA . THR C 3 2   ? 4.745   4.725   12.034  1.00 30.00 ? 51  THR 3 CA 1 
ATOM 472 C CA . MET C 3 3   ? 3.011   8.015   12.958  1.00 30.00 ? 52  MET 3 CA 1 
ATOM 473 C CA . ILE C 3 4   ? -0.133  7.858   15.110  1.00 30.00 ? 53  ILE 3 CA 1 
ATOM 474 C CA . PRO C 3 5   ? -3.325  9.780   14.166  1.00 30.00 ? 54  PRO 3 CA 1 
ATOM 475 C CA . PHE C 3 6   ? -4.068  10.700  17.810  1.00 30.00 ? 55  PHE 3 CA 1 
ATOM 476 C CA . ASP C 3 7   ? -6.544  13.539  17.305  1.00 30.00 ? 56  ASP 3 CA 1 
ATOM 477 C CA . LEU C 3 8   ? -9.484  11.859  15.539  1.00 30.00 ? 57  LEU 3 CA 1 
ATOM 478 C CA . SER C 3 9   ? -11.875 14.618  16.641  1.00 30.00 ? 58  SER 3 CA 1 
ATOM 479 C CA . ALA C 3 10  ? -14.890 15.345  14.363  1.00 30.00 ? 59  ALA 3 CA 1 
ATOM 480 C CA . THR C 3 11  ? -13.089 18.219  12.588  1.00 30.00 ? 60  THR 3 CA 1 
ATOM 481 C CA . LYS C 3 12  ? -9.442  17.045  12.609  1.00 30.00 ? 61  LYS 3 CA 1 
ATOM 482 C CA . LYS C 3 13  ? -9.998  13.459  11.519  1.00 30.00 ? 62  LYS 3 CA 1 
ATOM 483 C CA . ASN C 3 14  ? -9.142  12.472  7.932   1.00 30.00 ? 63  ASN 3 CA 1 
ATOM 484 C CA . THR C 3 15  ? -6.913  15.559  7.586   1.00 30.00 ? 64  THR 3 CA 1 
ATOM 485 C CA . MET C 3 16  ? -3.181  16.315  8.166   1.00 30.00 ? 65  MET 3 CA 1 
ATOM 486 C CA . GLU C 3 17  ? -4.161  17.656  11.595  1.00 30.00 ? 66  GLU 3 CA 1 
ATOM 487 C CA . MET C 3 18  ? -5.179  14.312  13.172  1.00 30.00 ? 67  MET 3 CA 1 
ATOM 488 C CA . TYR C 3 19  ? -1.446  13.553  13.579  1.00 30.00 ? 68  TYR 3 CA 1 
ATOM 489 C CA . ARG C 3 20  ? -0.681  16.672  15.631  1.00 30.00 ? 69  ARG 3 CA 1 
ATOM 490 C CA . VAL C 3 21  ? -1.002  16.627  19.424  1.00 30.00 ? 70  VAL 3 CA 1 
ATOM 491 C CA . ARG C 3 22  ? -1.070  20.285  20.430  1.00 30.00 ? 71  ARG 3 CA 1 
ATOM 492 C CA . LEU C 3 23  ? 0.596   21.525  23.637  1.00 30.00 ? 72  LEU 3 CA 1 
ATOM 493 C CA . SER C 3 24  ? 1.086   24.903  25.367  1.00 30.00 ? 73  SER 3 CA 1 
ATOM 494 C CA . ASP C 3 25  ? 3.011   27.183  27.778  1.00 30.00 ? 74  ASP 3 CA 1 
ATOM 495 C CA . LYS C 3 26  ? 0.092   27.057  30.186  1.00 30.00 ? 75  LYS 3 CA 1 
ATOM 496 C CA . PRO C 3 27  ? 0.037   26.236  33.919  1.00 30.00 ? 76  PRO 3 CA 1 
ATOM 497 C CA . HIS C 3 28  ? 0.705   22.925  35.508  1.00 30.00 ? 77  HIS 3 CA 1 
ATOM 498 C CA . THR C 3 29  ? -2.389  20.795  35.418  1.00 30.00 ? 78  THR 3 CA 1 
ATOM 499 C CA . ASP C 3 30  ? -2.695  17.146  36.444  1.00 30.00 ? 79  ASP 3 CA 1 
ATOM 500 C CA . ASP C 3 31  ? -5.126  16.463  33.601  1.00 30.00 ? 80  ASP 3 CA 1 
ATOM 501 C CA . PRO C 3 32  ? -4.334  14.236  30.577  1.00 30.00 ? 81  PRO 3 CA 1 
ATOM 502 C CA . ILE C 3 33  ? -2.931  15.588  27.320  1.00 30.00 ? 82  ILE 3 CA 1 
ATOM 503 C CA . LEU C 3 34  ? -4.065  12.390  25.610  1.00 30.00 ? 83  LEU 3 CA 1 
ATOM 504 C CA . CYS C 3 35  ? -5.733  9.116   26.608  1.00 30.00 ? 84  CYS 3 CA 1 
ATOM 505 C CA . LEU C 3 36  ? -5.517  5.918   24.491  1.00 30.00 ? 85  LEU 3 CA 1 
ATOM 506 C CA . SER C 3 37  ? -6.400  2.214   24.878  1.00 30.00 ? 86  SER 3 CA 1 
ATOM 507 C CA . LEU C 3 38  ? -3.890  -0.583  24.237  1.00 30.00 ? 87  LEU 3 CA 1 
ATOM 508 C CA . SER C 3 39  ? -5.926  -2.311  21.560  1.00 30.00 ? 88  SER 3 CA 1 
ATOM 509 C CA . PRO C 3 40  ? -3.474  -2.011  18.641  1.00 30.00 ? 89  PRO 3 CA 1 
ATOM 510 C CA . ALA C 3 41  ? -5.652  -3.642  15.987  1.00 30.00 ? 90  ALA 3 CA 1 
ATOM 511 C CA . SER C 3 42  ? -9.058  -2.274  17.102  1.00 30.00 ? 91  SER 3 CA 1 
ATOM 512 C CA . ASP C 3 43  ? -8.561  1.187   18.703  1.00 30.00 ? 92  ASP 3 CA 1 
ATOM 513 C CA . PRO C 3 44  ? -9.093  3.720   15.813  1.00 30.00 ? 93  PRO 3 CA 1 
ATOM 514 C CA . ARG C 3 45  ? -5.918  5.699   16.561  1.00 30.00 ? 94  ARG 3 CA 1 
ATOM 515 C CA . LEU C 3 46  ? -3.760  2.562   16.260  1.00 30.00 ? 95  LEU 3 CA 1 
ATOM 516 C CA . SER C 3 47  ? -5.845  0.343   13.871  1.00 30.00 ? 96  SER 3 CA 1 
ATOM 517 C CA . HIS C 3 48  ? -4.669  2.268   10.783  1.00 30.00 ? 97  HIS 3 CA 1 
ATOM 518 C CA . THR C 3 49  ? -0.930  2.547   11.543  1.00 30.00 ? 98  THR 3 CA 1 
ATOM 519 C CA . MET C 3 50  ? 1.438   0.103   9.691   1.00 30.00 ? 99  MET 3 CA 1 
ATOM 520 C CA . LEU C 3 51  ? 1.464   -2.049  12.856  1.00 30.00 ? 100 LEU 3 CA 1 
ATOM 521 C CA . GLY C 3 52  ? -2.352  -1.935  13.282  1.00 30.00 ? 101 GLY 3 CA 1 
ATOM 522 C CA . GLU C 3 53  ? -2.836  -2.721  9.580   1.00 30.00 ? 102 GLU 3 CA 1 
ATOM 523 C CA . ILE C 3 54  ? -0.627  -5.857  9.618   1.00 30.00 ? 103 ILE 3 CA 1 
ATOM 524 C CA . LEU C 3 55  ? -2.368  -6.952  12.845  1.00 30.00 ? 104 LEU 3 CA 1 
ATOM 525 C CA . ASN C 3 56  ? -5.746  -6.833  11.043  1.00 30.00 ? 105 ASN 3 CA 1 
ATOM 526 C CA . TYR C 3 57  ? -4.619  -9.699  8.775   1.00 30.00 ? 106 TYR 3 CA 1 
ATOM 527 C CA . TYR C 3 58  ? -4.163  -11.839 11.911  1.00 30.00 ? 107 TYR 3 CA 1 
ATOM 528 C CA . THR C 3 59  ? -6.420  -12.990 14.781  1.00 30.00 ? 108 THR 3 CA 1 
ATOM 529 C CA . HIS C 3 60  ? -3.832  -13.012 17.577  1.00 30.00 ? 109 HIS 3 CA 1 
ATOM 530 C CA . TRP C 3 61  ? -1.057  -10.709 18.772  1.00 30.00 ? 110 TRP 3 CA 1 
ATOM 531 C CA . ALA C 3 62  ? 1.696   -10.921 21.383  1.00 30.00 ? 111 ALA 3 CA 1 
ATOM 532 C CA . GLY C 3 63  ? 4.682   -8.954  22.608  1.00 30.00 ? 112 GLY 3 CA 1 
ATOM 533 C CA . SER C 3 64  ? 6.073   -5.627  23.656  1.00 30.00 ? 113 SER 3 CA 1 
ATOM 534 C CA . LEU C 3 65  ? 5.327   -2.365  21.879  1.00 30.00 ? 114 LEU 3 CA 1 
ATOM 535 C CA . LYS C 3 66  ? 7.179   0.941   21.915  1.00 30.00 ? 115 LYS 3 CA 1 
ATOM 536 C CA . PHE C 3 67  ? 5.826   4.442   21.717  1.00 30.00 ? 116 PHE 3 CA 1 
ATOM 537 C CA . THR C 3 68  ? 8.090   7.254   20.558  1.00 30.00 ? 117 THR 3 CA 1 
ATOM 538 C CA . PHE C 3 69  ? 7.225   10.938  20.985  1.00 30.00 ? 118 PHE 3 CA 1 
ATOM 539 C CA . LEU C 3 70  ? 8.726   13.782  18.958  1.00 30.00 ? 119 LEU 3 CA 1 
ATOM 540 C CA . PHE C 3 71  ? 8.773   17.393  20.193  1.00 30.00 ? 120 PHE 3 CA 1 
ATOM 541 C CA . CYS C 3 72  ? 8.128   19.772  17.275  1.00 30.00 ? 121 CYS 3 CA 1 
ATOM 542 C CA . GLY C 3 73  ? 8.305   22.979  19.274  1.00 30.00 ? 122 GLY 3 CA 1 
ATOM 543 C CA . SER C 3 74  ? 10.995  25.701  19.135  1.00 30.00 ? 123 SER 3 CA 1 
ATOM 544 C CA . MET C 3 75  ? 14.579  25.151  20.426  1.00 30.00 ? 124 MET 3 CA 1 
ATOM 545 C CA . MET C 3 76  ? 13.888  27.808  23.084  1.00 30.00 ? 125 MET 3 CA 1 
ATOM 546 C CA . ALA C 3 77  ? 10.938  25.829  24.493  1.00 30.00 ? 126 ALA 3 CA 1 
ATOM 547 C CA . THR C 3 78  ? 11.541  23.648  27.536  1.00 30.00 ? 127 THR 3 CA 1 
ATOM 548 C CA . GLY C 3 79  ? 9.420   21.141  29.447  1.00 30.00 ? 128 GLY 3 CA 1 
ATOM 549 C CA . LYS C 3 80  ? 8.896   17.896  31.303  1.00 30.00 ? 129 LYS 3 CA 1 
ATOM 550 C CA . LEU C 3 81  ? 6.217   15.375  30.360  1.00 30.00 ? 130 LEU 3 CA 1 
ATOM 551 C CA . LEU C 3 82  ? 4.985   12.130  31.921  1.00 30.00 ? 131 LEU 3 CA 1 
ATOM 552 C CA . VAL C 3 83  ? 4.248   9.167   29.653  1.00 30.00 ? 132 VAL 3 CA 1 
ATOM 553 C CA . SER C 3 84  ? 2.230   6.347   31.239  1.00 30.00 ? 133 SER 3 CA 1 
ATOM 554 C CA . TYR C 3 85  ? 1.128   2.780   30.773  1.00 30.00 ? 134 TYR 3 CA 1 
ATOM 555 C CA . ALA C 3 86  ? -1.412  1.224   33.080  1.00 30.00 ? 135 ALA 3 CA 1 
ATOM 556 C CA . PRO C 3 87  ? -2.132  -2.526  32.849  1.00 30.00 ? 136 PRO 3 CA 1 
ATOM 557 C CA . PRO C 3 88  ? -5.860  -3.380  32.699  1.00 30.00 ? 137 PRO 3 CA 1 
ATOM 558 C CA . GLY C 3 89  ? -8.192  -4.062  35.634  1.00 30.00 ? 138 GLY 3 CA 1 
ATOM 559 C CA . ALA C 3 90  ? -8.494  -0.813  37.533  1.00 30.00 ? 139 ALA 3 CA 1 
ATOM 560 C CA . ASP C 3 91  ? -9.990  2.609   36.782  1.00 30.00 ? 140 ASP 3 CA 1 
ATOM 561 C CA . PRO C 3 92  ? -8.344  4.155   33.660  1.00 30.00 ? 141 PRO 3 CA 1 
ATOM 562 C CA . PRO C 3 93  ? -6.117  7.055   34.714  1.00 30.00 ? 142 PRO 3 CA 1 
ATOM 563 C CA . LYS C 3 94  ? -7.709  10.520  34.436  1.00 30.00 ? 143 LYS 3 CA 1 
ATOM 564 C CA . LYS C 3 95  ? -5.045  12.171  36.616  1.00 30.00 ? 144 LYS 3 CA 1 
ATOM 565 C CA . ARG C 3 96  ? -1.253  12.321  36.783  1.00 30.00 ? 145 ARG 3 CA 1 
ATOM 566 C CA . LYS C 3 97  ? -1.495  10.954  40.339  1.00 30.00 ? 146 LYS 3 CA 1 
ATOM 567 C CA . GLU C 3 98  ? -3.067  7.663   39.181  1.00 30.00 ? 147 GLU 3 CA 1 
ATOM 568 C CA . ALA C 3 99  ? -0.986  7.456   35.994  1.00 30.00 ? 148 ALA 3 CA 1 
ATOM 569 C CA . MET C 3 100 ? 2.245   7.992   37.974  1.00 30.00 ? 149 MET 3 CA 1 
ATOM 570 C CA . LEU C 3 101 ? 1.505   4.742   39.880  1.00 30.00 ? 150 LEU 3 CA 1 
ATOM 571 C CA . GLY C 3 102 ? 1.922   2.448   36.841  1.00 30.00 ? 151 GLY 3 CA 1 
ATOM 572 C CA . THR C 3 103 ? 4.602   1.841   34.185  1.00 30.00 ? 152 THR 3 CA 1 
ATOM 573 C CA . HIS C 3 104 ? 5.934   5.249   33.172  1.00 30.00 ? 153 HIS 3 CA 1 
ATOM 574 C CA . VAL C 3 105 ? 8.650   7.483   31.746  1.00 30.00 ? 154 VAL 3 CA 1 
ATOM 575 C CA . ILE C 3 106 ? 9.445   11.072  32.733  1.00 30.00 ? 155 ILE 3 CA 1 
ATOM 576 C CA . TRP C 3 107 ? 10.458  12.769  29.484  1.00 30.00 ? 156 TRP 3 CA 1 
ATOM 577 C CA . ASP C 3 108 ? 12.681  15.823  29.696  1.00 30.00 ? 157 ASP 3 CA 1 
ATOM 578 C CA . ILE C 3 109 ? 12.719  18.028  26.594  1.00 30.00 ? 158 ILE 3 CA 1 
ATOM 579 C CA . GLY C 3 110 ? 16.148  18.994  25.220  1.00 30.00 ? 159 GLY 3 CA 1 
ATOM 580 C CA . LEU C 3 111 ? 18.700  18.293  22.403  1.00 30.00 ? 160 LEU 3 CA 1 
ATOM 581 C CA . GLN C 3 112 ? 17.531  14.700  22.052  1.00 30.00 ? 161 GLN 3 CA 1 
ATOM 582 C CA . SER C 3 113 ? 14.284  15.650  20.279  1.00 30.00 ? 162 SER 3 CA 1 
ATOM 583 C CA . SER C 3 114 ? 12.375  12.463  21.023  1.00 30.00 ? 163 SER 3 CA 1 
ATOM 584 C CA . CYS C 3 115 ? 11.574  10.096  23.876  1.00 30.00 ? 164 CYS 3 CA 1 
ATOM 585 C CA . THR C 3 116 ? 10.693  6.391   23.722  1.00 30.00 ? 165 THR 3 CA 1 
ATOM 586 C CA . MET C 3 117 ? 8.410   4.671   26.190  1.00 30.00 ? 166 MET 3 CA 1 
ATOM 587 C CA . VAL C 3 118 ? 8.332   0.891   26.070  1.00 30.00 ? 167 VAL 3 CA 1 
ATOM 588 C CA . VAL C 3 119 ? 5.026   -0.837  26.772  1.00 30.00 ? 168 VAL 3 CA 1 
ATOM 589 C CA . PRO C 3 120 ? 6.047   -4.277  28.113  1.00 30.00 ? 169 PRO 3 CA 1 
ATOM 590 C CA . TRP C 3 121 ? 4.241   -7.512  27.343  1.00 30.00 ? 170 TRP 3 CA 1 
ATOM 591 C CA . ILE C 3 122 ? 1.992   -7.806  30.358  1.00 30.00 ? 171 ILE 3 CA 1 
ATOM 592 C CA . SER C 3 123 ? -0.839  -10.268 29.809  1.00 30.00 ? 172 SER 3 CA 1 
ATOM 593 C CA . ASN C 3 124 ? -2.771  -13.105 31.381  1.00 30.00 ? 173 ASN 3 CA 1 
ATOM 594 C CA . THR C 3 125 ? -3.245  -14.870 28.034  1.00 30.00 ? 174 THR 3 CA 1 
ATOM 595 C CA . THR C 3 126 ? -0.270  -15.971 25.851  1.00 30.00 ? 175 THR 3 CA 1 
ATOM 596 C CA . TYR C 3 127 ? -1.802  -14.095 22.953  1.00 30.00 ? 176 TYR 3 CA 1 
ATOM 597 C CA . ARG C 3 128 ? -4.392  -11.300 22.782  1.00 30.00 ? 177 ARG 3 CA 1 
ATOM 598 C CA . GLN C 3 129 ? -7.204  -10.920 20.224  1.00 30.00 ? 178 GLN 3 CA 1 
ATOM 599 C CA . THR C 3 130 ? -6.943  -8.387  17.390  1.00 30.00 ? 179 THR 3 CA 1 
ATOM 600 C CA . ILE C 3 131 ? -10.440 -7.123  18.240  1.00 30.00 ? 180 ILE 3 CA 1 
ATOM 601 C CA . ASP C 3 132 ? -11.960 -5.290  21.239  1.00 30.00 ? 181 ASP 3 CA 1 
ATOM 602 C CA . ASP C 3 133 ? -12.367 -7.929  23.935  1.00 30.00 ? 182 ASP 3 CA 1 
ATOM 603 C CA . SER C 3 134 ? -12.550 -7.537  27.729  1.00 30.00 ? 183 SER 3 CA 1 
ATOM 604 C CA . PHE C 3 135 ? -10.858 -10.888 28.412  1.00 30.00 ? 184 PHE 3 CA 1 
ATOM 605 C CA . THR C 3 136 ? -7.811  -9.960  26.319  1.00 30.00 ? 185 THR 3 CA 1 
ATOM 606 C CA . GLU C 3 137 ? -7.761  -6.276  27.239  1.00 30.00 ? 186 GLU 3 CA 1 
ATOM 607 C CA . GLY C 3 138 ? -4.372  -4.463  27.210  1.00 30.00 ? 187 GLY 3 CA 1 
ATOM 608 C CA . GLY C 3 139 ? -4.638  -1.394  29.481  1.00 30.00 ? 188 GLY 3 CA 1 
ATOM 609 C CA . TYR C 3 140 ? -4.236  2.339   29.220  1.00 30.00 ? 189 TYR 3 CA 1 
ATOM 610 C CA . ILE C 3 141 ? -1.716  4.691   27.633  1.00 30.00 ? 190 ILE 3 CA 1 
ATOM 611 C CA . SER C 3 142 ? -1.859  8.274   28.900  1.00 30.00 ? 191 SER 3 CA 1 
ATOM 612 C CA . VAL C 3 143 ? 0.259   11.434  28.657  1.00 30.00 ? 192 VAL 3 CA 1 
ATOM 613 C CA . PHE C 3 144 ? 0.735   14.344  31.074  1.00 30.00 ? 193 PHE 3 CA 1 
ATOM 614 C CA . TYR C 3 145 ? 2.476   17.579  32.026  1.00 30.00 ? 194 TYR 3 CA 1 
ATOM 615 C CA . GLN C 3 146 ? 5.133   16.717  34.712  1.00 30.00 ? 195 GLN 3 CA 1 
ATOM 616 C CA . THR C 3 147 ? 5.999   20.384  35.210  1.00 30.00 ? 196 THR 3 CA 1 
ATOM 617 C CA . ARG C 3 148 ? 4.854   22.604  32.281  1.00 30.00 ? 197 ARG 3 CA 1 
ATOM 618 C CA . ILE C 3 149 ? 5.950   23.760  28.823  1.00 30.00 ? 198 ILE 3 CA 1 
ATOM 619 C CA . VAL C 3 150 ? 8.022   26.907  29.325  1.00 30.00 ? 199 VAL 3 CA 1 
ATOM 620 C CA . VAL C 3 151 ? 8.913   29.523  26.739  1.00 30.00 ? 200 VAL 3 CA 1 
ATOM 621 C CA . PRO C 3 152 ? 10.641  32.911  26.826  1.00 30.00 ? 201 PRO 3 CA 1 
ATOM 622 C CA . LEU C 3 153 ? 9.264   35.947  24.989  1.00 30.00 ? 202 LEU 3 CA 1 
ATOM 623 C CA . SER C 3 154 ? 9.113   36.369  21.172  1.00 30.00 ? 203 SER 3 CA 1 
ATOM 624 C CA . THR C 3 155 ? 8.469   32.620  21.082  1.00 30.00 ? 204 THR 3 CA 1 
ATOM 625 C CA . PRO C 3 156 ? 5.373   30.527  20.168  1.00 30.00 ? 205 PRO 3 CA 1 
ATOM 626 C CA . ARG C 3 157 ? 3.305   29.574  23.204  1.00 30.00 ? 206 ARG 3 CA 1 
ATOM 627 C CA . GLU C 3 158 ? 1.901   26.597  21.354  1.00 30.00 ? 207 GLU 3 CA 1 
ATOM 628 C CA . MET C 3 159 ? 3.533   23.695  19.666  1.00 30.00 ? 208 MET 3 CA 1 
ATOM 629 C CA . ASP C 3 160 ? 2.827   20.241  18.352  1.00 30.00 ? 209 ASP 3 CA 1 
ATOM 630 C CA . ILE C 3 161 ? 4.142   16.863  19.369  1.00 30.00 ? 210 ILE 3 CA 1 
ATOM 631 C CA . LEU C 3 162 ? 4.054   13.849  17.089  1.00 30.00 ? 211 LEU 3 CA 1 
ATOM 632 C CA . GLY C 3 163 ? 3.750   10.227  18.182  1.00 30.00 ? 212 GLY 3 CA 1 
ATOM 633 C CA . PHE C 3 164 ? 5.006   6.969   16.722  1.00 30.00 ? 213 PHE 3 CA 1 
ATOM 634 C CA . VAL C 3 165 ? 4.393   3.283   17.394  1.00 30.00 ? 214 VAL 3 CA 1 
ATOM 635 C CA . SER C 3 166 ? 6.377   0.159   16.588  1.00 30.00 ? 215 SER 3 CA 1 
ATOM 636 C CA . ALA C 3 167 ? 6.973   -3.431  17.719  1.00 30.00 ? 216 ALA 3 CA 1 
ATOM 637 C CA . CYS C 3 168 ? 9.751   -4.462  20.155  1.00 30.00 ? 217 CYS 3 CA 1 
ATOM 638 C CA . ASN C 3 169 ? 11.489  -7.657  18.710  1.00 30.00 ? 218 ASN 3 CA 1 
ATOM 639 C CA . ASP C 3 170 ? 9.698   -10.094 21.112  1.00 30.00 ? 219 ASP 3 CA 1 
ATOM 640 C CA . PHE C 3 171 ? 6.567   -9.446  19.088  1.00 30.00 ? 220 PHE 3 CA 1 
ATOM 641 C CA . SER C 3 172 ? 4.611   -11.879 16.969  1.00 30.00 ? 221 SER 3 CA 1 
ATOM 642 C CA . VAL C 3 173 ? 1.279   -12.507 15.331  1.00 30.00 ? 222 VAL 3 CA 1 
ATOM 643 C CA . ARG C 3 174 ? -0.735  -15.572 14.384  1.00 30.00 ? 223 ARG 3 CA 1 
ATOM 644 C CA . LEU C 3 175 ? -3.816  -17.152 12.780  1.00 30.00 ? 224 LEU 3 CA 1 
ATOM 645 C CA . LEU C 3 176 ? -3.972  -15.509 9.365   1.00 30.00 ? 225 LEU 3 CA 1 
ATOM 646 C CA . ARG C 3 177 ? -7.264  -13.847 8.429   1.00 30.00 ? 226 ARG 3 CA 1 
ATOM 647 C CA . ASP C 3 178 ? -9.111  -11.528 6.060   1.00 30.00 ? 227 ASP 3 CA 1 
ATOM 648 C CA . THR C 3 179 ? -9.147  -7.891  7.117   1.00 30.00 ? 228 THR 3 CA 1 
ATOM 649 C CA . THR C 3 180 ? -12.083 -5.519  7.525   1.00 30.00 ? 229 THR 3 CA 1 
ATOM 650 C CA . HIS C 3 181 ? -9.940  -2.526  6.458   1.00 30.00 ? 230 HIS 3 CA 1 
ATOM 651 C CA . ILE C 3 182 ? -10.746 -2.850  2.746   1.00 30.00 ? 231 ILE 3 CA 1 
ATOM 652 C CA . GLY D 4 1   ? -6.542  -53.228 -11.775 1.00 30.00 ? 1   GLY 5 CA 1 
ATOM 653 C CA . LEU D 4 2   ? -5.423  -52.522 -8.185  1.00 30.00 ? 2   LEU 5 CA 1 
ATOM 654 C CA . PRO D 4 3   ? -8.225  -52.887 -5.675  1.00 30.00 ? 3   PRO 5 CA 1 
ATOM 655 C CA . VAL D 4 4   ? -9.330  -49.611 -4.274  1.00 30.00 ? 4   VAL 5 CA 1 
ATOM 656 C CA . MET D 4 5   ? -12.055 -48.222 -2.095  1.00 30.00 ? 5   MET 5 CA 1 
ATOM 657 C CA . ASN D 4 6   ? -13.334 -44.685 -2.106  1.00 30.00 ? 6   ASN 5 CA 1 
ATOM 658 C CA . THR D 4 7   ? -13.548 -42.727 1.137   1.00 30.00 ? 7   THR 5 CA 1 
ATOM 659 C CA . PRO D 4 8   ? -15.507 -39.689 2.269   1.00 30.00 ? 8   PRO 5 CA 1 
ATOM 660 C CA . GLY D 4 9   ? -14.365 -36.389 0.710   1.00 30.00 ? 9   GLY 5 CA 1 
ATOM 661 C CA . SER D 4 10  ? -14.143 -38.173 -2.630  1.00 30.00 ? 10  SER 5 CA 1 
ATOM 662 C CA . ASN D 4 11  ? -14.829 -35.876 -5.585  1.00 30.00 ? 11  ASN 5 CA 1 
ATOM 663 C CA . GLN D 4 12  ? -15.373 -32.878 -3.400  1.00 30.00 ? 12  GLN 5 CA 1 
ATOM 664 C CA . LEU E 5 1   ? -12.644 -27.719 0.824   1.00 30.00 ? 14  LEU 6 CA 1 
ATOM 665 C CA . THR E 5 2   ? -11.169 -24.304 0.027   1.00 30.00 ? 15  THR 6 CA 1 
ATOM 666 C CA . ALA E 5 3   ? -8.389  -24.867 2.536   1.00 30.00 ? 16  ALA 6 CA 1 
ATOM 667 C CA . ASP E 5 4   ? -7.348  -28.219 1.038   1.00 30.00 ? 17  ASP 6 CA 1 
ATOM 668 C CA . ASN E 5 5   ? -3.844  -28.927 -0.218  1.00 30.00 ? 18  ASN 6 CA 1 
ATOM 669 C CA . PHE E 5 6   ? -3.803  -31.439 -3.045  1.00 30.00 ? 19  PHE 6 CA 1 
ATOM 670 C CA . GLN E 5 7   ? -2.045  -31.984 -6.301  1.00 30.00 ? 20  GLN 6 CA 1 
ATOM 671 C CA . SER E 5 8   ? -3.814  -31.164 -9.572  1.00 30.00 ? 21  SER 6 CA 1 
ATOM 672 C CA . PRO E 5 9   ? -2.937  -31.485 -13.324 1.00 30.00 ? 22  PRO 6 CA 1 
ATOM 673 C CA . CYS E 5 10  ? -1.070  -28.605 -14.972 1.00 30.00 ? 23  CYS 6 CA 1 
ATOM 674 C CA . ALA E 5 11  ? -2.887  -26.742 -17.814 1.00 30.00 ? 24  ALA 6 CA 1 
ATOM 675 C CA . LEU E 5 12  ? 0.442   -25.530 -19.270 1.00 30.00 ? 25  LEU 6 CA 1 
ATOM 676 C CA . PRO E 5 13  ? 2.861   -28.517 -19.192 1.00 30.00 ? 26  PRO 6 CA 1 
ATOM 677 C CA . GLU E 5 14  ? 6.547   -27.837 -19.879 1.00 30.00 ? 27  GLU 6 CA 1 
ATOM 678 C CA . PHE E 5 15  ? 5.992   -24.086 -19.701 1.00 30.00 ? 28  PHE 6 CA 1 
ATOM 679 C CA . ASP E 5 16  ? 9.303   -22.220 -19.725 1.00 30.00 ? 29  ASP 6 CA 1 
ATOM 680 C CA . VAL E 5 17  ? 9.045   -20.408 -16.384 1.00 30.00 ? 30  VAL 6 CA 1 
ATOM 681 C CA . THR E 5 18  ? 10.882  -17.125 -15.905 1.00 30.00 ? 31  THR 6 CA 1 
ATOM 682 C CA . PRO E 5 19  ? 13.424  -17.468 -13.049 1.00 30.00 ? 32  PRO 6 CA 1 
ATOM 683 C CA . PRO E 5 20  ? 13.334  -15.209 -9.954  1.00 30.00 ? 33  PRO 6 CA 1 
ATOM 684 C CA . ILE E 5 21  ? 15.739  -12.347 -9.504  1.00 30.00 ? 34  ILE 6 CA 1 
ATOM 685 C CA . ASP E 5 22  ? 16.832  -11.140 -6.071  1.00 30.00 ? 35  ASP 6 CA 1 
ATOM 686 C CA . ILE E 5 23  ? 14.308  -8.369  -5.499  1.00 30.00 ? 36  ILE 6 CA 1 
ATOM 687 C CA . PRO E 5 24  ? 15.027  -6.383  -2.302  1.00 30.00 ? 37  PRO 6 CA 1 
ATOM 688 C CA . GLY E 5 25  ? 12.436  -6.560  0.485   1.00 30.00 ? 38  GLY 6 CA 1 
ATOM 689 C CA . GLU E 5 26  ? 11.304  -10.206 0.527   1.00 30.00 ? 39  GLU 6 CA 1 
ATOM 690 C CA . VAL E 5 27  ? 8.939   -11.089 3.398   1.00 30.00 ? 40  VAL 6 CA 1 
ATOM 691 C CA . LYS E 5 28  ? 8.719   -14.628 4.885   1.00 30.00 ? 41  LYS 6 CA 1 
ATOM 692 C CA . ASN E 5 29  ? 6.087   -14.228 7.642   1.00 30.00 ? 42  ASN 6 CA 1 
ATOM 693 C CA . MET E 5 30  ? 3.264   -11.701 8.275   1.00 30.00 ? 43  MET 6 CA 1 
ATOM 694 C CA . MET E 5 31  ? 4.534   -11.179 11.827  1.00 30.00 ? 44  MET 6 CA 1 
ATOM 695 C CA . GLU E 5 32  ? 7.636   -9.475  10.387  1.00 30.00 ? 45  GLU 6 CA 1 
ATOM 696 C CA . LEU E 5 33  ? 5.280   -6.676  9.285   1.00 30.00 ? 46  LEU 6 CA 1 
ATOM 697 C CA . ALA E 5 34  ? 3.686   -6.625  12.738  1.00 30.00 ? 47  ALA 6 CA 1 
ATOM 698 C CA . GLU E 5 35  ? 7.113   -5.951  14.284  1.00 30.00 ? 48  GLU 6 CA 1 
ATOM 699 C CA . ILE E 5 36  ? 7.442   -2.646  12.360  1.00 30.00 ? 49  ILE 6 CA 1 
ATOM 700 C CA . VAL F 6 1   ? 22.137  13.727  30.561  1.00 30.00 ? 13  VAL 7 CA 1 
ATOM 701 C CA . LEU F 6 2   ? 20.923  10.924  32.805  1.00 30.00 ? 14  LEU 7 CA 1 
ATOM 702 C CA . GLN F 6 3   ? 18.428  8.116   32.917  1.00 30.00 ? 15  GLN 7 CA 1 
ATOM 703 C CA . LEU F 6 4   ? 17.183  6.616   36.225  1.00 30.00 ? 16  LEU 7 CA 1 
ATOM 704 C CA . THR F 6 5   ? 15.135  3.419   36.229  1.00 30.00 ? 17  THR 7 CA 1 
ATOM 705 C CA . LEU F 6 6   ? 13.515  1.872   39.341  1.00 30.00 ? 18  LEU 7 CA 1 
ATOM 706 C CA . GLY F 6 7   ? 10.768  -0.758  39.209  1.00 30.00 ? 19  GLY 7 CA 1 
ATOM 707 C CA . ASN F 6 8   ? 8.406   0.082   36.373  1.00 30.00 ? 20  ASN 7 CA 1 
ATOM 708 C CA . SER F 6 9   ? 9.521   3.721   36.281  1.00 30.00 ? 21  SER 7 CA 1 
ATOM 709 C CA . THR F 6 10  ? 12.105  5.739   34.418  1.00 30.00 ? 22  THR 7 CA 1 
ATOM 710 C CA . ILE F 6 11  ? 13.262  9.339   34.693  1.00 30.00 ? 23  ILE 7 CA 1 
ATOM 711 C CA . THR F 6 12  ? 15.240  11.119  32.017  1.00 30.00 ? 24  THR 7 CA 1 
ATOM 712 C CA . THR F 6 13  ? 16.988  14.454  32.221  1.00 30.00 ? 25  THR 7 CA 1 
ATOM 713 C CA . GLN F 6 14  ? 19.011  16.432  29.727  1.00 30.00 ? 26  GLN 7 CA 1 
ATOM 714 C CA . PRO G 7 1   ? -20.288 5.170   -2.070  1.00 30.00 ? 42  PRO 8 CA 1 
ATOM 715 C CA . ALA G 7 2   ? -18.335 1.927   -1.667  1.00 30.00 ? 43  ALA 8 CA 1 
ATOM 716 C CA . LEU G 7 3   ? -19.516 1.662   1.941   1.00 30.00 ? 44  LEU 8 CA 1 
ATOM 717 C CA . THR G 7 4   ? -23.069 1.914   0.597   1.00 30.00 ? 45  THR 8 CA 1 
ATOM 718 C CA . ALA G 7 5   ? -22.467 -0.752  -2.062  1.00 30.00 ? 46  ALA 8 CA 1 
ATOM 719 C CA . VAL G 7 6   ? -20.866 -2.961  0.593   1.00 30.00 ? 47  VAL 8 CA 1 
ATOM 720 C CA . GLU G 7 7   ? -23.991 -2.665  2.799   1.00 30.00 ? 48  GLU 8 CA 1 
ATOM 721 C CA . THR G 7 8   ? -26.148 -3.680  -0.151  1.00 30.00 ? 49  THR 8 CA 1 
ATOM 722 C CA . GLY G 7 9   ? -23.871 -6.585  -0.895  1.00 30.00 ? 50  GLY 8 CA 1 
ATOM 723 C CA . ALA G 7 10  ? -23.509 -7.843  2.674   1.00 30.00 ? 51  ALA 8 CA 1 
ATOM 724 C CA . THR G 7 11  ? -27.233 -7.417  3.350   1.00 30.00 ? 52  THR 8 CA 1 
# 
